data_3LC1
#
_entry.id   3LC1
#
_cell.length_a   68.849
_cell.length_b   105.945
_cell.length_c   91.473
_cell.angle_alpha   90.000
_cell.angle_beta   108.343
_cell.angle_gamma   90.000
#
_symmetry.space_group_name_H-M   'P 1 21 1'
#
loop_
_entity.id
_entity.type
_entity.pdbx_description
1 polymer 'Glyceraldehyde-3-phosphate dehydrogenase 1'
2 non-polymer NICOTINAMIDE-ADENINE-DINUCLEOTIDE
3 non-polymer GLYCEROL
4 water water
#
_entity_poly.entity_id   1
_entity_poly.type   'polypeptide(L)'
_entity_poly.pdbx_seq_one_letter_code
;MAVKVAINGFGRIGRLAFRRIQEVEGLEVVAVNDLTDDDMLAHLLKYDTMQGRFTGEVEVVDGGFRVNGKEVKSFSEPDA
SKLPWKDLNIDVVLECTGFYTDKDKAQAHIEAGAKKVLISAPATGDLKTIVFNTNHQELDGSETVVSGASCTTNSLAPVA
KVLNDDFGLVEGLMTTINAYTGDQNTQDAPHRKGDKRRARAAAENIIPNSTGAAKAIGKVIPEIDGKLDGGAQRVPVATG
SLTELTVVLEKQDVTVEQVNEAMKNASNESFGYTEDEIVSSDVVGMTYGSLFDATQTRVMSVGDRQLVKVAAWYDNEMSY
TAQLVRTLAYLAELSK
;
_entity_poly.pdbx_strand_id   P,R,O,Q
#
loop_
_chem_comp.id
_chem_comp.type
_chem_comp.name
_chem_comp.formula
GOL non-polymer GLYCEROL 'C3 H8 O3'
NAD non-polymer NICOTINAMIDE-ADENINE-DINUCLEOTIDE 'C21 H27 N7 O14 P2'
#
# COMPACT_ATOMS: atom_id res chain seq x y z
N MET A 1 32.00 -8.26 33.90
CA MET A 1 31.54 -8.93 32.65
C MET A 1 30.33 -8.21 32.02
N ALA A 2 29.96 -8.63 30.81
CA ALA A 2 28.81 -8.05 30.12
C ALA A 2 27.49 -8.22 30.89
N VAL A 3 26.63 -7.21 30.80
CA VAL A 3 25.30 -7.25 31.38
C VAL A 3 24.47 -8.30 30.66
N LYS A 4 23.92 -9.24 31.42
CA LYS A 4 23.16 -10.34 30.84
C LYS A 4 21.70 -9.93 30.71
N VAL A 5 21.24 -9.92 29.45
CA VAL A 5 19.90 -9.46 29.07
C VAL A 5 19.06 -10.64 28.58
N ALA A 6 17.79 -10.64 28.98
CA ALA A 6 16.79 -11.55 28.44
C ALA A 6 15.74 -10.71 27.76
N ILE A 7 15.33 -11.09 26.57
CA ILE A 7 14.23 -10.39 25.89
C ILE A 7 12.95 -11.20 26.00
N ASN A 8 11.93 -10.64 26.65
CA ASN A 8 10.60 -11.25 26.71
C ASN A 8 9.69 -10.66 25.66
N GLY A 9 9.38 -11.46 24.64
CA GLY A 9 8.67 -10.98 23.46
C GLY A 9 9.63 -10.66 22.34
N PHE A 10 9.85 -11.64 21.46
CA PHE A 10 10.77 -11.48 20.34
C PHE A 10 9.98 -10.99 19.13
N GLY A 11 9.22 -9.91 19.34
CA GLY A 11 8.47 -9.26 18.27
C GLY A 11 9.24 -8.12 17.64
N ARG A 12 8.54 -7.10 17.16
CA ARG A 12 9.19 -6.00 16.44
C ARG A 12 10.23 -5.31 17.32
N ILE A 13 9.79 -4.87 18.49
CA ILE A 13 10.67 -4.16 19.39
C ILE A 13 11.76 -5.08 19.94
N GLY A 14 11.36 -6.26 20.43
CA GLY A 14 12.34 -7.26 20.92
C GLY A 14 13.42 -7.70 19.93
N ARG A 15 13.03 -7.95 18.69
CA ARG A 15 14.00 -8.35 17.65
C ARG A 15 14.92 -7.20 17.26
N LEU A 16 14.37 -6.01 17.13
CA LEU A 16 15.18 -4.85 16.85
C LEU A 16 16.10 -4.53 18.02
N ALA A 17 15.62 -4.77 19.24
CA ALA A 17 16.45 -4.55 20.42
C ALA A 17 17.62 -5.50 20.39
N PHE A 18 17.32 -6.77 20.06
CA PHE A 18 18.37 -7.78 19.85
C PHE A 18 19.41 -7.34 18.83
N ARG A 19 18.96 -6.90 17.65
CA ARG A 19 19.89 -6.40 16.62
C ARG A 19 20.73 -5.25 17.14
N ARG A 20 20.07 -4.27 17.77
CA ARG A 20 20.74 -3.10 18.31
C ARG A 20 21.78 -3.46 19.39
N ILE A 21 21.45 -4.44 20.24
CA ILE A 21 22.35 -4.92 21.29
C ILE A 21 23.66 -5.55 20.73
N GLN A 22 23.58 -6.17 19.55
CA GLN A 22 24.78 -6.68 18.89
C GLN A 22 25.74 -5.53 18.55
N GLU A 23 25.21 -4.32 18.37
CA GLU A 23 26.02 -3.14 18.03
C GLU A 23 26.61 -2.45 19.27
N VAL A 24 26.22 -2.92 20.47
CA VAL A 24 26.61 -2.26 21.72
C VAL A 24 27.41 -3.20 22.64
N GLU A 25 28.68 -2.86 22.88
CA GLU A 25 29.54 -3.68 23.74
C GLU A 25 29.12 -3.51 25.20
N GLY A 26 29.31 -4.56 26.00
CA GLY A 26 28.93 -4.48 27.42
C GLY A 26 27.55 -5.05 27.72
N LEU A 27 26.75 -5.21 26.67
CA LEU A 27 25.44 -5.85 26.79
C LEU A 27 25.43 -7.14 25.98
N GLU A 28 24.79 -8.16 26.52
CA GLU A 28 24.72 -9.44 25.86
C GLU A 28 23.33 -10.06 26.08
N VAL A 29 22.62 -10.37 24.99
CA VAL A 29 21.35 -11.09 25.09
C VAL A 29 21.65 -12.58 25.23
N VAL A 30 21.33 -13.14 26.39
CA VAL A 30 21.65 -14.54 26.68
C VAL A 30 20.43 -15.45 26.46
N ALA A 31 19.23 -14.85 26.44
CA ALA A 31 18.00 -15.62 26.39
C ALA A 31 16.88 -14.85 25.74
N VAL A 32 16.00 -15.58 25.07
CA VAL A 32 14.86 -15.03 24.40
C VAL A 32 13.62 -15.89 24.71
N ASN A 33 12.47 -15.25 24.95
CA ASN A 33 11.20 -15.96 25.20
C ASN A 33 10.09 -15.42 24.32
N ASP A 34 9.26 -16.32 23.80
CA ASP A 34 8.12 -15.94 22.96
C ASP A 34 7.10 -17.06 22.99
N LEU A 35 6.22 -17.12 22.00
CA LEU A 35 5.13 -18.10 21.99
C LEU A 35 5.26 -19.05 20.81
N THR A 36 6.45 -19.12 20.25
CA THR A 36 6.65 -19.82 18.99
C THR A 36 7.83 -20.77 19.13
N ASP A 37 8.35 -21.24 18.00
CA ASP A 37 9.50 -22.13 18.04
C ASP A 37 10.76 -21.51 17.42
N ASP A 38 11.86 -22.26 17.43
CA ASP A 38 13.16 -21.71 17.07
C ASP A 38 13.31 -21.39 15.58
N ASP A 39 12.72 -22.25 14.76
CA ASP A 39 12.67 -22.07 13.31
C ASP A 39 12.08 -20.69 12.96
N MET A 40 10.93 -20.37 13.56
CA MET A 40 10.27 -19.09 13.40
C MET A 40 11.09 -17.92 14.03
N LEU A 41 11.53 -18.06 15.28
CA LEU A 41 12.36 -17.02 15.92
C LEU A 41 13.60 -16.64 15.09
N ALA A 42 14.36 -17.66 14.65
CA ALA A 42 15.53 -17.43 13.80
C ALA A 42 15.19 -16.71 12.48
N HIS A 43 14.14 -17.18 11.80
CA HIS A 43 13.75 -16.66 10.50
C HIS A 43 13.40 -15.16 10.60
N LEU A 44 12.66 -14.80 11.65
CA LEU A 44 12.16 -13.44 11.81
C LEU A 44 13.27 -12.47 12.19
N LEU A 45 14.36 -13.03 12.71
CA LEU A 45 15.52 -12.24 13.03
C LEU A 45 16.36 -12.04 11.76
N LYS A 46 16.50 -13.11 10.97
CA LYS A 46 17.23 -13.08 9.69
C LYS A 46 16.63 -12.10 8.67
N TYR A 47 15.30 -12.09 8.58
CA TYR A 47 14.60 -11.31 7.57
C TYR A 47 13.66 -10.32 8.21
N ASP A 48 13.67 -9.10 7.70
CA ASP A 48 12.84 -8.02 8.26
C ASP A 48 12.34 -7.13 7.13
N THR A 49 11.03 -7.10 6.97
CA THR A 49 10.42 -6.37 5.87
C THR A 49 10.92 -4.92 5.75
N MET A 50 10.83 -4.15 6.84
CA MET A 50 11.17 -2.71 6.79
C MET A 50 12.61 -2.40 7.17
N GLN A 51 13.20 -3.26 8.01
CA GLN A 51 14.49 -2.95 8.63
C GLN A 51 15.67 -3.66 7.99
N GLY A 52 15.39 -4.52 6.99
CA GLY A 52 16.41 -5.16 6.17
C GLY A 52 16.96 -6.43 6.78
N ARG A 53 17.69 -7.17 5.96
CA ARG A 53 18.34 -8.41 6.39
C ARG A 53 19.31 -8.16 7.53
N PHE A 54 19.31 -9.09 8.48
CA PHE A 54 20.23 -9.07 9.62
C PHE A 54 21.65 -9.31 9.12
N THR A 55 22.58 -8.53 9.66
CA THR A 55 24.00 -8.55 9.29
C THR A 55 24.70 -9.88 9.60
N GLY A 56 24.34 -10.51 10.71
CA GLY A 56 25.06 -11.72 11.18
C GLY A 56 24.61 -13.08 10.64
N GLU A 57 25.22 -14.13 11.20
CA GLU A 57 24.87 -15.51 10.88
C GLU A 57 23.93 -16.05 11.95
N VAL A 58 22.81 -16.63 11.53
CA VAL A 58 21.86 -17.23 12.47
C VAL A 58 21.66 -18.73 12.17
N GLU A 59 21.84 -19.55 13.20
CA GLU A 59 21.77 -21.00 13.09
C GLU A 59 20.97 -21.58 14.26
N VAL A 60 19.92 -22.34 13.95
CA VAL A 60 19.12 -23.03 14.97
C VAL A 60 19.90 -24.20 15.59
N VAL A 61 19.98 -24.21 16.91
CA VAL A 61 20.60 -25.30 17.66
C VAL A 61 19.60 -25.84 18.70
N ASP A 62 19.95 -26.93 19.37
CA ASP A 62 19.14 -27.41 20.50
C ASP A 62 19.16 -26.36 21.61
N GLY A 63 17.99 -26.04 22.15
CA GLY A 63 17.87 -25.04 23.21
C GLY A 63 17.74 -23.59 22.73
N GLY A 64 17.97 -23.34 21.44
CA GLY A 64 17.79 -21.99 20.89
C GLY A 64 18.36 -21.73 19.51
N PHE A 65 19.21 -20.71 19.40
CA PHE A 65 19.86 -20.39 18.13
C PHE A 65 21.23 -19.73 18.35
N ARG A 66 22.15 -20.00 17.42
CA ARG A 66 23.52 -19.43 17.40
C ARG A 66 23.52 -18.17 16.54
N VAL A 67 24.02 -17.07 17.10
CA VAL A 67 24.16 -15.81 16.36
C VAL A 67 25.64 -15.39 16.34
N ASN A 68 26.26 -15.49 15.17
CA ASN A 68 27.71 -15.28 15.03
C ASN A 68 28.52 -16.14 16.00
N GLY A 69 28.11 -17.40 16.12
CA GLY A 69 28.73 -18.33 17.06
C GLY A 69 28.17 -18.28 18.47
N LYS A 70 27.66 -17.12 18.90
CA LYS A 70 27.14 -16.92 20.27
C LYS A 70 25.78 -17.60 20.45
N GLU A 71 25.69 -18.48 21.46
CA GLU A 71 24.45 -19.20 21.74
C GLU A 71 23.43 -18.30 22.42
N VAL A 72 22.19 -18.38 21.94
CA VAL A 72 21.06 -17.73 22.60
C VAL A 72 20.08 -18.83 22.98
N LYS A 73 19.75 -18.89 24.27
CA LYS A 73 18.76 -19.82 24.78
C LYS A 73 17.37 -19.27 24.49
N SER A 74 16.47 -20.11 23.99
CA SER A 74 15.09 -19.69 23.76
C SER A 74 14.08 -20.51 24.55
N PHE A 75 12.97 -19.89 24.91
CA PHE A 75 11.91 -20.56 25.67
C PHE A 75 10.57 -20.14 25.08
N SER A 76 9.57 -20.99 25.25
CA SER A 76 8.23 -20.71 24.76
CA SER A 76 8.23 -20.71 24.76
C SER A 76 7.22 -20.79 25.91
N GLU A 77 7.31 -19.82 26.84
CA GLU A 77 6.53 -19.83 28.07
C GLU A 77 5.74 -18.54 28.28
N PRO A 78 4.40 -18.61 28.22
CA PRO A 78 3.60 -17.39 28.40
C PRO A 78 3.56 -16.87 29.84
N ASP A 79 3.78 -17.73 30.82
CA ASP A 79 3.81 -17.29 32.23
C ASP A 79 5.23 -16.93 32.65
N ALA A 80 5.50 -15.63 32.69
CA ALA A 80 6.85 -15.12 32.96
C ALA A 80 7.53 -15.69 34.23
N SER A 81 6.75 -15.94 35.28
CA SER A 81 7.32 -16.42 36.55
C SER A 81 7.87 -17.85 36.47
N LYS A 82 7.60 -18.54 35.37
CA LYS A 82 8.15 -19.89 35.14
C LYS A 82 9.54 -19.88 34.48
N LEU A 83 10.02 -18.71 34.04
CA LEU A 83 11.27 -18.63 33.28
C LEU A 83 12.53 -18.78 34.15
N PRO A 84 13.59 -19.41 33.59
CA PRO A 84 14.80 -19.78 34.33
C PRO A 84 15.81 -18.63 34.49
N TRP A 85 15.34 -17.48 34.95
CA TRP A 85 16.17 -16.28 35.05
C TRP A 85 17.27 -16.36 36.12
N LYS A 86 17.02 -17.09 37.21
CA LYS A 86 18.03 -17.30 38.25
C LYS A 86 19.23 -18.03 37.67
N ASP A 87 18.95 -19.17 37.02
CA ASP A 87 20.00 -20.04 36.46
C ASP A 87 20.83 -19.37 35.38
N LEU A 88 20.23 -18.40 34.70
CA LEU A 88 20.90 -17.69 33.61
C LEU A 88 21.51 -16.37 34.11
N ASN A 89 21.36 -16.11 35.41
CA ASN A 89 21.88 -14.90 36.06
C ASN A 89 21.51 -13.59 35.35
N ILE A 90 20.24 -13.46 35.00
CA ILE A 90 19.76 -12.30 34.25
C ILE A 90 19.88 -11.02 35.07
N ASP A 91 20.38 -9.96 34.45
CA ASP A 91 20.53 -8.66 35.09
C ASP A 91 19.33 -7.77 34.78
N VAL A 92 18.95 -7.72 33.50
CA VAL A 92 17.78 -6.95 33.07
C VAL A 92 16.93 -7.74 32.07
N VAL A 93 15.62 -7.72 32.27
CA VAL A 93 14.68 -8.26 31.29
C VAL A 93 14.09 -7.10 30.50
N LEU A 94 14.29 -7.13 29.18
CA LEU A 94 13.58 -6.26 28.26
C LEU A 94 12.23 -6.87 28.00
N GLU A 95 11.20 -6.22 28.51
CA GLU A 95 9.84 -6.75 28.48
C GLU A 95 9.06 -6.11 27.32
N CYS A 96 8.93 -6.88 26.23
CA CYS A 96 8.40 -6.39 24.94
C CYS A 96 7.20 -7.21 24.43
N THR A 97 6.45 -7.82 25.34
CA THR A 97 5.33 -8.68 24.93
C THR A 97 4.08 -7.86 24.72
N GLY A 98 3.97 -6.73 25.43
CA GLY A 98 2.76 -5.93 25.49
C GLY A 98 1.79 -6.45 26.54
N PHE A 99 2.17 -7.50 27.25
CA PHE A 99 1.26 -8.19 28.17
C PHE A 99 1.66 -8.02 29.64
N TYR A 100 2.76 -7.32 29.89
CA TYR A 100 3.22 -7.06 31.25
C TYR A 100 3.48 -5.57 31.51
N THR A 101 2.61 -4.71 30.97
CA THR A 101 2.82 -3.26 31.02
C THR A 101 2.30 -2.69 32.34
N ASP A 102 2.86 -3.19 33.44
CA ASP A 102 2.38 -2.86 34.78
C ASP A 102 3.43 -3.24 35.80
N LYS A 103 3.59 -2.45 36.85
CA LYS A 103 4.61 -2.77 37.85
C LYS A 103 4.42 -4.16 38.49
N ASP A 104 3.23 -4.43 39.03
CA ASP A 104 2.99 -5.69 39.73
C ASP A 104 3.12 -6.92 38.81
N LYS A 105 2.57 -6.83 37.60
CA LYS A 105 2.67 -7.92 36.64
C LYS A 105 4.13 -8.20 36.24
N ALA A 106 4.86 -7.15 35.90
CA ALA A 106 6.27 -7.27 35.50
C ALA A 106 7.12 -7.85 36.60
N GLN A 107 6.67 -7.70 37.86
CA GLN A 107 7.36 -8.31 39.01
C GLN A 107 7.55 -9.83 38.86
N ALA A 108 6.73 -10.48 38.05
CA ALA A 108 6.93 -11.90 37.73
C ALA A 108 8.37 -12.25 37.31
N HIS A 109 9.01 -11.37 36.53
CA HIS A 109 10.40 -11.57 36.08
C HIS A 109 11.41 -11.57 37.24
N ILE A 110 11.24 -10.63 38.17
CA ILE A 110 12.04 -10.55 39.40
C ILE A 110 11.89 -11.82 40.27
N GLU A 111 10.64 -12.28 40.44
CA GLU A 111 10.38 -13.57 41.13
C GLU A 111 11.13 -14.75 40.50
N ALA A 112 11.23 -14.73 39.16
CA ALA A 112 11.87 -15.81 38.40
C ALA A 112 13.37 -15.72 38.42
N GLY A 113 13.93 -14.63 38.95
CA GLY A 113 15.36 -14.51 39.13
C GLY A 113 16.07 -13.31 38.51
N ALA A 114 15.39 -12.57 37.64
CA ALA A 114 16.00 -11.38 37.06
C ALA A 114 16.20 -10.27 38.13
N LYS A 115 17.21 -9.42 37.94
CA LYS A 115 17.47 -8.31 38.86
C LYS A 115 16.57 -7.11 38.59
N LYS A 116 16.41 -6.77 37.31
CA LYS A 116 15.66 -5.59 36.90
C LYS A 116 14.80 -5.91 35.69
N VAL A 117 13.76 -5.10 35.48
CA VAL A 117 12.93 -5.21 34.29
C VAL A 117 12.79 -3.84 33.61
N LEU A 118 13.03 -3.78 32.31
CA LEU A 118 12.72 -2.59 31.52
C LEU A 118 11.60 -2.87 30.54
N ILE A 119 10.48 -2.16 30.72
CA ILE A 119 9.26 -2.41 29.95
C ILE A 119 9.25 -1.53 28.70
N SER A 120 9.00 -2.15 27.54
CA SER A 120 9.09 -1.46 26.23
C SER A 120 7.82 -0.68 25.86
N ALA A 121 7.22 0.02 26.83
CA ALA A 121 5.94 0.68 26.62
C ALA A 121 5.61 1.54 27.83
N PRO A 122 4.61 2.43 27.73
CA PRO A 122 4.16 3.02 29.00
C PRO A 122 3.62 1.92 29.92
N ALA A 123 3.63 2.15 31.23
CA ALA A 123 3.25 1.11 32.17
C ALA A 123 2.61 1.68 33.44
N THR A 124 1.66 0.93 33.99
CA THR A 124 0.91 1.35 35.16
C THR A 124 1.65 0.95 36.41
N GLY A 125 1.28 1.56 37.54
CA GLY A 125 1.88 1.23 38.84
C GLY A 125 2.91 2.25 39.30
N ASP A 126 3.63 1.89 40.36
CA ASP A 126 4.58 2.80 41.01
C ASP A 126 5.98 2.64 40.45
N LEU A 127 6.20 3.22 39.27
CA LEU A 127 7.49 3.10 38.60
C LEU A 127 7.79 4.39 37.83
N LYS A 128 9.05 4.55 37.43
CA LYS A 128 9.48 5.71 36.64
C LYS A 128 9.34 5.46 35.13
N THR A 129 8.98 6.52 34.41
CA THR A 129 8.84 6.49 32.96
C THR A 129 9.96 7.34 32.36
N ILE A 130 10.83 6.68 31.59
CA ILE A 130 12.12 7.26 31.16
C ILE A 130 12.25 7.43 29.63
N VAL A 131 12.61 8.64 29.22
CA VAL A 131 13.03 8.94 27.85
C VAL A 131 14.52 9.29 27.92
N PHE A 132 15.34 8.47 27.27
CA PHE A 132 16.77 8.73 27.34
C PHE A 132 17.17 10.13 26.85
N ASN A 133 18.02 10.79 27.63
CA ASN A 133 18.47 12.18 27.37
C ASN A 133 17.41 13.26 27.58
N THR A 134 16.29 12.91 28.20
CA THR A 134 15.36 13.92 28.70
C THR A 134 15.25 13.83 30.23
N ASN A 135 15.07 12.62 30.75
CA ASN A 135 14.96 12.41 32.20
C ASN A 135 15.58 11.10 32.74
N HIS A 136 16.51 10.52 31.99
CA HIS A 136 17.16 9.27 32.43
C HIS A 136 18.00 9.45 33.69
N GLN A 137 18.47 10.68 33.94
CA GLN A 137 19.17 11.01 35.18
C GLN A 137 18.29 11.00 36.45
N GLU A 138 16.96 10.87 36.30
CA GLU A 138 16.07 10.63 37.42
C GLU A 138 16.20 9.19 37.97
N LEU A 139 16.91 8.32 37.24
CA LEU A 139 17.21 6.96 37.71
C LEU A 139 18.39 6.99 38.68
N ASP A 140 18.24 6.32 39.81
CA ASP A 140 19.25 6.37 40.87
C ASP A 140 19.75 4.99 41.36
N GLY A 141 19.52 3.95 40.57
CA GLY A 141 20.00 2.59 40.90
C GLY A 141 19.08 1.71 41.73
N SER A 142 18.18 2.34 42.51
CA SER A 142 17.25 1.65 43.39
C SER A 142 16.11 0.95 42.63
N GLU A 143 15.91 1.31 41.38
CA GLU A 143 14.77 0.82 40.60
C GLU A 143 14.93 -0.64 40.19
N THR A 144 13.83 -1.38 40.25
CA THR A 144 13.80 -2.78 39.77
C THR A 144 12.85 -2.94 38.56
N VAL A 145 11.88 -2.05 38.45
CA VAL A 145 10.93 -2.04 37.33
C VAL A 145 10.83 -0.62 36.78
N VAL A 146 11.14 -0.47 35.50
CA VAL A 146 11.15 0.83 34.81
C VAL A 146 10.38 0.76 33.48
N SER A 147 9.73 1.87 33.11
CA SER A 147 9.10 1.99 31.80
C SER A 147 9.97 2.81 30.85
N GLY A 148 10.09 2.37 29.61
CA GLY A 148 10.87 3.09 28.60
C GLY A 148 10.03 4.11 27.85
N ALA A 149 8.84 4.40 28.38
CA ALA A 149 7.82 5.26 27.75
C ALA A 149 7.38 4.70 26.39
N SER A 150 6.62 5.48 25.62
CA SER A 150 6.19 5.09 24.26
C SER A 150 7.08 5.66 23.15
N CYS A 151 6.89 5.14 21.94
CA CYS A 151 7.52 5.70 20.75
C CYS A 151 7.18 7.20 20.60
N THR A 152 5.91 7.53 20.71
CA THR A 152 5.44 8.92 20.60
C THR A 152 6.02 9.80 21.72
N THR A 153 6.13 9.26 22.93
CA THR A 153 6.66 10.05 24.05
C THR A 153 8.12 10.43 23.80
N ASN A 154 8.92 9.47 23.36
CA ASN A 154 10.33 9.70 23.04
C ASN A 154 10.52 10.72 21.91
N SER A 155 9.57 10.80 20.98
CA SER A 155 9.64 11.82 19.92
C SER A 155 9.25 13.22 20.40
N LEU A 156 8.30 13.27 21.34
CA LEU A 156 7.70 14.50 21.86
C LEU A 156 8.54 15.19 22.92
N ALA A 157 9.08 14.41 23.86
CA ALA A 157 9.73 14.95 25.06
C ALA A 157 10.82 16.03 24.82
N PRO A 158 11.84 15.74 23.99
CA PRO A 158 12.86 16.76 23.77
C PRO A 158 12.33 18.02 23.09
N VAL A 159 11.28 17.88 22.28
CA VAL A 159 10.65 19.03 21.59
C VAL A 159 9.93 19.90 22.63
N ALA A 160 9.03 19.28 23.39
CA ALA A 160 8.34 19.91 24.50
C ALA A 160 9.25 20.56 25.55
N LYS A 161 10.36 19.89 25.89
CA LYS A 161 11.32 20.46 26.83
C LYS A 161 11.92 21.80 26.35
N VAL A 162 12.26 21.91 25.07
CA VAL A 162 12.82 23.15 24.51
C VAL A 162 11.76 24.27 24.47
N LEU A 163 10.59 23.94 23.94
CA LEU A 163 9.45 24.86 23.89
C LEU A 163 9.18 25.46 25.27
N ASN A 164 9.01 24.61 26.28
CA ASN A 164 8.85 25.11 27.64
C ASN A 164 10.03 25.93 28.18
N ASP A 165 11.24 25.36 28.16
CA ASP A 165 12.43 26.02 28.74
C ASP A 165 12.70 27.39 28.14
N ASP A 166 12.63 27.47 26.81
CA ASP A 166 12.95 28.69 26.09
C ASP A 166 11.82 29.71 25.96
N PHE A 167 10.58 29.22 25.85
CA PHE A 167 9.44 30.09 25.54
C PHE A 167 8.31 30.10 26.57
N GLY A 168 8.31 29.11 27.48
CA GLY A 168 7.25 28.95 28.47
C GLY A 168 6.05 28.32 27.80
N LEU A 169 5.75 27.06 28.13
CA LEU A 169 4.57 26.39 27.55
C LEU A 169 3.29 26.77 28.32
N VAL A 170 2.34 27.38 27.63
CA VAL A 170 1.02 27.63 28.24
C VAL A 170 0.14 26.38 28.06
N GLU A 171 -0.08 25.98 26.82
CA GLU A 171 -0.85 24.79 26.48
C GLU A 171 -0.51 24.34 25.06
N GLY A 172 -0.89 23.12 24.71
CA GLY A 172 -0.73 22.67 23.34
C GLY A 172 -1.48 21.40 22.99
N LEU A 173 -1.71 21.20 21.70
CA LEU A 173 -2.36 20.01 21.20
C LEU A 173 -1.46 19.32 20.16
N MET A 174 -1.41 17.99 20.24
CA MET A 174 -0.56 17.15 19.40
C MET A 174 -1.42 16.28 18.48
N THR A 175 -0.96 16.13 17.22
CA THR A 175 -1.41 15.04 16.37
C THR A 175 -0.18 14.24 15.90
N THR A 176 -0.20 12.94 16.10
CA THR A 176 0.89 12.11 15.61
C THR A 176 0.40 11.33 14.37
N ILE A 177 1.15 11.41 13.27
CA ILE A 177 0.81 10.65 12.05
C ILE A 177 1.72 9.42 12.07
N ASN A 178 1.11 8.27 12.31
CA ASN A 178 1.80 7.03 12.70
C ASN A 178 1.77 5.92 11.67
N ALA A 179 2.88 5.20 11.52
CA ALA A 179 2.87 3.91 10.83
C ALA A 179 1.90 2.97 11.57
N TYR A 180 1.24 2.08 10.83
CA TYR A 180 0.40 1.08 11.45
C TYR A 180 1.24 0.03 12.17
N THR A 181 0.66 -0.59 13.20
CA THR A 181 1.38 -1.52 14.07
C THR A 181 0.59 -2.85 14.24
N GLY A 182 1.21 -3.81 14.92
CA GLY A 182 0.69 -5.17 15.01
C GLY A 182 -0.58 -5.35 15.82
N ASP A 183 -1.06 -4.29 16.47
CA ASP A 183 -2.27 -4.33 17.28
C ASP A 183 -3.48 -3.92 16.43
N GLN A 184 -3.25 -3.76 15.13
CA GLN A 184 -4.29 -3.46 14.17
C GLN A 184 -4.57 -4.70 13.35
N ASN A 185 -5.77 -4.80 12.76
CA ASN A 185 -6.16 -5.93 11.90
C ASN A 185 -5.70 -5.76 10.43
N THR A 186 -5.35 -6.84 9.74
CA THR A 186 -5.08 -6.79 8.29
C THR A 186 -6.32 -6.48 7.48
N GLN A 187 -7.45 -7.06 7.90
CA GLN A 187 -8.73 -6.86 7.26
C GLN A 187 -9.76 -6.43 8.31
N ASP A 188 -10.74 -5.65 7.90
CA ASP A 188 -11.86 -5.33 8.79
C ASP A 188 -12.29 -6.61 9.53
N ALA A 189 -12.16 -6.62 10.87
CA ALA A 189 -12.50 -7.79 11.71
C ALA A 189 -12.70 -7.39 13.16
N PRO A 190 -13.40 -8.21 13.97
CA PRO A 190 -13.52 -7.82 15.39
C PRO A 190 -12.13 -7.55 16.01
N HIS A 191 -12.04 -6.55 16.85
CA HIS A 191 -10.77 -6.22 17.49
C HIS A 191 -10.80 -6.63 18.96
N ARG A 192 -9.74 -7.30 19.41
CA ARG A 192 -9.56 -7.83 20.78
C ARG A 192 -9.95 -6.83 21.88
N LYS A 193 -9.60 -5.56 21.69
CA LYS A 193 -9.88 -4.53 22.69
C LYS A 193 -11.19 -3.76 22.45
N GLY A 194 -11.98 -4.22 21.49
CA GLY A 194 -13.25 -3.55 21.17
C GLY A 194 -13.08 -2.18 20.53
N ASP A 195 -11.90 -1.92 19.94
CA ASP A 195 -11.62 -0.63 19.28
C ASP A 195 -12.11 -0.69 17.83
N LYS A 196 -13.18 0.07 17.55
CA LYS A 196 -13.88 0.04 16.26
C LYS A 196 -13.06 0.64 15.12
N ARG A 197 -11.96 1.29 15.48
CA ARG A 197 -11.08 1.87 14.49
C ARG A 197 -9.85 0.98 14.22
N ARG A 198 -9.25 0.46 15.28
CA ARG A 198 -8.13 -0.49 15.13
C ARG A 198 -8.62 -1.82 14.57
N ALA A 199 -9.93 -2.00 14.54
CA ALA A 199 -10.57 -3.13 13.88
C ALA A 199 -10.42 -3.14 12.35
N ARG A 200 -10.14 -1.99 11.74
CA ARG A 200 -10.25 -1.83 10.28
C ARG A 200 -8.95 -2.16 9.56
N ALA A 201 -9.01 -2.55 8.28
CA ALA A 201 -7.81 -2.89 7.48
C ALA A 201 -6.70 -1.86 7.64
N ALA A 202 -5.59 -2.24 8.26
CA ALA A 202 -4.57 -1.27 8.69
C ALA A 202 -3.92 -0.47 7.54
N ALA A 203 -3.67 -1.15 6.43
CA ALA A 203 -2.92 -0.58 5.31
C ALA A 203 -3.78 0.02 4.20
N GLU A 204 -5.07 0.22 4.50
CA GLU A 204 -6.03 0.72 3.53
C GLU A 204 -6.74 1.98 4.03
N ASN A 205 -6.37 2.48 5.22
CA ASN A 205 -7.15 3.56 5.86
C ASN A 205 -6.33 4.59 6.60
N ILE A 206 -6.83 5.82 6.63
CA ILE A 206 -6.45 6.80 7.65
C ILE A 206 -7.30 6.47 8.88
N ILE A 207 -6.65 6.10 9.97
CA ILE A 207 -7.33 5.61 11.18
C ILE A 207 -7.03 6.45 12.44
N PRO A 208 -8.00 7.27 12.91
CA PRO A 208 -7.88 8.00 14.18
C PRO A 208 -7.78 7.04 15.36
N ASN A 209 -7.00 7.39 16.36
CA ASN A 209 -6.87 6.54 17.55
C ASN A 209 -6.27 7.31 18.67
N SER A 210 -6.50 6.83 19.89
CA SER A 210 -6.04 7.57 21.07
C SER A 210 -4.56 7.32 21.34
N THR A 211 -3.96 8.24 22.09
CA THR A 211 -2.58 8.07 22.59
C THR A 211 -2.45 8.87 23.89
N GLY A 212 -1.74 8.27 24.84
CA GLY A 212 -1.49 8.90 26.12
C GLY A 212 -0.25 9.79 26.10
N ALA A 213 0.52 9.73 25.01
CA ALA A 213 1.80 10.46 24.91
C ALA A 213 1.76 11.91 25.40
N ALA A 214 0.82 12.71 24.91
CA ALA A 214 0.73 14.10 25.32
C ALA A 214 0.12 14.26 26.71
N LYS A 215 -0.98 13.56 26.95
CA LYS A 215 -1.67 13.60 28.25
C LYS A 215 -0.77 13.18 29.42
N ALA A 216 0.09 12.20 29.17
CA ALA A 216 0.97 11.63 30.19
C ALA A 216 2.41 12.16 30.14
N ILE A 217 2.64 13.23 29.37
CA ILE A 217 3.96 13.85 29.25
C ILE A 217 4.50 14.27 30.62
N GLY A 218 3.60 14.60 31.55
CA GLY A 218 3.99 15.01 32.91
C GLY A 218 4.85 14.00 33.69
N LYS A 219 4.78 12.72 33.32
CA LYS A 219 5.61 11.67 33.92
C LYS A 219 7.09 11.77 33.53
N VAL A 220 7.37 12.40 32.40
CA VAL A 220 8.74 12.59 31.91
C VAL A 220 9.19 14.04 32.12
N ILE A 221 8.25 14.97 32.08
CA ILE A 221 8.55 16.39 32.28
C ILE A 221 7.48 16.96 33.23
N PRO A 222 7.72 16.89 34.56
CA PRO A 222 6.71 17.28 35.56
C PRO A 222 6.24 18.72 35.42
N GLU A 223 7.16 19.64 35.14
CA GLU A 223 6.82 21.07 35.02
C GLU A 223 5.80 21.40 33.92
N ILE A 224 5.55 20.49 32.99
CA ILE A 224 4.46 20.67 32.01
C ILE A 224 3.28 19.69 32.17
N ASP A 225 3.21 19.02 33.31
CA ASP A 225 2.06 18.13 33.59
C ASP A 225 0.72 18.81 33.28
N GLY A 226 -0.08 18.16 32.43
CA GLY A 226 -1.45 18.61 32.16
C GLY A 226 -1.61 19.66 31.07
N LYS A 227 -0.51 20.07 30.45
CA LYS A 227 -0.55 21.18 29.51
C LYS A 227 -0.65 20.71 28.04
N LEU A 228 -0.43 19.42 27.82
CA LEU A 228 -0.53 18.81 26.49
C LEU A 228 -1.62 17.74 26.44
N ASP A 229 -2.31 17.66 25.30
CA ASP A 229 -3.15 16.52 24.98
C ASP A 229 -3.06 16.29 23.46
N GLY A 230 -3.73 15.26 22.96
CA GLY A 230 -3.66 14.96 21.53
C GLY A 230 -4.05 13.55 21.15
N GLY A 231 -3.87 13.22 19.88
CA GLY A 231 -4.33 11.95 19.33
C GLY A 231 -3.45 11.50 18.19
N ALA A 232 -3.80 10.35 17.61
CA ALA A 232 -3.04 9.79 16.52
C ALA A 232 -3.89 9.67 15.28
N GLN A 233 -3.20 9.60 14.14
CA GLN A 233 -3.80 9.23 12.87
C GLN A 233 -2.91 8.15 12.30
N ARG A 234 -3.38 6.91 12.28
CA ARG A 234 -2.56 5.79 11.84
C ARG A 234 -2.76 5.59 10.34
N VAL A 235 -1.66 5.57 9.60
CA VAL A 235 -1.72 5.62 8.13
C VAL A 235 -0.91 4.47 7.50
N PRO A 236 -1.19 4.14 6.21
CA PRO A 236 -0.56 2.99 5.58
C PRO A 236 0.91 3.15 5.14
N VAL A 237 1.80 3.41 6.10
CA VAL A 237 3.24 3.13 5.92
C VAL A 237 3.56 2.11 7.00
N ALA A 238 4.45 1.16 6.71
CA ALA A 238 4.67 0.04 7.64
C ALA A 238 5.58 0.39 8.81
N THR A 239 6.35 1.46 8.66
CA THR A 239 7.11 2.03 9.78
C THR A 239 7.55 3.43 9.44
N GLY A 240 7.70 4.27 10.47
CA GLY A 240 8.09 5.65 10.33
C GLY A 240 6.90 6.54 10.64
N SER A 241 7.11 7.56 11.47
CA SER A 241 6.03 8.35 12.04
C SER A 241 6.44 9.81 12.27
N LEU A 242 5.46 10.67 12.44
CA LEU A 242 5.70 12.11 12.54
C LEU A 242 4.80 12.71 13.62
N THR A 243 5.40 13.51 14.52
CA THR A 243 4.67 14.16 15.60
C THR A 243 4.52 15.66 15.35
N GLU A 244 3.29 16.14 15.26
CA GLU A 244 3.02 17.57 15.11
C GLU A 244 2.50 18.15 16.40
N LEU A 245 3.06 19.29 16.80
CA LEU A 245 2.69 19.94 18.05
C LEU A 245 2.35 21.39 17.82
N THR A 246 1.13 21.78 18.20
CA THR A 246 0.65 23.17 18.08
C THR A 246 0.56 23.74 19.50
N VAL A 247 1.28 24.83 19.76
CA VAL A 247 1.38 25.37 21.13
C VAL A 247 1.09 26.86 21.30
N VAL A 248 0.69 27.22 22.52
CA VAL A 248 0.58 28.61 22.98
C VAL A 248 1.72 28.82 23.96
N LEU A 249 2.40 29.95 23.83
CA LEU A 249 3.63 30.22 24.57
C LEU A 249 3.55 31.52 25.38
N GLU A 250 4.38 31.60 26.42
CA GLU A 250 4.47 32.78 27.26
C GLU A 250 5.18 33.95 26.56
N LYS A 251 6.35 33.70 25.94
CA LYS A 251 7.09 34.73 25.20
C LYS A 251 6.30 35.24 24.00
N GLN A 252 6.34 36.55 23.80
CA GLN A 252 5.61 37.15 22.69
C GLN A 252 6.52 37.35 21.51
N ASP A 253 5.94 37.60 20.33
CA ASP A 253 6.70 37.92 19.12
C ASP A 253 7.73 36.84 18.76
N VAL A 254 7.38 35.57 18.99
CA VAL A 254 8.27 34.44 18.67
C VAL A 254 8.33 34.25 17.15
N THR A 255 9.50 33.88 16.64
CA THR A 255 9.67 33.69 15.21
C THR A 255 10.08 32.26 14.90
N VAL A 256 9.89 31.90 13.64
CA VAL A 256 10.23 30.58 13.11
C VAL A 256 11.70 30.31 13.41
N GLU A 257 12.55 31.29 13.08
CA GLU A 257 14.00 31.20 13.25
C GLU A 257 14.41 30.92 14.68
N GLN A 258 13.82 31.66 15.63
CA GLN A 258 14.09 31.46 17.07
C GLN A 258 13.79 30.03 17.51
N VAL A 259 12.64 29.49 17.10
CA VAL A 259 12.28 28.11 17.44
C VAL A 259 13.29 27.12 16.86
N ASN A 260 13.59 27.25 15.56
CA ASN A 260 14.55 26.33 14.93
C ASN A 260 15.94 26.33 15.58
N GLU A 261 16.50 27.51 15.76
CA GLU A 261 17.81 27.63 16.40
C GLU A 261 17.83 27.01 17.80
N ALA A 262 16.76 27.23 18.57
CA ALA A 262 16.64 26.66 19.91
C ALA A 262 16.61 25.11 19.86
N MET A 263 15.84 24.55 18.93
CA MET A 263 15.85 23.11 18.69
C MET A 263 17.23 22.58 18.32
N LYS A 264 17.86 23.23 17.34
CA LYS A 264 19.24 22.87 16.93
C LYS A 264 20.24 22.90 18.09
N ASN A 265 20.12 23.91 18.93
CA ASN A 265 20.99 24.05 20.09
C ASN A 265 20.87 22.90 21.10
N ALA A 266 19.71 22.24 21.12
CA ALA A 266 19.48 21.10 22.00
C ALA A 266 19.73 19.74 21.35
N SER A 267 20.26 19.72 20.12
CA SER A 267 20.46 18.42 19.45
C SER A 267 21.56 17.57 20.11
N ASN A 268 21.35 16.26 20.08
CA ASN A 268 22.32 15.27 20.57
C ASN A 268 22.11 13.93 19.86
N GLU A 269 22.53 12.83 20.46
CA GLU A 269 22.35 11.51 19.84
C GLU A 269 20.87 11.03 19.85
N SER A 270 20.07 11.56 20.79
CA SER A 270 18.64 11.26 20.90
C SER A 270 17.79 12.25 20.10
N PHE A 271 18.15 13.52 20.16
CA PHE A 271 17.38 14.58 19.52
C PHE A 271 18.12 15.14 18.30
N GLY A 272 17.79 14.65 17.11
CA GLY A 272 18.39 15.13 15.86
C GLY A 272 17.74 16.38 15.28
N TYR A 273 18.39 16.97 14.27
CA TYR A 273 17.89 18.17 13.62
C TYR A 273 18.08 18.05 12.10
N THR A 274 17.10 18.48 11.31
CA THR A 274 17.26 18.55 9.85
C THR A 274 16.53 19.74 9.20
N GLU A 275 17.14 20.24 8.11
CA GLU A 275 16.55 21.25 7.25
C GLU A 275 16.30 20.66 5.84
N ASP A 276 16.46 19.34 5.71
CA ASP A 276 16.20 18.64 4.45
C ASP A 276 14.73 18.25 4.30
N GLU A 277 14.21 18.38 3.10
CA GLU A 277 12.81 18.04 2.86
C GLU A 277 12.58 16.53 2.75
N ILE A 278 12.81 15.83 3.87
CA ILE A 278 12.68 14.37 3.95
C ILE A 278 11.21 13.92 4.07
N VAL A 279 11.00 12.63 3.83
CA VAL A 279 9.70 11.99 3.97
C VAL A 279 9.85 10.76 4.88
N SER A 280 8.74 10.10 5.21
CA SER A 280 8.79 9.05 6.26
C SER A 280 9.81 7.95 6.00
N SER A 281 9.96 7.48 4.75
CA SER A 281 10.92 6.41 4.46
C SER A 281 12.38 6.75 4.78
N ASP A 282 12.72 8.04 4.82
CA ASP A 282 14.09 8.50 5.14
C ASP A 282 14.50 8.34 6.62
N VAL A 283 13.54 8.11 7.50
CA VAL A 283 13.83 7.96 8.93
C VAL A 283 13.76 6.50 9.37
N VAL A 284 13.36 5.62 8.45
CA VAL A 284 13.33 4.18 8.73
C VAL A 284 14.72 3.70 9.13
N GLY A 285 14.83 3.09 10.32
CA GLY A 285 16.09 2.58 10.83
C GLY A 285 16.99 3.60 11.51
N MET A 286 16.58 4.87 11.55
CA MET A 286 17.39 5.89 12.19
C MET A 286 17.42 5.69 13.72
N THR A 287 18.47 6.17 14.36
CA THR A 287 18.67 5.86 15.77
C THR A 287 18.43 7.06 16.66
N TYR A 288 18.09 8.21 16.07
CA TYR A 288 17.59 9.35 16.85
C TYR A 288 16.25 8.97 17.47
N GLY A 289 16.05 9.31 18.74
CA GLY A 289 14.74 9.14 19.37
C GLY A 289 13.73 10.11 18.74
N SER A 290 14.21 11.26 18.30
CA SER A 290 13.38 12.33 17.73
C SER A 290 14.20 13.11 16.69
N LEU A 291 13.61 13.38 15.54
CA LEU A 291 14.33 14.18 14.53
C LEU A 291 13.52 15.43 14.18
N PHE A 292 13.90 16.55 14.77
CA PHE A 292 13.21 17.83 14.54
C PHE A 292 13.35 18.22 13.07
N ASP A 293 12.23 18.60 12.48
CA ASP A 293 12.20 19.04 11.10
C ASP A 293 11.94 20.54 11.06
N ALA A 294 13.02 21.30 10.93
CA ALA A 294 12.96 22.75 10.86
C ALA A 294 12.12 23.23 9.68
N THR A 295 12.02 22.46 8.60
CA THR A 295 11.17 22.85 7.46
C THR A 295 9.66 22.89 7.74
N GLN A 296 9.21 22.28 8.82
CA GLN A 296 7.78 22.21 9.11
C GLN A 296 7.38 23.23 10.20
N THR A 297 8.33 24.06 10.62
CA THR A 297 8.05 25.05 11.68
C THR A 297 7.17 26.16 11.11
N ARG A 298 6.11 26.49 11.83
CA ARG A 298 5.19 27.55 11.41
CA ARG A 298 5.19 27.54 11.40
C ARG A 298 4.82 28.41 12.59
N VAL A 299 4.56 29.69 12.32
CA VAL A 299 4.11 30.64 13.34
C VAL A 299 2.92 31.44 12.79
N MET A 300 1.80 31.36 13.50
CA MET A 300 0.62 32.13 13.19
C MET A 300 0.54 33.31 14.16
N SER A 301 0.58 34.54 13.65
CA SER A 301 0.42 35.76 14.45
C SER A 301 -0.79 36.57 13.98
N VAL A 302 -1.68 36.90 14.92
CA VAL A 302 -2.83 37.79 14.70
C VAL A 302 -2.77 38.79 15.83
N GLY A 303 -2.35 40.01 15.51
CA GLY A 303 -2.03 41.00 16.53
C GLY A 303 -0.94 40.42 17.41
N ASP A 304 -1.17 40.46 18.72
CA ASP A 304 -0.21 40.01 19.74
C ASP A 304 -0.40 38.54 20.12
N ARG A 305 -1.22 37.81 19.38
CA ARG A 305 -1.60 36.45 19.79
C ARG A 305 -1.04 35.42 18.82
N GLN A 306 -0.27 34.46 19.34
CA GLN A 306 0.40 33.50 18.48
C GLN A 306 0.08 32.03 18.70
N LEU A 307 0.08 31.27 17.60
CA LEU A 307 0.23 29.82 17.68
C LEU A 307 1.53 29.43 17.01
N VAL A 308 2.25 28.50 17.63
CA VAL A 308 3.53 28.01 17.15
C VAL A 308 3.41 26.50 16.91
N LYS A 309 3.90 26.03 15.77
CA LYS A 309 3.71 24.63 15.39
C LYS A 309 5.01 24.00 14.91
N VAL A 310 5.29 22.81 15.42
CA VAL A 310 6.53 22.09 15.10
C VAL A 310 6.22 20.62 14.79
N ALA A 311 7.18 19.94 14.17
CA ALA A 311 7.00 18.54 13.82
C ALA A 311 8.34 17.84 13.94
N ALA A 312 8.34 16.65 14.52
CA ALA A 312 9.54 15.84 14.66
C ALA A 312 9.25 14.43 14.20
N TRP A 313 10.18 13.92 13.39
CA TRP A 313 10.06 12.59 12.81
C TRP A 313 10.54 11.56 13.82
N TYR A 314 9.92 10.38 13.80
CA TYR A 314 10.42 9.24 14.53
C TYR A 314 10.12 7.93 13.82
N ASP A 315 11.11 7.06 13.76
CA ASP A 315 10.85 5.68 13.39
C ASP A 315 10.31 4.99 14.64
N ASN A 316 9.00 4.81 14.71
CA ASN A 316 8.37 4.26 15.90
C ASN A 316 9.02 2.94 16.32
N GLU A 317 9.65 2.25 15.36
CA GLU A 317 10.44 1.03 15.61
C GLU A 317 11.89 1.36 16.03
N MET A 318 12.74 1.79 15.09
CA MET A 318 14.16 1.93 15.45
C MET A 318 14.47 3.13 16.36
N SER A 319 13.76 4.25 16.20
CA SER A 319 13.93 5.39 17.12
C SER A 319 13.65 4.99 18.57
N TYR A 320 12.57 4.25 18.76
CA TYR A 320 12.20 3.90 20.10
C TYR A 320 13.17 2.86 20.64
N THR A 321 13.53 1.90 19.77
CA THR A 321 14.44 0.81 20.15
C THR A 321 15.81 1.34 20.54
N ALA A 322 16.32 2.29 19.77
CA ALA A 322 17.62 2.90 20.10
C ALA A 322 17.60 3.59 21.48
N GLN A 323 16.47 4.24 21.79
CA GLN A 323 16.28 4.91 23.08
C GLN A 323 16.12 3.93 24.21
N LEU A 324 15.37 2.86 23.96
CA LEU A 324 15.13 1.80 24.94
C LEU A 324 16.47 1.19 25.35
N VAL A 325 17.36 1.02 24.38
CA VAL A 325 18.67 0.35 24.61
C VAL A 325 19.70 1.26 25.33
N ARG A 326 19.67 2.55 25.01
CA ARG A 326 20.43 3.54 25.80
C ARG A 326 20.00 3.54 27.27
N THR A 327 18.69 3.45 27.52
CA THR A 327 18.18 3.44 28.89
C THR A 327 18.57 2.14 29.60
N LEU A 328 18.53 1.03 28.87
CA LEU A 328 18.94 -0.28 29.37
C LEU A 328 20.39 -0.26 29.85
N ALA A 329 21.29 0.24 29.00
CA ALA A 329 22.71 0.31 29.35
C ALA A 329 22.90 1.18 30.59
N TYR A 330 22.25 2.34 30.62
CA TYR A 330 22.33 3.24 31.78
C TYR A 330 21.80 2.62 33.07
N LEU A 331 20.63 1.98 32.98
CA LEU A 331 19.99 1.36 34.12
C LEU A 331 20.81 0.17 34.66
N ALA A 332 21.47 -0.58 33.79
CA ALA A 332 22.33 -1.67 34.22
C ALA A 332 23.67 -1.16 34.79
N GLU A 333 24.17 -0.08 34.20
CA GLU A 333 25.36 0.62 34.69
C GLU A 333 25.23 1.13 36.14
N LEU A 334 24.00 1.40 36.56
CA LEU A 334 23.75 1.84 37.94
C LEU A 334 23.91 0.71 38.96
N SER A 335 23.77 -0.54 38.51
CA SER A 335 23.97 -1.71 39.38
C SER A 335 25.44 -2.09 39.50
N LYS A 336 26.11 -2.24 38.36
CA LYS A 336 27.56 -2.54 38.30
C LYS A 336 28.00 -3.68 39.23
N MET B 1 43.66 7.27 -15.61
CA MET B 1 43.46 5.89 -16.15
C MET B 1 41.98 5.47 -16.16
N ALA B 2 41.17 6.14 -15.34
CA ALA B 2 39.78 5.74 -15.13
C ALA B 2 38.92 5.88 -16.40
N VAL B 3 38.02 4.93 -16.60
CA VAL B 3 37.06 4.97 -17.71
C VAL B 3 35.96 6.00 -17.37
N LYS B 4 35.66 6.86 -18.33
CA LYS B 4 34.78 8.00 -18.08
C LYS B 4 33.36 7.72 -18.51
N VAL B 5 32.48 7.61 -17.52
CA VAL B 5 31.08 7.29 -17.76
C VAL B 5 30.21 8.53 -17.63
N ALA B 6 29.26 8.65 -18.56
CA ALA B 6 28.18 9.60 -18.41
C ALA B 6 26.89 8.80 -18.27
N ILE B 7 26.04 9.23 -17.34
CA ILE B 7 24.74 8.63 -17.16
C ILE B 7 23.72 9.60 -17.72
N ASN B 8 22.95 9.12 -18.69
CA ASN B 8 21.87 9.89 -19.28
C ASN B 8 20.57 9.37 -18.67
N GLY B 9 19.88 10.22 -17.91
CA GLY B 9 18.73 9.79 -17.15
C GLY B 9 19.12 9.39 -15.73
N PHE B 10 19.11 10.36 -14.83
CA PHE B 10 19.44 10.15 -13.44
C PHE B 10 18.19 9.69 -12.65
N GLY B 11 17.59 8.59 -13.11
CA GLY B 11 16.35 8.05 -12.58
C GLY B 11 16.62 6.89 -11.63
N ARG B 12 15.69 5.95 -11.54
CA ARG B 12 15.89 4.82 -10.62
C ARG B 12 17.15 4.03 -11.02
N ILE B 13 17.22 3.60 -12.27
CA ILE B 13 18.40 2.85 -12.70
C ILE B 13 19.66 3.74 -12.74
N GLY B 14 19.54 4.93 -13.29
CA GLY B 14 20.67 5.89 -13.38
C GLY B 14 21.29 6.20 -12.02
N ARG B 15 20.45 6.49 -11.03
CA ARG B 15 20.98 6.78 -9.71
C ARG B 15 21.63 5.57 -9.03
N LEU B 16 21.02 4.39 -9.13
CA LEU B 16 21.58 3.20 -8.49
C LEU B 16 22.86 2.75 -9.22
N ALA B 17 22.90 3.00 -10.53
CA ALA B 17 24.11 2.76 -11.30
C ALA B 17 25.24 3.64 -10.77
N PHE B 18 24.93 4.91 -10.52
CA PHE B 18 25.89 5.81 -9.89
C PHE B 18 26.44 5.23 -8.58
N ARG B 19 25.57 4.74 -7.70
CA ARG B 19 25.98 4.15 -6.43
C ARG B 19 26.90 2.95 -6.64
N ARG B 20 26.50 2.08 -7.56
CA ARG B 20 27.22 0.86 -7.84
C ARG B 20 28.65 1.15 -8.33
N ILE B 21 28.77 2.13 -9.23
CA ILE B 21 30.04 2.51 -9.85
C ILE B 21 31.08 2.94 -8.79
N GLN B 22 30.61 3.45 -7.67
CA GLN B 22 31.47 3.76 -6.52
C GLN B 22 32.19 2.53 -5.93
N GLU B 23 31.73 1.32 -6.24
CA GLU B 23 32.46 0.10 -5.82
C GLU B 23 33.39 -0.45 -6.90
N VAL B 24 33.35 0.11 -8.11
CA VAL B 24 34.13 -0.46 -9.22
C VAL B 24 35.33 0.42 -9.53
N GLU B 25 36.52 -0.09 -9.25
CA GLU B 25 37.77 0.64 -9.53
C GLU B 25 37.88 0.89 -11.03
N GLY B 26 38.44 2.04 -11.41
CA GLY B 26 38.73 2.33 -12.82
C GLY B 26 37.50 2.75 -13.61
N LEU B 27 36.39 2.93 -12.89
CA LEU B 27 35.16 3.42 -13.46
C LEU B 27 34.74 4.67 -12.67
N GLU B 28 34.53 5.77 -13.40
CA GLU B 28 34.11 7.03 -12.78
C GLU B 28 32.98 7.69 -13.58
N VAL B 29 31.93 8.09 -12.88
CA VAL B 29 30.89 8.92 -13.49
C VAL B 29 31.35 10.40 -13.47
N VAL B 30 31.63 10.96 -14.64
CA VAL B 30 32.08 12.37 -14.71
C VAL B 30 30.95 13.35 -15.04
N ALA B 31 29.85 12.83 -15.57
CA ALA B 31 28.74 13.67 -16.02
C ALA B 31 27.41 12.92 -15.93
N VAL B 32 26.36 13.68 -15.65
CA VAL B 32 25.01 13.19 -15.53
C VAL B 32 24.14 14.15 -16.36
N ASN B 33 23.19 13.62 -17.11
CA ASN B 33 22.18 14.45 -17.79
C ASN B 33 20.76 14.03 -17.45
N ASP B 34 19.87 15.02 -17.29
CA ASP B 34 18.47 14.76 -16.98
C ASP B 34 17.63 15.98 -17.38
N LEU B 35 16.48 16.15 -16.77
CA LEU B 35 15.56 17.23 -17.16
C LEU B 35 15.26 18.16 -15.99
N THR B 36 16.11 18.16 -14.98
CA THR B 36 15.83 18.91 -13.75
C THR B 36 17.07 19.72 -13.37
N ASP B 37 17.16 20.14 -12.11
CA ASP B 37 18.31 20.93 -11.68
C ASP B 37 19.11 20.21 -10.61
N ASP B 38 20.24 20.79 -10.22
CA ASP B 38 21.16 20.11 -9.32
C ASP B 38 20.57 19.92 -7.91
N ASP B 39 19.75 20.88 -7.45
CA ASP B 39 18.96 20.74 -6.22
C ASP B 39 18.21 19.39 -6.19
N MET B 40 17.48 19.11 -7.26
CA MET B 40 16.67 17.90 -7.36
C MET B 40 17.54 16.64 -7.53
N LEU B 41 18.55 16.70 -8.40
CA LEU B 41 19.46 15.57 -8.61
C LEU B 41 20.23 15.16 -7.35
N ALA B 42 20.72 16.15 -6.61
CA ALA B 42 21.44 15.94 -5.33
C ALA B 42 20.53 15.31 -4.29
N HIS B 43 19.30 15.81 -4.21
CA HIS B 43 18.32 15.31 -3.22
C HIS B 43 17.89 13.84 -3.47
N LEU B 44 17.61 13.50 -4.72
CA LEU B 44 17.21 12.12 -5.10
C LEU B 44 18.35 11.10 -4.97
N LEU B 45 19.59 11.57 -5.10
CA LEU B 45 20.75 10.70 -4.82
C LEU B 45 20.88 10.43 -3.30
N LYS B 46 20.70 11.47 -2.48
CA LYS B 46 20.88 11.34 -1.02
C LYS B 46 19.83 10.41 -0.38
N TYR B 47 18.57 10.61 -0.76
CA TYR B 47 17.44 9.94 -0.13
C TYR B 47 16.74 9.02 -1.10
N ASP B 48 16.57 7.77 -0.70
CA ASP B 48 15.98 6.78 -1.60
C ASP B 48 14.97 5.93 -0.83
N THR B 49 13.69 6.04 -1.21
CA THR B 49 12.58 5.42 -0.48
C THR B 49 12.82 3.94 -0.15
N MET B 50 13.17 3.17 -1.20
CA MET B 50 13.35 1.71 -1.06
C MET B 50 14.80 1.23 -0.88
N GLN B 51 15.75 1.92 -1.47
CA GLN B 51 17.14 1.48 -1.39
C GLN B 51 17.94 2.13 -0.25
N GLY B 52 17.33 3.05 0.49
CA GLY B 52 18.00 3.65 1.65
C GLY B 52 18.91 4.82 1.34
N ARG B 53 19.24 5.59 2.38
CA ARG B 53 20.07 6.80 2.25
C ARG B 53 21.43 6.49 1.66
N PHE B 54 21.89 7.37 0.78
CA PHE B 54 23.27 7.31 0.28
C PHE B 54 24.16 7.84 1.41
N THR B 55 25.24 7.13 1.71
CA THR B 55 26.07 7.50 2.87
C THR B 55 27.04 8.67 2.61
N GLY B 56 27.57 8.77 1.40
CA GLY B 56 28.57 9.81 1.08
C GLY B 56 28.08 11.25 1.20
N GLU B 57 29.03 12.18 1.18
CA GLU B 57 28.74 13.61 1.20
C GLU B 57 28.30 14.03 -0.20
N VAL B 58 27.11 14.62 -0.31
CA VAL B 58 26.62 15.20 -1.55
C VAL B 58 26.36 16.70 -1.37
N GLU B 59 26.96 17.53 -2.21
CA GLU B 59 26.69 18.97 -2.18
C GLU B 59 26.61 19.56 -3.59
N VAL B 60 25.66 20.48 -3.76
CA VAL B 60 25.47 21.19 -5.01
C VAL B 60 26.61 22.20 -5.19
N VAL B 61 27.36 22.06 -6.29
CA VAL B 61 28.42 23.01 -6.67
C VAL B 61 28.10 23.68 -8.01
N ASP B 62 28.98 24.58 -8.46
CA ASP B 62 28.76 25.32 -9.70
C ASP B 62 28.55 24.46 -10.96
N GLY B 63 29.43 23.53 -11.28
CA GLY B 63 29.18 22.74 -12.50
C GLY B 63 28.11 21.64 -12.42
N GLY B 64 27.59 21.41 -11.22
CA GLY B 64 26.73 20.27 -10.97
C GLY B 64 26.69 19.93 -9.50
N PHE B 65 27.27 18.79 -9.14
CA PHE B 65 27.30 18.36 -7.73
C PHE B 65 28.57 17.57 -7.42
N ARG B 66 28.93 17.55 -6.15
CA ARG B 66 30.16 16.91 -5.67
C ARG B 66 29.83 15.70 -4.76
N VAL B 67 30.38 14.54 -5.09
CA VAL B 67 30.13 13.32 -4.33
C VAL B 67 31.43 12.77 -3.74
N ASN B 68 31.55 12.82 -2.41
CA ASN B 68 32.77 12.42 -1.69
C ASN B 68 34.05 12.95 -2.33
N GLY B 69 34.19 14.27 -2.35
CA GLY B 69 35.33 14.93 -2.98
C GLY B 69 35.59 14.62 -4.45
N LYS B 70 34.57 14.17 -5.19
CA LYS B 70 34.66 13.94 -6.65
C LYS B 70 33.56 14.70 -7.39
N GLU B 71 33.95 15.53 -8.35
CA GLU B 71 33.01 16.36 -9.12
C GLU B 71 32.29 15.63 -10.25
N VAL B 72 30.99 15.87 -10.34
CA VAL B 72 30.13 15.36 -11.40
C VAL B 72 29.51 16.59 -12.08
N LYS B 73 29.69 16.74 -13.39
CA LYS B 73 29.01 17.83 -14.11
C LYS B 73 27.61 17.38 -14.51
N SER B 74 26.64 18.28 -14.46
CA SER B 74 25.29 17.91 -14.82
C SER B 74 24.75 18.82 -15.90
N PHE B 75 23.81 18.30 -16.67
CA PHE B 75 23.18 19.06 -17.75
C PHE B 75 21.69 18.82 -17.71
N SER B 76 20.97 19.63 -18.46
CA SER B 76 19.52 19.56 -18.50
C SER B 76 19.07 19.60 -19.95
N GLU B 77 19.59 18.66 -20.74
CA GLU B 77 19.44 18.70 -22.19
C GLU B 77 18.67 17.47 -22.68
N PRO B 78 17.42 17.66 -23.14
CA PRO B 78 16.58 16.53 -23.60
C PRO B 78 17.08 15.91 -24.91
N ASP B 79 17.82 16.69 -25.69
CA ASP B 79 18.31 16.21 -26.99
C ASP B 79 19.76 15.69 -26.88
N ALA B 80 19.91 14.37 -26.77
CA ALA B 80 21.23 13.72 -26.60
C ALA B 80 22.35 14.22 -27.55
N SER B 81 22.02 14.49 -28.80
CA SER B 81 23.03 14.99 -29.76
C SER B 81 23.65 16.35 -29.38
N LYS B 82 23.00 17.07 -28.47
CA LYS B 82 23.48 18.40 -28.06
C LYS B 82 24.36 18.33 -26.80
N LEU B 83 24.59 17.12 -26.30
CA LEU B 83 25.39 16.93 -25.08
C LEU B 83 26.90 17.03 -25.36
N PRO B 84 27.67 17.60 -24.41
CA PRO B 84 29.07 17.93 -24.66
C PRO B 84 30.00 16.73 -24.42
N TRP B 85 29.63 15.57 -24.97
CA TRP B 85 30.35 14.33 -24.75
C TRP B 85 31.78 14.34 -25.31
N LYS B 86 31.98 14.99 -26.46
CA LYS B 86 33.31 15.14 -27.04
C LYS B 86 34.24 15.95 -26.13
N ASP B 87 33.77 17.12 -25.70
CA ASP B 87 34.52 17.97 -24.77
C ASP B 87 34.88 17.22 -23.47
N LEU B 88 33.97 16.37 -22.99
CA LEU B 88 34.18 15.65 -21.71
C LEU B 88 34.88 14.30 -21.84
N ASN B 89 35.22 13.91 -23.08
CA ASN B 89 35.96 12.67 -23.34
C ASN B 89 35.23 11.40 -22.89
N ILE B 90 33.91 11.41 -23.02
CA ILE B 90 33.10 10.28 -22.57
C ILE B 90 33.48 8.95 -23.27
N ASP B 91 33.83 7.95 -22.46
CA ASP B 91 34.09 6.61 -22.97
C ASP B 91 32.80 5.82 -23.19
N VAL B 92 31.89 5.88 -22.23
CA VAL B 92 30.63 5.14 -22.32
C VAL B 92 29.47 5.96 -21.73
N VAL B 93 28.37 6.01 -22.47
CA VAL B 93 27.14 6.60 -21.93
C VAL B 93 26.27 5.48 -21.41
N LEU B 94 25.83 5.62 -20.15
CA LEU B 94 24.85 4.71 -19.61
C LEU B 94 23.46 5.34 -19.86
N GLU B 95 22.76 4.76 -20.84
CA GLU B 95 21.55 5.35 -21.36
C GLU B 95 20.35 4.80 -20.58
N CYS B 96 19.87 5.59 -19.61
CA CYS B 96 18.88 5.19 -18.61
C CYS B 96 17.63 6.06 -18.60
N THR B 97 17.34 6.72 -19.72
CA THR B 97 16.17 7.62 -19.82
C THR B 97 14.88 6.88 -20.16
N GLY B 98 14.99 5.77 -20.89
CA GLY B 98 13.82 5.13 -21.46
C GLY B 98 13.42 5.72 -22.81
N PHE B 99 14.17 6.71 -23.32
CA PHE B 99 13.79 7.39 -24.58
C PHE B 99 14.72 7.15 -25.76
N TYR B 100 15.73 6.29 -25.57
CA TYR B 100 16.71 6.00 -26.61
C TYR B 100 16.95 4.51 -26.68
N THR B 101 15.87 3.73 -26.53
CA THR B 101 15.98 2.28 -26.53
C THR B 101 15.95 1.75 -27.97
N ASP B 102 16.89 2.27 -28.76
CA ASP B 102 17.01 1.93 -30.18
C ASP B 102 18.43 2.26 -30.67
N LYS B 103 19.05 1.34 -31.40
CA LYS B 103 20.39 1.52 -31.96
C LYS B 103 20.59 2.88 -32.65
N ASP B 104 19.69 3.24 -33.57
CA ASP B 104 19.86 4.48 -34.34
C ASP B 104 19.61 5.74 -33.50
N LYS B 105 18.62 5.68 -32.61
CA LYS B 105 18.35 6.82 -31.75
C LYS B 105 19.51 7.06 -30.77
N ALA B 106 20.05 5.97 -30.23
CA ALA B 106 21.16 5.99 -29.28
C ALA B 106 22.46 6.49 -29.93
N GLN B 107 22.52 6.38 -31.25
CA GLN B 107 23.62 6.92 -32.06
C GLN B 107 23.84 8.43 -31.80
N ALA B 108 22.81 9.14 -31.34
CA ALA B 108 22.95 10.56 -31.01
C ALA B 108 24.09 10.85 -30.02
N HIS B 109 24.28 9.95 -29.04
CA HIS B 109 25.40 10.02 -28.08
C HIS B 109 26.76 9.91 -28.75
N ILE B 110 26.87 8.98 -29.71
CA ILE B 110 28.10 8.78 -30.50
C ILE B 110 28.39 10.04 -31.32
N GLU B 111 27.37 10.52 -32.04
CA GLU B 111 27.48 11.81 -32.75
C GLU B 111 27.84 12.95 -31.79
N ALA B 112 27.28 12.94 -30.58
CA ALA B 112 27.67 13.91 -29.55
C ALA B 112 29.13 13.78 -29.11
N GLY B 113 29.75 12.64 -29.42
CA GLY B 113 31.17 12.40 -29.11
C GLY B 113 31.50 11.29 -28.10
N ALA B 114 30.49 10.58 -27.59
CA ALA B 114 30.74 9.41 -26.71
C ALA B 114 31.27 8.25 -27.52
N LYS B 115 32.17 7.44 -26.94
CA LYS B 115 32.74 6.31 -27.67
C LYS B 115 31.78 5.13 -27.74
N LYS B 116 31.07 4.85 -26.66
CA LYS B 116 30.18 3.71 -26.60
C LYS B 116 28.89 4.07 -25.89
N VAL B 117 27.84 3.28 -26.12
CA VAL B 117 26.59 3.47 -25.39
C VAL B 117 26.13 2.11 -24.85
N LEU B 118 25.76 2.08 -23.58
CA LEU B 118 25.13 0.89 -23.00
C LEU B 118 23.73 1.28 -22.56
N ILE B 119 22.72 0.67 -23.18
CA ILE B 119 21.33 0.97 -22.86
C ILE B 119 20.81 0.06 -21.72
N SER B 120 20.15 0.69 -20.77
CA SER B 120 19.56 0.04 -19.58
C SER B 120 18.17 -0.54 -19.82
N ALA B 121 17.96 -1.10 -21.00
CA ALA B 121 16.65 -1.66 -21.35
C ALA B 121 16.81 -2.49 -22.62
N PRO B 122 15.81 -3.33 -22.93
CA PRO B 122 15.87 -3.93 -24.27
C PRO B 122 15.79 -2.81 -25.30
N ALA B 123 16.37 -3.05 -26.46
CA ALA B 123 16.54 -2.02 -27.47
C ALA B 123 16.38 -2.62 -28.86
N THR B 124 15.70 -1.91 -29.76
CA THR B 124 15.56 -2.33 -31.16
C THR B 124 16.79 -1.93 -32.01
N GLY B 125 16.87 -2.47 -33.23
CA GLY B 125 18.00 -2.17 -34.14
C GLY B 125 19.09 -3.24 -34.04
N ASP B 126 20.19 -3.03 -34.76
CA ASP B 126 21.26 -4.04 -34.89
C ASP B 126 22.33 -3.98 -33.78
N LEU B 127 22.03 -4.62 -32.65
CA LEU B 127 22.94 -4.61 -31.52
C LEU B 127 22.83 -5.89 -30.70
N LYS B 128 23.79 -6.08 -29.81
CA LYS B 128 23.80 -7.23 -28.92
C LYS B 128 23.03 -6.94 -27.63
N THR B 129 22.34 -7.96 -27.12
CA THR B 129 21.62 -7.89 -25.86
C THR B 129 22.35 -8.79 -24.87
N ILE B 130 22.81 -8.21 -23.76
CA ILE B 130 23.78 -8.88 -22.87
C ILE B 130 23.29 -9.06 -21.42
N VAL B 131 23.29 -10.31 -20.98
CA VAL B 131 23.08 -10.65 -19.57
C VAL B 131 24.42 -11.10 -19.01
N PHE B 132 24.95 -10.34 -18.05
CA PHE B 132 26.26 -10.66 -17.51
C PHE B 132 26.26 -12.05 -16.87
N ASN B 133 27.31 -12.81 -17.19
CA ASN B 133 27.53 -14.21 -16.76
C ASN B 133 26.60 -15.22 -17.45
N THR B 134 25.83 -14.74 -18.42
CA THR B 134 25.17 -15.63 -19.37
C THR B 134 25.79 -15.53 -20.78
N ASN B 135 25.88 -14.30 -21.33
CA ASN B 135 26.46 -14.12 -22.69
C ASN B 135 27.40 -12.90 -22.91
N HIS B 136 27.90 -12.28 -21.85
CA HIS B 136 28.76 -11.10 -22.00
C HIS B 136 30.02 -11.40 -22.83
N GLN B 137 30.46 -12.67 -22.83
CA GLN B 137 31.58 -13.15 -23.68
C GLN B 137 31.35 -12.95 -25.18
N GLU B 138 30.12 -12.62 -25.58
CA GLU B 138 29.81 -12.38 -26.99
C GLU B 138 30.41 -11.07 -27.46
N LEU B 139 30.63 -10.16 -26.51
CA LEU B 139 31.19 -8.85 -26.80
C LEU B 139 32.66 -8.97 -27.20
N ASP B 140 33.04 -8.31 -28.30
CA ASP B 140 34.37 -8.46 -28.89
C ASP B 140 35.11 -7.12 -29.03
N GLY B 141 34.61 -6.07 -28.36
CA GLY B 141 35.30 -4.78 -28.30
C GLY B 141 34.96 -3.77 -29.40
N SER B 142 34.30 -4.26 -30.45
CA SER B 142 33.95 -3.43 -31.60
C SER B 142 32.49 -3.01 -31.62
N GLU B 143 31.77 -3.29 -30.54
CA GLU B 143 30.40 -2.84 -30.43
C GLU B 143 30.38 -1.36 -30.11
N THR B 144 29.41 -0.66 -30.66
CA THR B 144 29.30 0.76 -30.43
C THR B 144 28.08 1.10 -29.54
N VAL B 145 26.97 0.39 -29.78
CA VAL B 145 25.77 0.51 -28.97
C VAL B 145 25.40 -0.91 -28.51
N VAL B 146 25.21 -1.09 -27.21
CA VAL B 146 24.91 -2.39 -26.60
C VAL B 146 23.70 -2.28 -25.70
N SER B 147 22.86 -3.32 -25.68
CA SER B 147 21.72 -3.39 -24.76
C SER B 147 22.04 -4.24 -23.54
N GLY B 148 21.70 -3.72 -22.37
CA GLY B 148 21.86 -4.47 -21.11
C GLY B 148 20.69 -5.36 -20.73
N ALA B 149 19.74 -5.53 -21.67
CA ALA B 149 18.55 -6.37 -21.52
C ALA B 149 17.59 -5.76 -20.50
N SER B 150 16.56 -6.51 -20.12
CA SER B 150 15.62 -6.11 -19.07
C SER B 150 15.97 -6.76 -17.74
N CYS B 151 15.35 -6.25 -16.67
CA CYS B 151 15.37 -6.85 -15.35
C CYS B 151 14.88 -8.31 -15.40
N THR B 152 13.73 -8.54 -16.03
CA THR B 152 13.17 -9.89 -16.16
C THR B 152 14.13 -10.82 -16.93
N THR B 153 14.72 -10.30 -18.00
CA THR B 153 15.61 -11.11 -18.81
C THR B 153 16.80 -11.54 -18.01
N ASN B 154 17.34 -10.62 -17.23
CA ASN B 154 18.45 -10.96 -16.33
C ASN B 154 18.06 -12.00 -15.26
N SER B 155 16.81 -11.96 -14.80
CA SER B 155 16.33 -12.95 -13.82
C SER B 155 16.12 -14.31 -14.48
N LEU B 156 15.75 -14.30 -15.77
CA LEU B 156 15.30 -15.49 -16.47
C LEU B 156 16.45 -16.30 -17.12
N ALA B 157 17.43 -15.61 -17.72
CA ALA B 157 18.42 -16.28 -18.54
C ALA B 157 19.22 -17.37 -17.83
N PRO B 158 19.75 -17.11 -16.62
CA PRO B 158 20.58 -18.16 -16.02
C PRO B 158 19.79 -19.45 -15.70
N VAL B 159 18.51 -19.26 -15.38
CA VAL B 159 17.53 -20.33 -15.13
C VAL B 159 17.23 -21.11 -16.40
N ALA B 160 16.86 -20.40 -17.47
CA ALA B 160 16.59 -21.02 -18.78
C ALA B 160 17.76 -21.85 -19.27
N LYS B 161 18.97 -21.33 -19.08
CA LYS B 161 20.20 -21.99 -19.55
C LYS B 161 20.45 -23.34 -18.84
N VAL B 162 20.33 -23.34 -17.52
CA VAL B 162 20.54 -24.55 -16.73
C VAL B 162 19.53 -25.60 -17.15
N LEU B 163 18.26 -25.18 -17.24
CA LEU B 163 17.17 -26.07 -17.64
C LEU B 163 17.43 -26.69 -19.01
N ASN B 164 17.92 -25.90 -19.97
CA ASN B 164 18.21 -26.42 -21.29
C ASN B 164 19.46 -27.32 -21.26
N ASP B 165 20.55 -26.79 -20.72
CA ASP B 165 21.81 -27.54 -20.64
C ASP B 165 21.67 -28.89 -19.96
N ASP B 166 20.99 -28.91 -18.81
CA ASP B 166 20.92 -30.12 -17.98
C ASP B 166 19.71 -31.03 -18.28
N PHE B 167 18.64 -30.49 -18.86
CA PHE B 167 17.38 -31.28 -19.05
C PHE B 167 16.81 -31.30 -20.48
N GLY B 168 17.31 -30.42 -21.34
CA GLY B 168 16.76 -30.24 -22.70
C GLY B 168 15.42 -29.52 -22.65
N LEU B 169 15.41 -28.23 -23.01
CA LEU B 169 14.19 -27.43 -22.98
C LEU B 169 13.33 -27.69 -24.21
N VAL B 170 12.08 -28.08 -23.97
CA VAL B 170 11.13 -28.30 -25.06
C VAL B 170 10.46 -26.96 -25.33
N GLU B 171 9.81 -26.43 -24.29
CA GLU B 171 9.07 -25.17 -24.33
C GLU B 171 8.64 -24.77 -22.91
N GLY B 172 8.20 -23.53 -22.76
CA GLY B 172 7.78 -23.07 -21.46
C GLY B 172 7.05 -21.75 -21.54
N LEU B 173 6.27 -21.46 -20.49
CA LEU B 173 5.63 -20.15 -20.35
C LEU B 173 5.98 -19.54 -19.02
N MET B 174 5.95 -18.21 -19.00
CA MET B 174 6.43 -17.40 -17.90
C MET B 174 5.36 -16.45 -17.37
N THR B 175 5.30 -16.34 -16.04
CA THR B 175 4.72 -15.17 -15.41
C THR B 175 5.73 -14.50 -14.49
N THR B 176 5.98 -13.22 -14.74
CA THR B 176 6.71 -12.42 -13.79
C THR B 176 5.72 -11.55 -13.00
N ILE B 177 5.80 -11.65 -11.68
CA ILE B 177 5.03 -10.78 -10.79
C ILE B 177 5.96 -9.64 -10.33
N ASN B 178 5.69 -8.43 -10.83
CA ASN B 178 6.61 -7.31 -10.73
C ASN B 178 6.15 -6.21 -9.78
N ALA B 179 7.09 -5.63 -9.07
CA ALA B 179 6.92 -4.33 -8.42
C ALA B 179 6.53 -3.32 -9.48
N TYR B 180 5.72 -2.36 -9.06
CA TYR B 180 5.32 -1.33 -9.99
C TYR B 180 6.48 -0.38 -10.29
N THR B 181 6.46 0.22 -11.47
CA THR B 181 7.56 1.09 -11.91
C THR B 181 7.05 2.48 -12.34
N GLY B 182 7.98 3.35 -12.74
CA GLY B 182 7.64 4.74 -13.06
C GLY B 182 6.92 4.95 -14.39
N ASP B 183 6.80 3.89 -15.20
CA ASP B 183 6.01 3.92 -16.44
C ASP B 183 4.51 3.67 -16.18
N GLN B 184 4.11 3.72 -14.92
CA GLN B 184 2.72 3.58 -14.51
C GLN B 184 2.26 4.86 -13.82
N ASN B 185 0.95 5.11 -13.82
CA ASN B 185 0.35 6.30 -13.17
C ASN B 185 0.06 6.06 -11.70
N THR B 186 0.12 7.11 -10.88
CA THR B 186 -0.15 7.02 -9.44
C THR B 186 -1.65 6.80 -9.24
N GLN B 187 -2.44 7.56 -10.01
CA GLN B 187 -3.90 7.42 -10.09
C GLN B 187 -4.35 7.11 -11.54
N ASP B 188 -5.47 6.40 -11.68
CA ASP B 188 -6.12 6.20 -12.97
C ASP B 188 -6.05 7.50 -13.79
N ALA B 189 -5.43 7.48 -14.97
CA ALA B 189 -5.27 8.68 -15.82
C ALA B 189 -4.94 8.28 -17.26
N PRO B 190 -5.14 9.20 -18.24
CA PRO B 190 -4.60 8.85 -19.56
C PRO B 190 -3.16 8.37 -19.51
N HIS B 191 -2.86 7.30 -20.23
CA HIS B 191 -1.49 6.81 -20.30
C HIS B 191 -0.80 7.26 -21.59
N ARG B 192 0.39 7.83 -21.42
CA ARG B 192 1.16 8.43 -22.50
C ARG B 192 1.36 7.47 -23.68
N LYS B 193 1.48 6.18 -23.40
CA LYS B 193 1.69 5.17 -24.43
C LYS B 193 0.42 4.43 -24.88
N GLY B 194 -0.75 4.86 -24.39
CA GLY B 194 -2.03 4.24 -24.74
C GLY B 194 -2.33 2.91 -24.05
N ASP B 195 -1.54 2.54 -23.04
CA ASP B 195 -1.77 1.26 -22.39
C ASP B 195 -2.80 1.42 -21.29
N LYS B 196 -3.98 0.84 -21.53
CA LYS B 196 -5.13 0.97 -20.63
C LYS B 196 -4.93 0.35 -19.24
N ARG B 197 -3.87 -0.46 -19.08
CA ARG B 197 -3.55 -1.12 -17.81
C ARG B 197 -2.49 -0.37 -16.98
N ARG B 198 -1.42 0.10 -17.64
CA ARG B 198 -0.44 1.01 -17.00
C ARG B 198 -1.03 2.40 -16.67
N ALA B 199 -2.22 2.67 -17.24
CA ALA B 199 -3.00 3.88 -16.94
C ALA B 199 -3.55 3.93 -15.50
N ARG B 200 -3.70 2.75 -14.90
CA ARG B 200 -4.35 2.58 -13.60
C ARG B 200 -3.42 2.82 -12.40
N ALA B 201 -4.03 3.23 -11.29
CA ALA B 201 -3.33 3.42 -10.02
C ALA B 201 -2.41 2.24 -9.78
N ALA B 202 -1.11 2.52 -9.83
CA ALA B 202 -0.08 1.50 -9.75
C ALA B 202 -0.09 0.75 -8.43
N ALA B 203 -0.34 1.49 -7.34
CA ALA B 203 -0.21 0.93 -6.01
C ALA B 203 -1.50 0.33 -5.47
N GLU B 204 -2.55 0.28 -6.28
CA GLU B 204 -3.83 -0.24 -5.78
C GLU B 204 -4.37 -1.44 -6.55
N ASN B 205 -3.55 -2.04 -7.41
CA ASN B 205 -4.04 -3.06 -8.35
C ASN B 205 -3.09 -4.17 -8.69
N ILE B 206 -3.65 -5.33 -9.01
CA ILE B 206 -2.92 -6.34 -9.79
C ILE B 206 -3.13 -5.96 -11.26
N ILE B 207 -2.03 -5.73 -11.97
CA ILE B 207 -2.08 -5.14 -13.31
C ILE B 207 -1.36 -6.03 -14.34
N PRO B 208 -2.14 -6.76 -15.18
CA PRO B 208 -1.51 -7.61 -16.23
C PRO B 208 -0.80 -6.71 -17.20
N ASN B 209 0.35 -7.15 -17.73
CA ASN B 209 1.05 -6.37 -18.74
C ASN B 209 2.05 -7.21 -19.51
N SER B 210 2.40 -6.75 -20.71
CA SER B 210 3.32 -7.49 -21.56
C SER B 210 4.75 -7.30 -21.11
N THR B 211 5.59 -8.22 -21.56
CA THR B 211 7.02 -8.21 -21.35
C THR B 211 7.61 -9.06 -22.50
N GLY B 212 8.69 -8.58 -23.09
CA GLY B 212 9.38 -9.31 -24.17
C GLY B 212 10.41 -10.31 -23.64
N ALA B 213 10.58 -10.35 -22.31
CA ALA B 213 11.67 -11.10 -21.71
C ALA B 213 11.75 -12.57 -22.13
N ALA B 214 10.63 -13.28 -22.10
CA ALA B 214 10.62 -14.69 -22.48
C ALA B 214 10.64 -14.84 -23.99
N LYS B 215 9.85 -14.03 -24.66
CA LYS B 215 9.72 -14.08 -26.11
C LYS B 215 11.03 -13.74 -26.83
N ALA B 216 11.81 -12.81 -26.27
CA ALA B 216 13.08 -12.41 -26.90
C ALA B 216 14.30 -13.05 -26.24
N ILE B 217 14.10 -14.16 -25.52
CA ILE B 217 15.24 -14.84 -24.85
C ILE B 217 16.35 -15.30 -25.82
N GLY B 218 15.98 -15.53 -27.09
CA GLY B 218 16.90 -15.97 -28.14
C GLY B 218 18.11 -15.07 -28.40
N LYS B 219 17.94 -13.78 -28.11
CA LYS B 219 19.03 -12.80 -28.23
C LYS B 219 20.12 -13.04 -27.20
N VAL B 220 19.79 -13.75 -26.13
CA VAL B 220 20.70 -14.01 -25.03
C VAL B 220 21.13 -15.48 -25.07
N ILE B 221 20.18 -16.38 -25.35
CA ILE B 221 20.45 -17.82 -25.45
C ILE B 221 19.93 -18.29 -26.81
N PRO B 222 20.77 -18.18 -27.86
CA PRO B 222 20.33 -18.53 -29.22
C PRO B 222 19.73 -19.94 -29.32
N GLU B 223 20.30 -20.92 -28.60
CA GLU B 223 19.84 -22.32 -28.69
C GLU B 223 18.40 -22.55 -28.20
N ILE B 224 17.79 -21.59 -27.52
CA ILE B 224 16.37 -21.71 -27.10
C ILE B 224 15.43 -20.64 -27.69
N ASP B 225 15.87 -20.00 -28.77
CA ASP B 225 15.04 -19.03 -29.51
C ASP B 225 13.66 -19.59 -29.86
N GLY B 226 12.62 -18.84 -29.52
CA GLY B 226 11.25 -19.23 -29.79
C GLY B 226 10.65 -20.23 -28.83
N LYS B 227 11.40 -20.67 -27.81
CA LYS B 227 10.88 -21.71 -26.92
C LYS B 227 10.19 -21.21 -25.65
N LEU B 228 10.25 -19.91 -25.40
CA LEU B 228 9.61 -19.30 -24.22
C LEU B 228 8.76 -18.09 -24.54
N ASP B 229 7.70 -17.91 -23.77
CA ASP B 229 6.82 -16.75 -23.88
C ASP B 229 6.19 -16.52 -22.52
N GLY B 230 5.46 -15.42 -22.36
CA GLY B 230 4.89 -15.09 -21.07
C GLY B 230 4.63 -13.61 -20.90
N GLY B 231 4.04 -13.26 -19.76
CA GLY B 231 3.71 -11.89 -19.44
C GLY B 231 4.00 -11.52 -18.01
N ALA B 232 3.47 -10.38 -17.57
CA ALA B 232 3.77 -9.81 -16.27
C ALA B 232 2.49 -9.52 -15.52
N GLN B 233 2.55 -9.60 -14.20
CA GLN B 233 1.52 -9.05 -13.32
C GLN B 233 2.16 -8.01 -12.42
N ARG B 234 1.83 -6.72 -12.59
CA ARG B 234 2.44 -5.70 -11.75
C ARG B 234 1.61 -5.47 -10.50
N VAL B 235 2.24 -5.63 -9.33
CA VAL B 235 1.53 -5.60 -8.04
C VAL B 235 2.08 -4.51 -7.10
N PRO B 236 1.30 -4.11 -6.09
CA PRO B 236 1.71 -3.01 -5.21
C PRO B 236 2.86 -3.32 -4.24
N VAL B 237 4.03 -3.67 -4.74
CA VAL B 237 5.25 -3.55 -3.94
C VAL B 237 6.09 -2.55 -4.73
N ALA B 238 6.92 -1.79 -4.03
CA ALA B 238 7.60 -0.66 -4.68
C ALA B 238 8.87 -1.08 -5.42
N THR B 239 9.57 -2.09 -4.89
CA THR B 239 10.58 -2.81 -5.67
C THR B 239 10.68 -4.28 -5.18
N GLY B 240 11.21 -5.14 -6.03
CA GLY B 240 11.28 -6.57 -5.73
C GLY B 240 10.25 -7.32 -6.56
N SER B 241 10.69 -8.39 -7.20
CA SER B 241 9.89 -9.11 -8.19
C SER B 241 10.20 -10.61 -8.23
N LEU B 242 9.37 -11.36 -8.92
CA LEU B 242 9.57 -12.81 -9.00
C LEU B 242 9.18 -13.35 -10.36
N THR B 243 10.09 -14.11 -10.97
CA THR B 243 9.82 -14.80 -12.22
C THR B 243 9.44 -16.25 -11.98
N GLU B 244 8.27 -16.66 -12.47
CA GLU B 244 7.77 -18.03 -12.41
C GLU B 244 7.83 -18.66 -13.80
N LEU B 245 8.48 -19.82 -13.92
CA LEU B 245 8.63 -20.45 -15.23
C LEU B 245 8.10 -21.89 -15.17
N THR B 246 7.21 -22.22 -16.10
CA THR B 246 6.62 -23.56 -16.22
C THR B 246 7.06 -24.14 -17.54
N VAL B 247 7.79 -25.25 -17.49
CA VAL B 247 8.41 -25.83 -18.67
C VAL B 247 8.14 -27.33 -18.86
N VAL B 248 8.28 -27.77 -20.10
CA VAL B 248 8.36 -29.18 -20.48
C VAL B 248 9.81 -29.44 -20.90
N LEU B 249 10.36 -30.56 -20.46
CA LEU B 249 11.77 -30.88 -20.65
C LEU B 249 11.91 -32.22 -21.33
N GLU B 250 13.02 -32.41 -22.01
CA GLU B 250 13.31 -33.72 -22.62
C GLU B 250 13.66 -34.82 -21.60
N LYS B 251 14.53 -34.52 -20.62
CA LYS B 251 14.86 -35.52 -19.59
C LYS B 251 13.59 -35.95 -18.87
N GLN B 252 13.46 -37.25 -18.62
CA GLN B 252 12.25 -37.84 -18.06
C GLN B 252 12.43 -38.16 -16.57
N ASP B 253 11.32 -38.43 -15.89
N ASP B 253 11.35 -38.43 -15.86
CA ASP B 253 11.28 -38.76 -14.47
CA ASP B 253 11.42 -38.80 -14.43
C ASP B 253 12.12 -37.77 -13.63
C ASP B 253 12.19 -37.75 -13.64
N VAL B 254 11.90 -36.48 -13.90
CA VAL B 254 12.63 -35.38 -13.28
C VAL B 254 12.15 -35.18 -11.85
N THR B 255 13.08 -34.92 -10.92
CA THR B 255 12.72 -34.58 -9.54
C THR B 255 13.08 -33.14 -9.16
N VAL B 256 12.33 -32.59 -8.20
CA VAL B 256 12.64 -31.33 -7.55
C VAL B 256 14.14 -31.26 -7.15
N GLU B 257 14.69 -32.38 -6.65
CA GLU B 257 16.10 -32.42 -6.23
C GLU B 257 17.10 -32.25 -7.39
N GLN B 258 16.79 -32.88 -8.53
CA GLN B 258 17.63 -32.75 -9.71
C GLN B 258 17.63 -31.31 -10.18
N VAL B 259 16.45 -30.69 -10.23
CA VAL B 259 16.33 -29.30 -10.66
C VAL B 259 17.09 -28.35 -9.73
N ASN B 260 16.86 -28.48 -8.42
CA ASN B 260 17.52 -27.61 -7.42
C ASN B 260 19.04 -27.75 -7.41
N GLU B 261 19.52 -28.99 -7.50
CA GLU B 261 20.96 -29.25 -7.52
C GLU B 261 21.63 -28.64 -8.77
N ALA B 262 21.02 -28.84 -9.94
CA ALA B 262 21.49 -28.23 -11.20
C ALA B 262 21.60 -26.71 -11.07
N MET B 263 20.64 -26.09 -10.39
CA MET B 263 20.66 -24.62 -10.22
C MET B 263 21.75 -24.19 -9.27
N LYS B 264 21.88 -24.91 -8.14
CA LYS B 264 22.94 -24.66 -7.18
C LYS B 264 24.33 -24.70 -7.81
N ASN B 265 24.61 -25.74 -8.61
CA ASN B 265 25.93 -25.92 -9.23
C ASN B 265 26.31 -24.77 -10.16
N ALA B 266 25.29 -24.11 -10.69
CA ALA B 266 25.46 -23.00 -11.62
C ALA B 266 25.63 -21.64 -10.92
N SER B 267 25.54 -21.61 -9.59
CA SER B 267 25.45 -20.34 -8.88
C SER B 267 26.79 -19.60 -8.93
N ASN B 268 26.70 -18.27 -8.99
CA ASN B 268 27.86 -17.39 -9.03
C ASN B 268 27.40 -16.03 -8.53
N GLU B 269 28.21 -14.98 -8.76
CA GLU B 269 27.88 -13.62 -8.29
C GLU B 269 26.63 -13.02 -8.98
N SER B 270 26.27 -13.57 -10.15
CA SER B 270 25.06 -13.15 -10.85
C SER B 270 23.85 -14.01 -10.55
N PHE B 271 24.07 -15.30 -10.31
CA PHE B 271 22.98 -16.25 -10.11
C PHE B 271 23.08 -16.80 -8.69
N GLY B 272 22.24 -16.28 -7.81
CA GLY B 272 22.20 -16.77 -6.43
C GLY B 272 21.31 -18.00 -6.28
N TYR B 273 21.40 -18.65 -5.12
CA TYR B 273 20.56 -19.81 -4.74
C TYR B 273 20.12 -19.71 -3.28
N THR B 274 18.82 -19.88 -3.01
CA THR B 274 18.33 -19.96 -1.63
C THR B 274 17.36 -21.12 -1.38
N GLU B 275 17.37 -21.62 -0.14
CA GLU B 275 16.40 -22.60 0.33
C GLU B 275 15.58 -22.01 1.50
N ASP B 276 15.68 -20.70 1.69
CA ASP B 276 14.92 -20.00 2.72
C ASP B 276 13.60 -19.53 2.18
N GLU B 277 12.59 -19.50 3.04
CA GLU B 277 11.24 -19.09 2.67
C GLU B 277 11.10 -17.56 2.72
N ILE B 278 11.80 -16.90 1.80
CA ILE B 278 11.79 -15.44 1.71
C ILE B 278 10.59 -14.91 0.96
N VAL B 279 10.38 -13.60 1.10
CA VAL B 279 9.32 -12.85 0.41
C VAL B 279 9.97 -11.67 -0.33
N SER B 280 9.18 -10.86 -1.04
CA SER B 280 9.76 -9.83 -1.92
C SER B 280 10.68 -8.81 -1.21
N SER B 281 10.31 -8.34 0.00
CA SER B 281 11.14 -7.34 0.69
C SER B 281 12.54 -7.84 1.01
N ASP B 282 12.75 -9.15 1.03
CA ASP B 282 14.06 -9.71 1.37
C ASP B 282 15.10 -9.63 0.25
N VAL B 283 14.67 -9.28 -0.95
CA VAL B 283 15.60 -9.16 -2.08
C VAL B 283 15.89 -7.71 -2.40
N VAL B 284 15.20 -6.77 -1.74
CA VAL B 284 15.42 -5.34 -1.96
C VAL B 284 16.91 -5.02 -1.76
N GLY B 285 17.57 -4.48 -2.79
CA GLY B 285 19.00 -4.16 -2.70
C GLY B 285 19.97 -5.30 -2.95
N MET B 286 19.47 -6.47 -3.31
CA MET B 286 20.40 -7.57 -3.55
C MET B 286 21.18 -7.38 -4.87
N THR B 287 22.35 -7.99 -4.97
CA THR B 287 23.18 -7.76 -6.14
C THR B 287 23.28 -8.95 -7.10
N TYR B 288 22.63 -10.06 -6.76
CA TYR B 288 22.40 -11.13 -7.73
C TYR B 288 21.49 -10.61 -8.83
N GLY B 289 21.81 -10.94 -10.08
CA GLY B 289 20.90 -10.69 -11.19
C GLY B 289 19.65 -11.55 -11.06
N SER B 290 19.82 -12.72 -10.45
CA SER B 290 18.73 -13.71 -10.30
C SER B 290 18.99 -14.52 -9.04
N LEU B 291 17.97 -14.68 -8.20
CA LEU B 291 18.07 -15.53 -7.00
C LEU B 291 17.12 -16.72 -7.10
N PHE B 292 17.68 -17.89 -7.42
CA PHE B 292 16.86 -19.10 -7.53
C PHE B 292 16.32 -19.53 -6.15
N ASP B 293 15.01 -19.74 -6.08
CA ASP B 293 14.33 -20.14 -4.85
C ASP B 293 13.90 -21.60 -4.94
N ALA B 294 14.71 -22.50 -4.36
CA ALA B 294 14.47 -23.94 -4.36
C ALA B 294 13.16 -24.34 -3.67
N THR B 295 12.72 -23.53 -2.70
CA THR B 295 11.46 -23.82 -1.98
C THR B 295 10.25 -23.78 -2.91
N GLN B 296 10.38 -23.13 -4.06
CA GLN B 296 9.25 -22.97 -4.99
C GLN B 296 9.31 -23.95 -6.18
N THR B 297 10.32 -24.82 -6.21
CA THR B 297 10.41 -25.83 -7.28
C THR B 297 9.28 -26.86 -7.18
N ARG B 298 8.61 -27.11 -8.30
CA ARG B 298 7.53 -28.10 -8.37
C ARG B 298 7.68 -28.97 -9.61
N VAL B 299 7.31 -30.25 -9.45
CA VAL B 299 7.27 -31.19 -10.56
C VAL B 299 5.90 -31.89 -10.54
N MET B 300 5.12 -31.60 -11.57
CA MET B 300 3.83 -32.22 -11.76
C MET B 300 4.01 -33.40 -12.70
N SER B 301 3.78 -34.62 -12.19
CA SER B 301 3.88 -35.83 -13.00
C SER B 301 2.54 -36.54 -13.16
N VAL B 302 2.14 -36.74 -14.41
CA VAL B 302 0.94 -37.50 -14.75
C VAL B 302 1.37 -38.57 -15.79
N GLY B 303 1.41 -39.83 -15.36
CA GLY B 303 2.02 -40.89 -16.19
C GLY B 303 3.49 -40.55 -16.41
N ASP B 304 3.98 -40.71 -17.63
CA ASP B 304 5.36 -40.30 -17.93
C ASP B 304 5.50 -38.81 -18.35
N ARG B 305 4.40 -38.08 -18.28
CA ARG B 305 4.33 -36.70 -18.75
C ARG B 305 4.45 -35.67 -17.62
N GLN B 306 5.41 -34.75 -17.74
CA GLN B 306 5.76 -33.85 -16.65
C GLN B 306 5.70 -32.36 -16.99
N LEU B 307 5.31 -31.57 -15.99
CA LEU B 307 5.50 -30.11 -16.01
C LEU B 307 6.44 -29.73 -14.87
N VAL B 308 7.41 -28.88 -15.17
CA VAL B 308 8.38 -28.46 -14.18
C VAL B 308 8.26 -26.95 -13.97
N LYS B 309 7.99 -26.55 -12.73
CA LYS B 309 7.92 -25.12 -12.40
C LYS B 309 9.05 -24.70 -11.50
N VAL B 310 9.61 -23.51 -11.78
CA VAL B 310 10.67 -22.90 -10.99
C VAL B 310 10.41 -21.40 -10.78
N ALA B 311 11.11 -20.81 -9.83
CA ALA B 311 10.88 -19.41 -9.50
C ALA B 311 12.17 -18.78 -9.02
N ALA B 312 12.46 -17.61 -9.59
CA ALA B 312 13.65 -16.85 -9.27
C ALA B 312 13.28 -15.40 -8.94
N TRP B 313 13.79 -14.93 -7.80
CA TRP B 313 13.60 -13.56 -7.34
C TRP B 313 14.58 -12.63 -8.05
N TYR B 314 14.19 -11.36 -8.16
CA TYR B 314 15.10 -10.29 -8.55
C TYR B 314 14.65 -8.94 -8.02
N ASP B 315 15.58 -8.14 -7.54
CA ASP B 315 15.24 -6.76 -7.31
C ASP B 315 15.28 -6.11 -8.70
N ASN B 316 14.12 -5.82 -9.29
CA ASN B 316 14.08 -5.19 -10.62
C ASN B 316 14.99 -3.94 -10.70
N GLU B 317 15.20 -3.29 -9.56
CA GLU B 317 16.17 -2.19 -9.43
C GLU B 317 17.62 -2.68 -9.28
N MET B 318 18.01 -3.11 -8.08
CA MET B 318 19.42 -3.38 -7.79
C MET B 318 20.01 -4.64 -8.46
N SER B 319 19.19 -5.68 -8.69
CA SER B 319 19.66 -6.87 -9.40
C SER B 319 20.07 -6.48 -10.83
N TYR B 320 19.15 -5.81 -11.51
CA TYR B 320 19.39 -5.35 -12.86
C TYR B 320 20.55 -4.37 -12.95
N THR B 321 20.56 -3.42 -12.02
CA THR B 321 21.59 -2.39 -11.97
C THR B 321 22.96 -3.04 -11.74
N ALA B 322 23.03 -4.03 -10.85
CA ALA B 322 24.31 -4.70 -10.58
C ALA B 322 24.84 -5.46 -11.81
N GLN B 323 23.91 -6.08 -12.53
CA GLN B 323 24.18 -6.71 -13.80
C GLN B 323 24.64 -5.70 -14.86
N LEU B 324 23.95 -4.56 -14.98
CA LEU B 324 24.31 -3.53 -15.96
C LEU B 324 25.74 -2.99 -15.76
N VAL B 325 26.13 -2.80 -14.50
CA VAL B 325 27.41 -2.24 -14.13
C VAL B 325 28.55 -3.26 -14.33
N ARG B 326 28.24 -4.54 -14.15
CA ARG B 326 29.17 -5.63 -14.54
C ARG B 326 29.42 -5.63 -16.06
N THR B 327 28.34 -5.55 -16.84
CA THR B 327 28.45 -5.43 -18.31
C THR B 327 29.13 -4.11 -18.70
N LEU B 328 28.88 -3.05 -17.93
CA LEU B 328 29.57 -1.77 -18.17
C LEU B 328 31.10 -1.90 -18.06
N ALA B 329 31.58 -2.46 -16.94
CA ALA B 329 33.02 -2.62 -16.68
C ALA B 329 33.71 -3.53 -17.71
N TYR B 330 33.08 -4.67 -18.02
CA TYR B 330 33.61 -5.61 -19.03
C TYR B 330 33.69 -4.95 -20.43
N LEU B 331 32.62 -4.22 -20.80
CA LEU B 331 32.60 -3.49 -22.08
C LEU B 331 33.70 -2.42 -22.14
N ALA B 332 33.86 -1.68 -21.05
CA ALA B 332 34.93 -0.68 -20.91
C ALA B 332 36.34 -1.30 -20.94
N GLU B 333 36.49 -2.47 -20.32
CA GLU B 333 37.77 -3.19 -20.27
C GLU B 333 38.20 -3.74 -21.64
N LEU B 334 37.25 -3.94 -22.54
CA LEU B 334 37.54 -4.46 -23.89
C LEU B 334 38.27 -3.45 -24.75
N SER B 335 39.27 -3.93 -25.49
CA SER B 335 40.30 -3.08 -26.09
C SER B 335 40.94 -2.16 -25.01
N LYS B 336 42.04 -2.64 -24.42
CA LYS B 336 42.82 -1.91 -23.42
C LYS B 336 44.31 -2.19 -23.57
N ALA C 2 -31.73 21.60 -21.65
CA ALA C 2 -30.66 21.51 -20.61
C ALA C 2 -29.48 22.44 -20.92
N VAL C 3 -28.75 22.82 -19.86
CA VAL C 3 -27.52 23.59 -19.94
C VAL C 3 -26.39 22.72 -20.51
N LYS C 4 -25.71 23.23 -21.53
CA LYS C 4 -24.73 22.43 -22.24
C LYS C 4 -23.36 22.67 -21.65
N VAL C 5 -22.76 21.58 -21.18
CA VAL C 5 -21.52 21.61 -20.44
C VAL C 5 -20.41 20.88 -21.23
N ALA C 6 -19.22 21.47 -21.23
CA ALA C 6 -18.03 20.82 -21.76
C ALA C 6 -17.04 20.64 -20.62
N ILE C 7 -16.33 19.51 -20.62
CA ILE C 7 -15.34 19.19 -19.60
C ILE C 7 -13.95 19.23 -20.23
N ASN C 8 -13.11 20.16 -19.76
CA ASN C 8 -11.72 20.24 -20.19
C ASN C 8 -10.84 19.53 -19.16
N GLY C 9 -10.22 18.42 -19.56
CA GLY C 9 -9.46 17.58 -18.65
C GLY C 9 -10.38 16.52 -18.10
N PHE C 10 -10.41 15.37 -18.79
CA PHE C 10 -11.20 14.20 -18.39
C PHE C 10 -10.39 13.38 -17.39
N GLY C 11 -9.90 14.04 -16.35
CA GLY C 11 -9.08 13.39 -15.35
C GLY C 11 -9.89 12.82 -14.19
N ARG C 12 -9.29 12.75 -13.01
CA ARG C 12 -10.06 12.29 -11.84
C ARG C 12 -11.30 13.16 -11.63
N ILE C 13 -11.12 14.48 -11.58
CA ILE C 13 -12.27 15.38 -11.33
C ILE C 13 -13.20 15.51 -12.54
N GLY C 14 -12.63 15.58 -13.74
CA GLY C 14 -13.45 15.62 -14.97
C GLY C 14 -14.38 14.41 -15.09
N ARG C 15 -13.82 13.21 -14.91
CA ARG C 15 -14.58 11.94 -15.04
C ARG C 15 -15.63 11.77 -13.94
N LEU C 16 -15.27 12.08 -12.71
CA LEU C 16 -16.25 12.06 -11.61
C LEU C 16 -17.31 13.14 -11.76
N ALA C 17 -16.92 14.31 -12.27
CA ALA C 17 -17.94 15.34 -12.57
C ALA C 17 -18.92 14.88 -13.66
N PHE C 18 -18.39 14.21 -14.69
CA PHE C 18 -19.25 13.65 -15.71
C PHE C 18 -20.24 12.66 -15.08
N ARG C 19 -19.75 11.75 -14.24
CA ARG C 19 -20.62 10.82 -13.50
C ARG C 19 -21.71 11.54 -12.74
N ARG C 20 -21.33 12.61 -12.04
CA ARG C 20 -22.25 13.34 -11.17
C ARG C 20 -23.31 14.08 -11.97
N ILE C 21 -22.94 14.60 -13.14
CA ILE C 21 -23.87 15.28 -14.04
C ILE C 21 -24.97 14.35 -14.60
N GLN C 22 -24.65 13.08 -14.77
CA GLN C 22 -25.66 12.07 -15.15
C GLN C 22 -26.87 12.09 -14.22
N GLU C 23 -26.67 12.59 -13.00
CA GLU C 23 -27.69 12.55 -11.95
C GLU C 23 -28.18 13.92 -11.50
N VAL C 24 -27.97 14.95 -12.31
CA VAL C 24 -28.49 16.27 -12.00
C VAL C 24 -29.29 16.73 -13.22
N GLU C 25 -30.62 16.76 -13.08
CA GLU C 25 -31.50 17.23 -14.17
C GLU C 25 -31.21 18.70 -14.44
N GLY C 26 -31.15 19.06 -15.73
CA GLY C 26 -30.87 20.43 -16.13
C GLY C 26 -29.47 20.66 -16.68
N LEU C 27 -28.58 19.67 -16.50
CA LEU C 27 -27.21 19.74 -17.01
C LEU C 27 -26.92 18.56 -17.95
N GLU C 28 -26.18 18.84 -19.02
CA GLU C 28 -25.79 17.81 -19.98
C GLU C 28 -24.35 18.08 -20.47
N VAL C 29 -23.50 17.05 -20.40
CA VAL C 29 -22.13 17.15 -20.93
C VAL C 29 -22.17 16.77 -22.43
N VAL C 30 -21.84 17.74 -23.29
CA VAL C 30 -21.92 17.53 -24.75
C VAL C 30 -20.55 17.27 -25.39
N ALA C 31 -19.49 17.62 -24.67
CA ALA C 31 -18.12 17.54 -25.19
C ALA C 31 -17.11 17.39 -24.06
N VAL C 32 -16.10 16.56 -24.30
CA VAL C 32 -14.94 16.48 -23.41
C VAL C 32 -13.66 16.74 -24.23
N ASN C 33 -12.67 17.32 -23.58
CA ASN C 33 -11.37 17.54 -24.19
C ASN C 33 -10.26 17.03 -23.28
N ASP C 34 -9.29 16.33 -23.86
CA ASP C 34 -8.17 15.79 -23.10
C ASP C 34 -7.00 15.59 -24.05
N LEU C 35 -6.05 14.71 -23.71
CA LEU C 35 -4.83 14.59 -24.49
C LEU C 35 -4.63 13.16 -24.98
N THR C 36 -5.73 12.43 -25.14
CA THR C 36 -5.66 11.01 -25.43
C THR C 36 -6.72 10.63 -26.47
N ASP C 37 -6.90 9.34 -26.75
CA ASP C 37 -7.90 8.92 -27.72
C ASP C 37 -9.16 8.38 -27.07
N ASP C 38 -10.19 8.13 -27.86
CA ASP C 38 -11.49 7.70 -27.32
C ASP C 38 -11.46 6.34 -26.62
N ASP C 39 -10.62 5.43 -27.09
CA ASP C 39 -10.44 4.12 -26.47
C ASP C 39 -10.08 4.31 -24.98
N MET C 40 -9.18 5.24 -24.71
CA MET C 40 -8.69 5.50 -23.36
C MET C 40 -9.73 6.21 -22.51
N LEU C 41 -10.38 7.22 -23.10
CA LEU C 41 -11.39 8.01 -22.39
C LEU C 41 -12.57 7.14 -21.93
N ALA C 42 -13.14 6.38 -22.86
CA ALA C 42 -14.23 5.46 -22.53
C ALA C 42 -13.83 4.46 -21.44
N HIS C 43 -12.62 3.91 -21.55
CA HIS C 43 -12.12 2.91 -20.62
C HIS C 43 -12.06 3.45 -19.19
N LEU C 44 -11.50 4.66 -19.04
CA LEU C 44 -11.32 5.28 -17.73
C LEU C 44 -12.63 5.75 -17.09
N LEU C 45 -13.63 6.05 -17.92
CA LEU C 45 -14.97 6.35 -17.42
C LEU C 45 -15.62 5.08 -16.84
N LYS C 46 -15.54 3.99 -17.60
CA LYS C 46 -16.16 2.71 -17.27
C LYS C 46 -15.53 2.09 -16.01
N TYR C 47 -14.21 2.12 -15.94
CA TYR C 47 -13.48 1.50 -14.84
C TYR C 47 -12.81 2.56 -13.95
N ASP C 48 -12.98 2.41 -12.65
CA ASP C 48 -12.47 3.41 -11.70
C ASP C 48 -12.03 2.72 -10.41
N THR C 49 -10.73 2.75 -10.16
CA THR C 49 -10.13 2.01 -9.06
C THR C 49 -10.82 2.25 -7.71
N MET C 50 -11.00 3.52 -7.35
CA MET C 50 -11.57 3.83 -6.03
C MET C 50 -13.07 4.11 -6.07
N GLN C 51 -13.54 4.63 -7.18
CA GLN C 51 -14.94 5.04 -7.24
C GLN C 51 -15.86 3.98 -7.82
N GLY C 52 -15.27 2.89 -8.33
CA GLY C 52 -16.05 1.76 -8.77
C GLY C 52 -16.55 1.86 -10.20
N ARG C 53 -17.09 0.76 -10.70
CA ARG C 53 -17.57 0.69 -12.08
C ARG C 53 -18.63 1.74 -12.35
N PHE C 54 -18.60 2.30 -13.56
CA PHE C 54 -19.70 3.15 -14.05
C PHE C 54 -20.97 2.33 -14.21
N THR C 55 -22.11 2.92 -13.84
CA THR C 55 -23.42 2.25 -13.89
C THR C 55 -23.87 1.79 -15.29
N GLY C 56 -24.18 2.74 -16.17
CA GLY C 56 -24.69 2.40 -17.51
C GLY C 56 -23.65 1.92 -18.50
N GLU C 57 -23.95 2.09 -19.78
CA GLU C 57 -23.07 1.62 -20.83
C GLU C 57 -22.32 2.75 -21.50
N VAL C 58 -21.11 2.41 -21.94
CA VAL C 58 -20.17 3.31 -22.60
C VAL C 58 -19.66 2.60 -23.86
N GLU C 59 -19.86 3.24 -25.01
CA GLU C 59 -19.37 2.70 -26.28
C GLU C 59 -18.69 3.81 -27.07
N VAL C 60 -17.48 3.51 -27.55
CA VAL C 60 -16.78 4.37 -28.50
C VAL C 60 -17.56 4.49 -29.82
N VAL C 61 -17.81 5.73 -30.25
CA VAL C 61 -18.49 6.05 -31.51
C VAL C 61 -17.65 7.02 -32.34
N ASP C 62 -18.15 7.38 -33.52
CA ASP C 62 -17.41 8.18 -34.51
C ASP C 62 -16.69 9.43 -33.94
N GLY C 63 -17.41 10.41 -33.43
CA GLY C 63 -16.77 11.63 -32.93
C GLY C 63 -16.41 11.66 -31.46
N GLY C 64 -16.47 10.49 -30.81
CA GLY C 64 -16.21 10.37 -29.37
C GLY C 64 -16.76 9.11 -28.75
N PHE C 65 -17.74 9.25 -27.85
CA PHE C 65 -18.35 8.09 -27.20
C PHE C 65 -19.83 8.30 -26.83
N ARG C 66 -20.55 7.19 -26.70
CA ARG C 66 -21.98 7.18 -26.40
C ARG C 66 -22.17 6.71 -24.96
N VAL C 67 -22.78 7.54 -24.13
CA VAL C 67 -23.04 7.16 -22.75
C VAL C 67 -24.54 7.08 -22.57
N ASN C 68 -25.04 5.86 -22.34
CA ASN C 68 -26.47 5.58 -22.21
C ASN C 68 -27.32 6.34 -23.23
N GLY C 69 -27.00 6.10 -24.51
CA GLY C 69 -27.75 6.70 -25.60
C GLY C 69 -27.29 8.07 -26.02
N LYS C 70 -26.73 8.85 -25.09
CA LYS C 70 -26.28 10.21 -25.39
C LYS C 70 -24.90 10.23 -26.05
N GLU C 71 -24.76 11.02 -27.10
CA GLU C 71 -23.47 11.22 -27.76
C GLU C 71 -22.68 12.28 -27.02
N VAL C 72 -21.41 12.02 -26.78
CA VAL C 72 -20.47 13.01 -26.25
C VAL C 72 -19.33 13.13 -27.26
N LYS C 73 -19.03 14.36 -27.71
CA LYS C 73 -17.89 14.58 -28.62
C LYS C 73 -16.63 14.69 -27.81
N SER C 74 -15.53 14.17 -28.34
CA SER C 74 -14.25 14.33 -27.65
C SER C 74 -13.25 15.04 -28.54
N PHE C 75 -12.26 15.67 -27.91
CA PHE C 75 -11.19 16.33 -28.64
C PHE C 75 -9.89 16.08 -27.93
N SER C 76 -8.79 16.38 -28.62
CA SER C 76 -7.43 16.26 -28.12
C SER C 76 -6.64 17.56 -28.33
N GLU C 77 -7.25 18.69 -27.98
CA GLU C 77 -6.67 20.01 -28.21
C GLU C 77 -6.09 20.63 -26.93
N PRO C 78 -4.75 20.59 -26.77
CA PRO C 78 -4.09 21.07 -25.56
C PRO C 78 -4.22 22.58 -25.32
N ASP C 79 -4.35 23.34 -26.41
CA ASP C 79 -4.54 24.80 -26.34
C ASP C 79 -6.03 25.10 -26.43
N ALA C 80 -6.59 25.62 -25.35
CA ALA C 80 -8.04 25.71 -25.21
C ALA C 80 -8.72 26.71 -26.14
N SER C 81 -7.98 27.70 -26.63
CA SER C 81 -8.56 28.69 -27.56
C SER C 81 -9.01 28.10 -28.90
N LYS C 82 -8.56 26.88 -29.22
CA LYS C 82 -8.87 26.23 -30.50
C LYS C 82 -10.11 25.34 -30.45
N LEU C 83 -10.73 25.24 -29.28
CA LEU C 83 -11.84 24.32 -29.11
C LEU C 83 -13.14 24.84 -29.74
N PRO C 84 -13.92 23.95 -30.39
CA PRO C 84 -15.08 24.40 -31.16
C PRO C 84 -16.29 24.72 -30.25
N TRP C 85 -16.04 25.51 -29.21
CA TRP C 85 -17.07 25.82 -28.20
C TRP C 85 -18.25 26.65 -28.70
N LYS C 86 -17.99 27.58 -29.61
CA LYS C 86 -19.06 28.41 -30.19
C LYS C 86 -20.00 27.59 -31.08
N ASP C 87 -19.43 26.66 -31.85
CA ASP C 87 -20.21 25.79 -32.73
C ASP C 87 -21.05 24.79 -31.94
N LEU C 88 -20.55 24.37 -30.79
CA LEU C 88 -21.27 23.42 -29.94
C LEU C 88 -22.19 24.13 -28.93
N ASN C 89 -22.27 25.46 -29.03
CA ASN C 89 -23.14 26.26 -28.16
C ASN C 89 -22.92 25.99 -26.66
N ILE C 90 -21.65 25.92 -26.24
CA ILE C 90 -21.30 25.60 -24.85
C ILE C 90 -21.68 26.72 -23.86
N ASP C 91 -22.48 26.34 -22.86
CA ASP C 91 -22.88 27.27 -21.81
C ASP C 91 -21.77 27.40 -20.74
N VAL C 92 -21.32 26.27 -20.19
CA VAL C 92 -20.24 26.29 -19.18
C VAL C 92 -19.16 25.24 -19.47
N VAL C 93 -17.90 25.65 -19.32
CA VAL C 93 -16.77 24.74 -19.36
C VAL C 93 -16.36 24.40 -17.93
N LEU C 94 -16.32 23.11 -17.60
CA LEU C 94 -15.67 22.66 -16.36
C LEU C 94 -14.20 22.49 -16.66
N GLU C 95 -13.39 23.40 -16.12
CA GLU C 95 -11.96 23.43 -16.36
C GLU C 95 -11.22 22.62 -15.28
N CYS C 96 -10.88 21.39 -15.66
CA CYS C 96 -10.31 20.38 -14.75
C CYS C 96 -8.92 19.85 -15.12
N THR C 97 -8.15 20.60 -15.92
CA THR C 97 -6.86 20.10 -16.39
C THR C 97 -5.73 20.41 -15.43
N GLY C 98 -5.90 21.46 -14.62
CA GLY C 98 -4.82 21.98 -13.78
C GLY C 98 -3.91 22.98 -14.48
N PHE C 99 -4.17 23.28 -15.75
CA PHE C 99 -3.30 24.15 -16.55
C PHE C 99 -3.90 25.51 -16.90
N TYR C 100 -5.09 25.79 -16.39
CA TYR C 100 -5.76 27.06 -16.65
C TYR C 100 -6.26 27.71 -15.35
N THR C 101 -5.50 27.54 -14.27
CA THR C 101 -5.91 27.97 -12.91
C THR C 101 -5.72 29.47 -12.62
N ASP C 102 -6.15 30.31 -13.56
CA ASP C 102 -6.01 31.75 -13.43
C ASP C 102 -6.98 32.41 -14.41
N LYS C 103 -7.53 33.58 -14.03
CA LYS C 103 -8.61 34.23 -14.83
C LYS C 103 -8.26 34.49 -16.30
N ASP C 104 -7.04 34.96 -16.55
CA ASP C 104 -6.62 35.30 -17.90
C ASP C 104 -6.34 34.03 -18.71
N LYS C 105 -5.68 33.04 -18.11
CA LYS C 105 -5.50 31.75 -18.77
C LYS C 105 -6.81 31.09 -19.18
N ALA C 106 -7.79 31.05 -18.27
CA ALA C 106 -9.09 30.38 -18.52
C ALA C 106 -9.99 31.16 -19.48
N GLN C 107 -9.67 32.45 -19.66
CA GLN C 107 -10.32 33.30 -20.66
C GLN C 107 -10.26 32.71 -22.09
N ALA C 108 -9.30 31.82 -22.33
CA ALA C 108 -9.18 31.11 -23.61
C ALA C 108 -10.45 30.36 -24.02
N HIS C 109 -11.16 29.81 -23.04
CA HIS C 109 -12.41 29.11 -23.34
C HIS C 109 -13.49 30.05 -23.88
N ILE C 110 -13.56 31.27 -23.32
CA ILE C 110 -14.56 32.28 -23.71
C ILE C 110 -14.29 32.74 -25.15
N GLU C 111 -13.01 32.95 -25.47
CA GLU C 111 -12.56 33.31 -26.81
C GLU C 111 -12.97 32.21 -27.81
N ALA C 112 -12.92 30.95 -27.35
CA ALA C 112 -13.32 29.81 -28.16
C ALA C 112 -14.85 29.68 -28.30
N GLY C 113 -15.59 30.44 -27.49
CA GLY C 113 -17.03 30.54 -27.66
C GLY C 113 -17.90 30.04 -26.52
N ALA C 114 -17.31 29.59 -25.42
CA ALA C 114 -18.06 29.22 -24.24
C ALA C 114 -18.56 30.47 -23.50
N LYS C 115 -19.76 30.40 -22.94
CA LYS C 115 -20.31 31.53 -22.19
C LYS C 115 -19.66 31.74 -20.82
N LYS C 116 -19.31 30.66 -20.14
CA LYS C 116 -18.76 30.73 -18.77
C LYS C 116 -17.78 29.60 -18.49
N VAL C 117 -16.88 29.84 -17.55
CA VAL C 117 -15.85 28.87 -17.14
C VAL C 117 -15.87 28.67 -15.62
N LEU C 118 -16.01 27.41 -15.20
CA LEU C 118 -15.87 27.05 -13.79
C LEU C 118 -14.64 26.19 -13.63
N ILE C 119 -13.67 26.68 -12.85
CA ILE C 119 -12.38 26.02 -12.66
C ILE C 119 -12.38 25.12 -11.42
N SER C 120 -11.87 23.90 -11.59
CA SER C 120 -11.94 22.87 -10.55
C SER C 120 -10.75 22.93 -9.58
N ALA C 121 -10.32 24.15 -9.21
CA ALA C 121 -9.19 24.33 -8.29
C ALA C 121 -9.16 25.79 -7.86
N PRO C 122 -8.33 26.14 -6.85
CA PRO C 122 -8.14 27.57 -6.59
C PRO C 122 -7.51 28.24 -7.80
N ALA C 123 -7.82 29.52 -8.01
CA ALA C 123 -7.36 30.27 -9.17
C ALA C 123 -7.08 31.72 -8.81
N THR C 124 -6.01 32.24 -9.41
CA THR C 124 -5.59 33.65 -9.26
C THR C 124 -6.34 34.59 -10.22
N GLY C 125 -6.40 35.87 -9.87
CA GLY C 125 -6.99 36.89 -10.72
C GLY C 125 -8.31 37.43 -10.18
N ASP C 126 -8.90 38.36 -10.92
CA ASP C 126 -10.15 38.99 -10.51
C ASP C 126 -11.33 38.04 -10.72
N LEU C 127 -11.53 37.13 -9.77
CA LEU C 127 -12.61 36.17 -9.86
C LEU C 127 -13.10 35.74 -8.49
N LYS C 128 -14.33 35.21 -8.46
CA LYS C 128 -14.92 34.66 -7.24
C LYS C 128 -14.50 33.20 -7.01
N THR C 129 -14.23 32.88 -5.74
CA THR C 129 -13.89 31.53 -5.30
C THR C 129 -15.02 31.03 -4.43
N ILE C 130 -15.67 29.95 -4.87
CA ILE C 130 -16.97 29.58 -4.36
C ILE C 130 -16.98 28.19 -3.74
N VAL C 131 -17.30 28.14 -2.44
CA VAL C 131 -17.61 26.90 -1.73
C VAL C 131 -19.12 26.81 -1.57
N PHE C 132 -19.72 25.84 -2.25
CA PHE C 132 -21.15 25.69 -2.21
C PHE C 132 -21.71 25.50 -0.80
N ASN C 133 -22.76 26.27 -0.50
CA ASN C 133 -23.42 26.31 0.81
C ASN C 133 -22.64 27.03 1.90
N THR C 134 -21.54 27.67 1.53
CA THR C 134 -20.83 28.59 2.42
C THR C 134 -20.90 29.99 1.85
N ASN C 135 -20.53 30.16 0.57
CA ASN C 135 -20.59 31.48 -0.11
C ASN C 135 -21.08 31.53 -1.58
N HIS C 136 -21.89 30.57 -2.01
CA HIS C 136 -22.36 30.58 -3.40
C HIS C 136 -23.33 31.73 -3.68
N GLN C 137 -23.94 32.27 -2.64
CA GLN C 137 -24.87 33.40 -2.82
C GLN C 137 -24.15 34.72 -3.19
N GLU C 138 -22.82 34.66 -3.31
CA GLU C 138 -22.04 35.78 -3.81
C GLU C 138 -22.03 35.80 -5.33
N LEU C 139 -22.48 34.71 -5.94
CA LEU C 139 -22.64 34.66 -7.39
C LEU C 139 -23.93 35.37 -7.79
N ASP C 140 -23.90 36.07 -8.92
CA ASP C 140 -25.10 36.76 -9.41
C ASP C 140 -25.51 36.37 -10.82
N GLY C 141 -24.73 35.49 -11.45
CA GLY C 141 -25.06 34.99 -12.79
C GLY C 141 -24.30 35.65 -13.93
N SER C 142 -23.79 36.86 -13.68
CA SER C 142 -23.03 37.60 -14.70
C SER C 142 -21.56 37.23 -14.77
N GLU C 143 -21.09 36.36 -13.87
CA GLU C 143 -19.67 35.94 -13.84
C GLU C 143 -19.33 35.12 -15.07
N THR C 144 -18.10 35.27 -15.53
CA THR C 144 -17.64 34.61 -16.74
C THR C 144 -16.60 33.53 -16.39
N VAL C 145 -15.79 33.78 -15.37
CA VAL C 145 -14.83 32.80 -14.89
C VAL C 145 -14.93 32.74 -13.38
N VAL C 146 -15.10 31.53 -12.86
CA VAL C 146 -15.31 31.30 -11.44
C VAL C 146 -14.41 30.15 -10.94
N SER C 147 -13.95 30.27 -9.70
CA SER C 147 -13.19 29.18 -9.07
C SER C 147 -14.09 28.34 -8.16
N GLY C 148 -13.89 27.03 -8.17
CA GLY C 148 -14.63 26.16 -7.24
C GLY C 148 -13.86 25.84 -5.96
N ALA C 149 -12.89 26.70 -5.63
CA ALA C 149 -11.91 26.44 -4.57
C ALA C 149 -11.20 25.08 -4.71
N SER C 150 -10.67 24.57 -3.60
CA SER C 150 -9.98 23.27 -3.57
C SER C 150 -10.79 22.26 -2.76
N CYS C 151 -10.31 21.01 -2.74
CA CYS C 151 -10.92 19.96 -1.91
C CYS C 151 -10.82 20.35 -0.43
N THR C 152 -9.65 20.82 -0.01
CA THR C 152 -9.41 21.15 1.37
C THR C 152 -10.24 22.36 1.80
N THR C 153 -10.42 23.33 0.90
CA THR C 153 -11.19 24.52 1.23
C THR C 153 -12.65 24.14 1.47
N ASN C 154 -13.19 23.28 0.62
CA ASN C 154 -14.55 22.81 0.75
C ASN C 154 -14.80 22.03 2.03
N SER C 155 -13.76 21.33 2.52
CA SER C 155 -13.86 20.63 3.82
C SER C 155 -13.77 21.62 5.01
N LEU C 156 -12.98 22.67 4.85
CA LEU C 156 -12.66 23.61 5.92
C LEU C 156 -13.73 24.69 6.19
N ALA C 157 -14.22 25.30 5.11
CA ALA C 157 -15.00 26.53 5.19
C ALA C 157 -16.27 26.43 6.04
N PRO C 158 -17.08 25.35 5.87
CA PRO C 158 -18.27 25.22 6.73
C PRO C 158 -17.90 25.10 8.20
N VAL C 159 -16.77 24.44 8.48
CA VAL C 159 -16.30 24.26 9.85
C VAL C 159 -15.85 25.60 10.43
N ALA C 160 -14.98 26.31 9.70
CA ALA C 160 -14.45 27.61 10.14
C ALA C 160 -15.56 28.62 10.32
N LYS C 161 -16.56 28.58 9.44
CA LYS C 161 -17.73 29.48 9.53
C LYS C 161 -18.56 29.31 10.81
N VAL C 162 -18.78 28.06 11.23
CA VAL C 162 -19.47 27.80 12.52
C VAL C 162 -18.61 28.25 13.70
N LEU C 163 -17.33 27.92 13.67
CA LEU C 163 -16.41 28.35 14.71
C LEU C 163 -16.45 29.86 14.89
N ASN C 164 -16.40 30.60 13.78
CA ASN C 164 -16.40 32.05 13.86
C ASN C 164 -17.74 32.64 14.26
N ASP C 165 -18.82 32.22 13.60
CA ASP C 165 -20.17 32.76 13.87
C ASP C 165 -20.60 32.51 15.33
N ASP C 166 -20.36 31.30 15.81
CA ASP C 166 -20.89 30.90 17.13
C ASP C 166 -19.93 31.19 18.30
N PHE C 167 -18.63 31.25 18.01
CA PHE C 167 -17.63 31.36 19.09
C PHE C 167 -16.63 32.51 18.93
N GLY C 168 -16.52 33.06 17.73
CA GLY C 168 -15.58 34.16 17.45
C GLY C 168 -14.17 33.63 17.29
N LEU C 169 -13.73 33.47 16.04
CA LEU C 169 -12.40 32.94 15.75
C LEU C 169 -11.32 34.00 15.93
N VAL C 170 -10.33 33.71 16.77
CA VAL C 170 -9.20 34.61 16.95
C VAL C 170 -8.11 34.17 15.96
N GLU C 171 -7.69 32.92 16.04
CA GLU C 171 -6.71 32.39 15.07
C GLU C 171 -6.70 30.87 15.06
N GLY C 172 -6.04 30.29 14.05
CA GLY C 172 -5.95 28.84 13.98
C GLY C 172 -4.97 28.30 12.97
N LEU C 173 -4.55 27.06 13.22
CA LEU C 173 -3.65 26.31 12.36
C LEU C 173 -4.25 24.96 11.96
N MET C 174 -4.00 24.57 10.71
CA MET C 174 -4.60 23.39 10.11
C MET C 174 -3.53 22.37 9.68
N THR C 175 -3.86 21.09 9.82
CA THR C 175 -3.18 20.02 9.11
C THR C 175 -4.21 19.15 8.43
N THR C 176 -4.08 19.03 7.12
CA THR C 176 -4.87 18.11 6.33
C THR C 176 -4.04 16.81 6.06
N ILE C 177 -4.64 15.68 6.40
CA ILE C 177 -4.06 14.37 6.13
C ILE C 177 -4.75 13.84 4.88
N ASN C 178 -3.98 13.84 3.80
CA ASN C 178 -4.46 13.76 2.43
C ASN C 178 -4.09 12.49 1.69
N ALA C 179 -5.07 11.90 1.02
CA ALA C 179 -4.82 10.90 0.00
C ALA C 179 -3.87 11.48 -1.04
N TYR C 180 -2.97 10.64 -1.54
CA TYR C 180 -2.08 11.04 -2.59
C TYR C 180 -2.85 11.28 -3.89
N THR C 181 -2.32 12.21 -4.69
CA THR C 181 -2.95 12.63 -5.94
C THR C 181 -2.00 12.57 -7.15
N GLY C 182 -2.53 12.89 -8.32
CA GLY C 182 -1.82 12.67 -9.58
C GLY C 182 -0.64 13.59 -9.84
N ASP C 183 -0.47 14.62 -9.01
CA ASP C 183 0.66 15.52 -9.11
C ASP C 183 1.91 14.97 -8.37
N GLN C 184 1.83 13.73 -7.92
CA GLN C 184 2.94 13.05 -7.25
C GLN C 184 3.46 11.93 -8.14
N ASN C 185 4.68 11.48 -7.88
CA ASN C 185 5.33 10.45 -8.68
C ASN C 185 5.08 9.05 -8.10
N THR C 186 5.06 8.01 -8.95
CA THR C 186 4.89 6.63 -8.46
C THR C 186 6.16 6.17 -7.73
N GLN C 187 7.31 6.55 -8.27
CA GLN C 187 8.60 6.24 -7.66
C GLN C 187 9.34 7.56 -7.52
N ASP C 188 10.24 7.66 -6.53
CA ASP C 188 11.17 8.77 -6.47
C ASP C 188 11.68 9.11 -7.89
N ALA C 189 11.42 10.34 -8.33
CA ALA C 189 11.88 10.85 -9.63
C ALA C 189 11.85 12.37 -9.60
N PRO C 190 12.55 13.01 -10.55
CA PRO C 190 12.47 14.46 -10.66
C PRO C 190 11.03 14.90 -10.75
N HIS C 191 10.69 15.92 -10.00
CA HIS C 191 9.33 16.45 -10.01
C HIS C 191 9.30 17.71 -10.88
N ARG C 192 8.34 17.76 -11.81
CA ARG C 192 8.21 18.87 -12.79
C ARG C 192 8.17 20.28 -12.15
N LYS C 193 7.68 20.37 -10.92
CA LYS C 193 7.50 21.66 -10.27
C LYS C 193 8.62 21.98 -9.27
N GLY C 194 9.66 21.16 -9.27
CA GLY C 194 10.80 21.35 -8.36
C GLY C 194 10.50 21.00 -6.90
N ASP C 195 9.39 20.31 -6.66
CA ASP C 195 9.01 19.96 -5.29
C ASP C 195 9.67 18.65 -4.88
N LYS C 196 10.62 18.75 -3.96
CA LYS C 196 11.45 17.61 -3.55
C LYS C 196 10.68 16.56 -2.75
N ARG C 197 9.48 16.90 -2.28
CA ARG C 197 8.64 15.97 -1.51
C ARG C 197 7.59 15.27 -2.38
N ARG C 198 6.87 16.04 -3.22
CA ARG C 198 6.08 15.44 -4.29
C ARG C 198 6.89 14.62 -5.30
N ALA C 199 8.22 14.76 -5.24
CA ALA C 199 9.11 13.91 -6.05
C ALA C 199 9.13 12.43 -5.62
N ARG C 200 8.76 12.18 -4.36
CA ARG C 200 8.89 10.87 -3.72
C ARG C 200 7.70 9.92 -3.95
N ALA C 201 8.00 8.63 -3.98
CA ALA C 201 7.01 7.55 -4.13
C ALA C 201 5.79 7.82 -3.31
N ALA C 202 4.71 8.24 -3.98
CA ALA C 202 3.48 8.65 -3.31
C ALA C 202 2.89 7.59 -2.34
N ALA C 203 2.92 6.31 -2.74
CA ALA C 203 2.22 5.29 -1.95
C ALA C 203 3.08 4.61 -0.89
N GLU C 204 4.29 5.10 -0.68
CA GLU C 204 5.22 4.50 0.28
C GLU C 204 5.67 5.48 1.34
N ASN C 205 5.02 6.65 1.42
CA ASN C 205 5.53 7.73 2.26
C ASN C 205 4.48 8.60 2.86
N ILE C 206 4.77 9.08 4.07
CA ILE C 206 4.14 10.27 4.65
C ILE C 206 4.92 11.44 4.10
N ILE C 207 4.24 12.33 3.39
CA ILE C 207 4.91 13.39 2.65
C ILE C 207 4.33 14.75 3.05
N PRO C 208 5.11 15.55 3.80
CA PRO C 208 4.64 16.91 4.11
C PRO C 208 4.50 17.74 2.82
N ASN C 209 3.50 18.61 2.75
CA ASN C 209 3.39 19.49 1.59
C ASN C 209 2.57 20.74 1.88
N SER C 210 2.74 21.74 1.02
CA SER C 210 2.07 23.01 1.21
C SER C 210 0.63 22.95 0.68
N THR C 211 -0.22 23.80 1.24
CA THR C 211 -1.55 23.99 0.73
C THR C 211 -1.93 25.40 1.14
N GLY C 212 -2.82 26.02 0.37
CA GLY C 212 -3.25 27.39 0.64
C GLY C 212 -4.67 27.43 1.18
N ALA C 213 -5.25 26.26 1.42
CA ALA C 213 -6.63 26.16 1.91
C ALA C 213 -6.91 26.99 3.17
N ALA C 214 -5.99 26.95 4.13
CA ALA C 214 -6.18 27.76 5.33
C ALA C 214 -5.75 29.21 5.04
N LYS C 215 -4.53 29.38 4.53
CA LYS C 215 -3.97 30.71 4.25
C LYS C 215 -4.89 31.60 3.39
N ALA C 216 -5.59 31.00 2.44
CA ALA C 216 -6.44 31.75 1.50
C ALA C 216 -7.95 31.63 1.78
N ILE C 217 -8.31 31.19 2.99
CA ILE C 217 -9.73 31.04 3.37
C ILE C 217 -10.53 32.35 3.21
N GLY C 218 -9.84 33.49 3.33
CA GLY C 218 -10.48 34.83 3.27
C GLY C 218 -11.18 35.13 1.95
N LYS C 219 -10.76 34.44 0.89
CA LYS C 219 -11.47 34.47 -0.39
C LYS C 219 -12.89 33.90 -0.30
N VAL C 220 -13.11 33.03 0.68
CA VAL C 220 -14.41 32.39 0.84
C VAL C 220 -15.13 32.95 2.07
N ILE C 221 -14.37 33.21 3.13
CA ILE C 221 -14.94 33.80 4.34
C ILE C 221 -14.14 35.06 4.69
N PRO C 222 -14.54 36.22 4.12
CA PRO C 222 -13.77 37.45 4.27
C PRO C 222 -13.54 37.85 5.74
N GLU C 223 -14.52 37.63 6.61
CA GLU C 223 -14.41 38.09 8.00
C GLU C 223 -13.36 37.34 8.86
N ILE C 224 -12.70 36.32 8.30
CA ILE C 224 -11.64 35.56 9.00
C ILE C 224 -10.34 35.53 8.19
N ASP C 225 -10.23 36.45 7.24
CA ASP C 225 -9.08 36.56 6.35
C ASP C 225 -7.79 36.80 7.16
N GLY C 226 -6.79 35.98 6.94
CA GLY C 226 -5.52 36.08 7.66
C GLY C 226 -5.47 35.32 8.97
N LYS C 227 -6.60 34.80 9.43
CA LYS C 227 -6.66 34.15 10.74
C LYS C 227 -6.31 32.65 10.74
N LEU C 228 -6.24 32.04 9.56
CA LEU C 228 -5.85 30.62 9.48
C LEU C 228 -4.62 30.39 8.62
N ASP C 229 -3.87 29.33 8.94
CA ASP C 229 -2.82 28.82 8.07
C ASP C 229 -2.66 27.34 8.39
N GLY C 230 -1.73 26.68 7.70
CA GLY C 230 -1.49 25.26 7.90
C GLY C 230 -0.90 24.60 6.67
N GLY C 231 -0.84 23.28 6.68
CA GLY C 231 -0.22 22.52 5.61
C GLY C 231 -0.88 21.16 5.44
N ALA C 232 -0.20 20.27 4.75
CA ALA C 232 -0.72 18.96 4.39
C ALA C 232 0.27 17.85 4.69
N GLN C 233 -0.27 16.66 4.92
CA GLN C 233 0.52 15.47 5.02
C GLN C 233 -0.16 14.48 4.11
N ARG C 234 0.53 14.16 3.01
CA ARG C 234 0.01 13.23 2.02
C ARG C 234 0.44 11.82 2.35
N VAL C 235 -0.52 10.91 2.39
CA VAL C 235 -0.25 9.57 2.91
C VAL C 235 -0.85 8.53 1.97
N PRO C 236 -0.38 7.27 2.10
CA PRO C 236 -0.79 6.25 1.12
C PRO C 236 -2.22 5.67 1.24
N VAL C 237 -3.22 6.52 1.09
CA VAL C 237 -4.54 6.04 0.73
C VAL C 237 -4.84 6.70 -0.62
N ALA C 238 -5.53 5.99 -1.50
CA ALA C 238 -5.70 6.49 -2.87
C ALA C 238 -6.75 7.60 -3.04
N THR C 239 -7.77 7.62 -2.17
CA THR C 239 -8.70 8.77 -2.05
C THR C 239 -9.32 8.80 -0.66
N GLY C 240 -9.75 10.00 -0.21
CA GLY C 240 -10.34 10.19 1.11
C GLY C 240 -9.37 10.90 2.03
N SER C 241 -9.81 11.98 2.68
CA SER C 241 -8.91 12.84 3.46
C SER C 241 -9.52 13.32 4.77
N LEU C 242 -8.69 13.96 5.60
CA LEU C 242 -9.16 14.51 6.86
C LEU C 242 -8.49 15.84 7.17
N THR C 243 -9.32 16.86 7.43
CA THR C 243 -8.85 18.17 7.85
C THR C 243 -8.97 18.29 9.37
N GLU C 244 -7.85 18.58 10.04
CA GLU C 244 -7.77 18.86 11.48
C GLU C 244 -7.48 20.32 11.69
N LEU C 245 -8.27 20.99 12.53
CA LEU C 245 -8.14 22.43 12.75
C LEU C 245 -8.11 22.73 14.25
N THR C 246 -7.06 23.44 14.68
CA THR C 246 -6.79 23.81 16.07
C THR C 246 -6.91 25.32 16.19
N VAL C 247 -7.84 25.78 17.01
CA VAL C 247 -8.20 27.19 17.03
C VAL C 247 -8.15 27.82 18.43
N VAL C 248 -8.05 29.14 18.44
CA VAL C 248 -8.24 29.97 19.63
C VAL C 248 -9.52 30.75 19.37
N LEU C 249 -10.35 30.87 20.41
CA LEU C 249 -11.69 31.46 20.28
C LEU C 249 -11.91 32.65 21.21
N GLU C 250 -12.88 33.51 20.88
CA GLU C 250 -13.29 34.62 21.75
C GLU C 250 -14.14 34.14 22.94
N LYS C 251 -15.07 33.23 22.68
CA LYS C 251 -15.84 32.60 23.75
C LYS C 251 -14.93 31.83 24.68
N GLN C 252 -15.27 31.88 25.96
CA GLN C 252 -14.46 31.25 27.01
C GLN C 252 -15.22 30.07 27.60
N ASP C 253 -14.50 29.14 28.24
CA ASP C 253 -15.10 27.93 28.83
C ASP C 253 -15.94 27.14 27.81
N VAL C 254 -15.40 26.99 26.61
CA VAL C 254 -16.06 26.25 25.54
C VAL C 254 -15.95 24.77 25.84
N THR C 255 -17.02 24.03 25.57
CA THR C 255 -17.00 22.58 25.76
C THR C 255 -17.09 21.86 24.43
N VAL C 256 -16.69 20.58 24.42
CA VAL C 256 -16.89 19.67 23.30
C VAL C 256 -18.36 19.61 22.86
N GLU C 257 -19.27 19.49 23.82
CA GLU C 257 -20.69 19.43 23.53
C GLU C 257 -21.15 20.67 22.76
N GLN C 258 -20.77 21.86 23.23
CA GLN C 258 -21.17 23.07 22.55
C GLN C 258 -20.67 23.09 21.10
N VAL C 259 -19.41 22.67 20.90
CA VAL C 259 -18.81 22.72 19.58
C VAL C 259 -19.51 21.72 18.63
N ASN C 260 -19.71 20.49 19.11
CA ASN C 260 -20.42 19.46 18.35
C ASN C 260 -21.86 19.83 17.97
N GLU C 261 -22.56 20.45 18.92
CA GLU C 261 -23.95 20.82 18.72
C GLU C 261 -24.08 21.91 17.66
N ALA C 262 -23.18 22.89 17.69
CA ALA C 262 -23.20 23.98 16.72
C ALA C 262 -22.95 23.45 15.29
N MET C 263 -22.06 22.49 15.17
CA MET C 263 -21.79 21.84 13.89
C MET C 263 -23.00 21.05 13.38
N LYS C 264 -23.61 20.24 14.26
CA LYS C 264 -24.82 19.49 13.91
C LYS C 264 -25.91 20.43 13.41
N ASN C 265 -26.11 21.54 14.10
CA ASN C 265 -27.10 22.56 13.74
C ASN C 265 -26.87 23.21 12.38
N ALA C 266 -25.66 23.12 11.86
CA ALA C 266 -25.34 23.75 10.57
C ALA C 266 -25.33 22.72 9.44
N SER C 267 -25.65 21.47 9.74
CA SER C 267 -25.57 20.43 8.72
C SER C 267 -26.61 20.64 7.61
N ASN C 268 -26.24 20.21 6.40
CA ASN C 268 -27.05 20.25 5.19
C ASN C 268 -26.40 19.31 4.17
N GLU C 269 -26.77 19.44 2.89
CA GLU C 269 -26.26 18.54 1.84
C GLU C 269 -24.76 18.68 1.53
N SER C 270 -24.18 19.85 1.85
CA SER C 270 -22.73 20.05 1.74
C SER C 270 -21.96 19.73 3.03
N PHE C 271 -22.59 19.93 4.17
CA PHE C 271 -21.90 19.77 5.46
C PHE C 271 -22.50 18.63 6.27
N GLY C 272 -21.80 17.51 6.31
CA GLY C 272 -22.26 16.33 7.03
C GLY C 272 -21.89 16.38 8.51
N TYR C 273 -22.60 15.59 9.30
CA TYR C 273 -22.32 15.42 10.73
C TYR C 273 -22.44 13.94 11.09
N THR C 274 -21.44 13.43 11.82
CA THR C 274 -21.38 12.05 12.27
C THR C 274 -20.73 11.86 13.65
N GLU C 275 -21.26 10.91 14.41
CA GLU C 275 -20.66 10.50 15.68
C GLU C 275 -20.17 9.06 15.61
N ASP C 276 -20.10 8.52 14.40
CA ASP C 276 -19.59 7.17 14.21
C ASP C 276 -18.07 7.14 14.10
N GLU C 277 -17.46 6.10 14.65
CA GLU C 277 -16.00 5.97 14.58
C GLU C 277 -15.53 5.46 13.21
N ILE C 278 -15.67 6.29 12.20
CA ILE C 278 -15.34 5.90 10.83
C ILE C 278 -13.87 6.05 10.53
N VAL C 279 -13.45 5.59 9.35
CA VAL C 279 -12.08 5.74 8.87
C VAL C 279 -12.16 6.21 7.41
N SER C 280 -11.04 6.53 6.79
CA SER C 280 -11.07 7.19 5.48
C SER C 280 -11.82 6.42 4.37
N SER C 281 -11.71 5.09 4.30
CA SER C 281 -12.41 4.34 3.23
C SER C 281 -13.93 4.51 3.27
N ASP C 282 -14.45 4.86 4.46
CA ASP C 282 -15.91 5.09 4.66
C ASP C 282 -16.41 6.38 4.04
N VAL C 283 -15.48 7.25 3.66
CA VAL C 283 -15.88 8.51 3.03
C VAL C 283 -15.71 8.45 1.51
N VAL C 284 -15.14 7.36 1.01
CA VAL C 284 -14.94 7.20 -0.45
C VAL C 284 -16.29 7.26 -1.17
N GLY C 285 -16.42 8.25 -2.06
CA GLY C 285 -17.62 8.39 -2.86
C GLY C 285 -18.74 9.20 -2.24
N MET C 286 -18.54 9.73 -1.02
CA MET C 286 -19.61 10.52 -0.37
C MET C 286 -19.78 11.88 -1.07
N THR C 287 -20.96 12.48 -0.91
CA THR C 287 -21.27 13.69 -1.63
C THR C 287 -21.35 14.92 -0.73
N TYR C 288 -21.06 14.74 0.57
CA TYR C 288 -20.87 15.87 1.45
C TYR C 288 -19.56 16.53 1.05
N GLY C 289 -19.54 17.86 1.00
CA GLY C 289 -18.31 18.62 0.81
C GLY C 289 -17.39 18.46 2.01
N SER C 290 -17.99 18.24 3.18
CA SER C 290 -17.25 18.16 4.44
C SER C 290 -18.05 17.32 5.42
N LEU C 291 -17.42 16.36 6.08
CA LEU C 291 -18.14 15.52 7.04
C LEU C 291 -17.54 15.68 8.41
N PHE C 292 -18.19 16.53 9.22
CA PHE C 292 -17.72 16.82 10.57
C PHE C 292 -17.81 15.58 11.46
N ASP C 293 -16.72 15.28 12.16
CA ASP C 293 -16.62 14.07 12.96
C ASP C 293 -16.53 14.43 14.41
N ALA C 294 -17.66 14.31 15.11
CA ALA C 294 -17.80 14.75 16.50
C ALA C 294 -16.96 13.92 17.46
N THR C 295 -16.55 12.72 17.02
CA THR C 295 -15.69 11.87 17.85
C THR C 295 -14.26 12.38 18.00
N GLN C 296 -13.86 13.34 17.15
CA GLN C 296 -12.47 13.86 17.18
C GLN C 296 -12.32 15.25 17.87
N THR C 297 -13.45 15.87 18.19
CA THR C 297 -13.45 17.17 18.90
C THR C 297 -12.78 17.07 20.27
N ARG C 298 -11.90 18.02 20.54
CA ARG C 298 -11.13 18.14 21.79
C ARG C 298 -11.07 19.58 22.21
N VAL C 299 -11.19 19.79 23.51
CA VAL C 299 -10.97 21.10 24.11
C VAL C 299 -9.87 20.90 25.16
N MET C 300 -8.77 21.62 25.00
CA MET C 300 -7.73 21.72 26.01
C MET C 300 -7.92 23.03 26.78
N SER C 301 -8.12 22.91 28.09
CA SER C 301 -8.30 24.06 28.98
C SER C 301 -7.17 24.13 30.01
N VAL C 302 -6.48 25.26 30.07
CA VAL C 302 -5.50 25.51 31.12
C VAL C 302 -5.82 26.89 31.67
N GLY C 303 -6.25 26.95 32.93
CA GLY C 303 -6.82 28.18 33.48
C GLY C 303 -7.93 28.68 32.59
N ASP C 304 -7.86 29.96 32.23
CA ASP C 304 -8.85 30.58 31.36
C ASP C 304 -8.54 30.38 29.86
N ARG C 305 -7.47 29.66 29.55
CA ARG C 305 -6.95 29.61 28.17
C ARG C 305 -7.24 28.28 27.48
N GLN C 306 -7.95 28.33 26.35
CA GLN C 306 -8.35 27.10 25.66
C GLN C 306 -7.87 27.00 24.23
N LEU C 307 -7.56 25.78 23.80
CA LEU C 307 -7.44 25.39 22.39
C LEU C 307 -8.59 24.45 22.05
N VAL C 308 -9.22 24.68 20.91
CA VAL C 308 -10.30 23.83 20.41
C VAL C 308 -9.80 23.16 19.12
N LYS C 309 -9.84 21.83 19.11
CA LYS C 309 -9.51 21.06 17.92
C LYS C 309 -10.70 20.27 17.40
N VAL C 310 -10.88 20.31 16.08
CA VAL C 310 -11.92 19.57 15.41
C VAL C 310 -11.39 18.97 14.12
N ALA C 311 -12.14 18.01 13.59
CA ALA C 311 -11.75 17.30 12.38
C ALA C 311 -12.96 16.99 11.49
N ALA C 312 -12.77 17.18 10.20
CA ALA C 312 -13.80 16.90 9.23
C ALA C 312 -13.22 16.07 8.06
N TRP C 313 -13.92 15.00 7.70
CA TRP C 313 -13.53 14.12 6.58
C TRP C 313 -13.96 14.76 5.29
N TYR C 314 -13.24 14.46 4.21
CA TYR C 314 -13.72 14.70 2.84
C TYR C 314 -13.15 13.68 1.88
N ASP C 315 -13.95 13.25 0.91
CA ASP C 315 -13.37 12.56 -0.21
C ASP C 315 -12.84 13.66 -1.13
N ASN C 316 -11.53 13.82 -1.16
CA ASN C 316 -10.95 14.88 -1.98
C ASN C 316 -11.48 14.82 -3.42
N GLU C 317 -11.81 13.60 -3.88
CA GLU C 317 -12.40 13.40 -5.21
C GLU C 317 -13.90 13.72 -5.20
N MET C 318 -14.72 12.79 -4.72
CA MET C 318 -16.18 12.96 -4.80
C MET C 318 -16.79 14.10 -3.96
N SER C 319 -16.26 14.36 -2.77
CA SER C 319 -16.77 15.51 -1.98
C SER C 319 -16.62 16.80 -2.79
N TYR C 320 -15.42 17.04 -3.31
CA TYR C 320 -15.11 18.21 -4.12
C TYR C 320 -15.96 18.25 -5.37
N THR C 321 -16.04 17.09 -6.05
CA THR C 321 -16.82 16.99 -7.27
C THR C 321 -18.29 17.34 -7.02
N ALA C 322 -18.89 16.80 -5.95
CA ALA C 322 -20.28 17.10 -5.64
C ALA C 322 -20.48 18.61 -5.38
N GLN C 323 -19.55 19.22 -4.67
CA GLN C 323 -19.54 20.68 -4.46
C GLN C 323 -19.40 21.45 -5.77
N LEU C 324 -18.47 21.03 -6.62
CA LEU C 324 -18.26 21.68 -7.93
C LEU C 324 -19.52 21.64 -8.80
N VAL C 325 -20.18 20.49 -8.85
CA VAL C 325 -21.38 20.33 -9.67
C VAL C 325 -22.58 21.10 -9.09
N ARG C 326 -22.65 21.24 -7.77
CA ARG C 326 -23.65 22.12 -7.13
C ARG C 326 -23.45 23.59 -7.56
N THR C 327 -22.22 24.07 -7.44
CA THR C 327 -21.88 25.43 -7.86
C THR C 327 -22.12 25.58 -9.37
N LEU C 328 -21.79 24.55 -10.16
CA LEU C 328 -22.08 24.56 -11.61
C LEU C 328 -23.55 24.82 -11.93
N ALA C 329 -24.45 24.04 -11.30
CA ALA C 329 -25.90 24.19 -11.50
C ALA C 329 -26.45 25.55 -11.07
N TYR C 330 -25.94 26.07 -9.95
CA TYR C 330 -26.34 27.38 -9.45
C TYR C 330 -25.91 28.50 -10.43
N LEU C 331 -24.65 28.46 -10.85
CA LEU C 331 -24.13 29.42 -11.82
C LEU C 331 -24.96 29.41 -13.12
N ALA C 332 -25.34 28.22 -13.59
CA ALA C 332 -26.21 28.07 -14.76
C ALA C 332 -27.63 28.58 -14.47
N GLU C 333 -28.18 28.15 -13.34
CA GLU C 333 -29.47 28.66 -12.86
C GLU C 333 -29.60 30.18 -12.94
N LEU C 334 -28.64 30.90 -12.34
CA LEU C 334 -28.69 32.36 -12.23
C LEU C 334 -28.81 33.08 -13.57
N SER C 335 -28.11 32.59 -14.58
CA SER C 335 -28.28 33.07 -15.95
C SER C 335 -29.21 32.15 -16.75
N ALA D 2 -39.93 -18.21 4.86
CA ALA D 2 -38.48 -18.12 4.50
C ALA D 2 -37.63 -19.14 5.24
N VAL D 3 -36.54 -19.56 4.60
CA VAL D 3 -35.53 -20.46 5.21
C VAL D 3 -34.74 -19.73 6.32
N LYS D 4 -34.69 -20.32 7.51
CA LYS D 4 -34.02 -19.69 8.63
C LYS D 4 -32.52 -20.01 8.67
N VAL D 5 -31.70 -18.97 8.48
CA VAL D 5 -30.25 -19.12 8.41
C VAL D 5 -29.62 -18.61 9.70
N ALA D 6 -28.60 -19.31 10.19
CA ALA D 6 -27.69 -18.75 11.18
C ALA D 6 -26.33 -18.62 10.56
N ILE D 7 -25.61 -17.56 10.93
CA ILE D 7 -24.24 -17.36 10.47
C ILE D 7 -23.28 -17.49 11.66
N ASN D 8 -22.42 -18.49 11.59
CA ASN D 8 -21.40 -18.69 12.60
C ASN D 8 -20.12 -18.07 12.04
N GLY D 9 -19.63 -17.04 12.73
CA GLY D 9 -18.49 -16.28 12.23
C GLY D 9 -18.92 -15.10 11.38
N PHE D 10 -19.11 -13.95 12.03
CA PHE D 10 -19.54 -12.75 11.34
C PHE D 10 -18.31 -12.00 10.82
N GLY D 11 -17.48 -12.71 10.05
CA GLY D 11 -16.22 -12.14 9.54
C GLY D 11 -16.40 -11.60 8.13
N ARG D 12 -15.33 -11.60 7.33
CA ARG D 12 -15.44 -11.11 5.96
C ARG D 12 -16.55 -11.85 5.19
N ILE D 13 -16.48 -13.19 5.15
CA ILE D 13 -17.47 -13.99 4.40
C ILE D 13 -18.85 -13.93 5.02
N GLY D 14 -18.91 -14.07 6.35
CA GLY D 14 -20.17 -14.06 7.09
C GLY D 14 -20.97 -12.76 6.95
N ARG D 15 -20.29 -11.62 7.01
CA ARG D 15 -20.95 -10.30 6.88
C ARG D 15 -21.42 -10.03 5.45
N LEU D 16 -20.59 -10.37 4.46
CA LEU D 16 -20.94 -10.25 3.04
C LEU D 16 -22.07 -11.23 2.65
N ALA D 17 -22.06 -12.43 3.24
CA ALA D 17 -23.14 -13.39 3.01
C ALA D 17 -24.42 -12.81 3.57
N PHE D 18 -24.32 -12.12 4.70
CA PHE D 18 -25.45 -11.44 5.28
C PHE D 18 -26.03 -10.40 4.32
N ARG D 19 -25.17 -9.52 3.78
CA ARG D 19 -25.57 -8.51 2.80
C ARG D 19 -26.24 -9.14 1.59
N ARG D 20 -25.58 -10.15 1.03
CA ARG D 20 -26.10 -10.88 -0.12
C ARG D 20 -27.45 -11.53 0.15
N ILE D 21 -27.61 -12.08 1.36
CA ILE D 21 -28.86 -12.73 1.77
C ILE D 21 -30.02 -11.73 1.83
N GLN D 22 -29.71 -10.44 2.03
CA GLN D 22 -30.71 -9.34 2.03
C GLN D 22 -31.52 -9.20 0.73
N GLU D 23 -30.97 -9.72 -0.37
CA GLU D 23 -31.60 -9.59 -1.68
C GLU D 23 -32.09 -10.94 -2.23
N VAL D 24 -32.24 -11.92 -1.35
CA VAL D 24 -32.75 -13.24 -1.76
C VAL D 24 -34.03 -13.55 -0.99
N GLU D 25 -35.17 -13.46 -1.69
CA GLU D 25 -36.46 -13.86 -1.14
C GLU D 25 -36.43 -15.35 -0.84
N GLY D 26 -36.89 -15.71 0.35
CA GLY D 26 -36.88 -17.11 0.79
C GLY D 26 -35.74 -17.45 1.75
N LEU D 27 -34.82 -16.50 1.90
CA LEU D 27 -33.67 -16.65 2.80
C LEU D 27 -33.72 -15.55 3.85
N GLU D 28 -33.51 -15.93 5.11
CA GLU D 28 -33.54 -14.96 6.20
C GLU D 28 -32.52 -15.30 7.29
N VAL D 29 -31.66 -14.34 7.62
CA VAL D 29 -30.74 -14.50 8.72
C VAL D 29 -31.45 -14.13 10.04
N VAL D 30 -31.69 -15.14 10.87
CA VAL D 30 -32.33 -14.92 12.16
C VAL D 30 -31.30 -14.81 13.30
N ALA D 31 -30.10 -15.35 13.09
CA ALA D 31 -29.08 -15.36 14.14
C ALA D 31 -27.65 -15.28 13.62
N VAL D 32 -26.81 -14.66 14.45
CA VAL D 32 -25.39 -14.53 14.21
C VAL D 32 -24.62 -14.92 15.50
N ASN D 33 -23.47 -15.56 15.32
CA ASN D 33 -22.59 -15.88 16.42
C ASN D 33 -21.13 -15.50 16.10
N ASP D 34 -20.45 -14.91 17.08
CA ASP D 34 -19.05 -14.52 16.93
C ASP D 34 -18.41 -14.48 18.33
N LEU D 35 -17.35 -13.71 18.50
CA LEU D 35 -16.66 -13.64 19.80
C LEU D 35 -16.47 -12.19 20.26
N THR D 36 -17.43 -11.33 19.93
CA THR D 36 -17.28 -9.90 20.20
C THR D 36 -18.61 -9.36 20.67
N ASP D 37 -18.74 -8.06 20.87
CA ASP D 37 -20.05 -7.55 21.24
C ASP D 37 -20.87 -7.06 20.04
N ASP D 38 -22.13 -6.74 20.30
CA ASP D 38 -23.04 -6.28 19.26
C ASP D 38 -22.61 -4.95 18.65
N ASP D 39 -21.96 -4.11 19.45
CA ASP D 39 -21.44 -2.85 18.96
C ASP D 39 -20.44 -3.05 17.82
N MET D 40 -19.49 -3.94 18.04
CA MET D 40 -18.51 -4.27 17.02
C MET D 40 -19.19 -4.87 15.78
N LEU D 41 -20.05 -5.87 16.00
CA LEU D 41 -20.75 -6.56 14.92
C LEU D 41 -21.53 -5.59 14.02
N ALA D 42 -22.35 -4.74 14.64
CA ALA D 42 -23.14 -3.75 13.91
C ALA D 42 -22.25 -2.82 13.09
N HIS D 43 -21.22 -2.29 13.75
CA HIS D 43 -20.29 -1.36 13.10
C HIS D 43 -19.60 -1.95 11.86
N LEU D 44 -19.15 -3.21 11.95
CA LEU D 44 -18.48 -3.87 10.84
C LEU D 44 -19.44 -4.29 9.72
N LEU D 45 -20.72 -4.43 10.05
CA LEU D 45 -21.76 -4.59 9.02
C LEU D 45 -21.99 -3.29 8.26
N LYS D 46 -22.13 -2.19 8.99
CA LYS D 46 -22.37 -0.86 8.44
C LYS D 46 -21.27 -0.36 7.50
N TYR D 47 -20.02 -0.52 7.93
CA TYR D 47 -18.86 0.07 7.28
C TYR D 47 -17.91 -1.05 6.84
N ASP D 48 -17.46 -1.01 5.58
CA ASP D 48 -16.64 -2.07 5.01
C ASP D 48 -15.62 -1.40 4.09
N THR D 49 -14.34 -1.58 4.42
CA THR D 49 -13.25 -0.95 3.69
C THR D 49 -13.27 -1.10 2.17
N MET D 50 -13.38 -2.34 1.69
CA MET D 50 -13.31 -2.63 0.24
C MET D 50 -14.69 -2.77 -0.39
N GLN D 51 -15.67 -3.23 0.39
CA GLN D 51 -17.00 -3.54 -0.15
C GLN D 51 -18.01 -2.38 -0.06
N GLY D 52 -17.66 -1.32 0.66
CA GLY D 52 -18.53 -0.14 0.76
C GLY D 52 -19.52 -0.19 1.90
N ARG D 53 -20.17 0.95 2.14
CA ARG D 53 -21.19 1.12 3.19
C ARG D 53 -22.38 0.16 2.98
N PHE D 54 -22.91 -0.37 4.10
CA PHE D 54 -24.11 -1.19 4.06
C PHE D 54 -25.29 -0.38 3.54
N THR D 55 -25.98 -0.93 2.55
CA THR D 55 -26.99 -0.18 1.80
C THR D 55 -28.26 0.09 2.62
N GLY D 56 -28.60 -0.81 3.54
CA GLY D 56 -29.71 -0.55 4.47
C GLY D 56 -29.25 0.21 5.72
N GLU D 57 -29.98 0.03 6.82
CA GLU D 57 -29.57 0.65 8.09
C GLU D 57 -29.64 -0.28 9.32
N VAL D 58 -28.72 -0.05 10.24
CA VAL D 58 -28.41 -0.97 11.34
C VAL D 58 -28.55 -0.28 12.70
N GLU D 59 -29.07 -1.02 13.69
CA GLU D 59 -29.30 -0.49 15.04
C GLU D 59 -29.08 -1.59 16.10
N VAL D 60 -28.25 -1.30 17.11
CA VAL D 60 -28.00 -2.25 18.21
C VAL D 60 -29.21 -2.29 19.15
N VAL D 61 -29.69 -3.50 19.46
CA VAL D 61 -30.82 -3.68 20.39
C VAL D 61 -30.51 -4.73 21.44
N ASP D 62 -31.51 -4.99 22.29
CA ASP D 62 -31.49 -6.02 23.33
C ASP D 62 -30.50 -7.18 23.14
N GLY D 63 -30.93 -8.25 22.45
CA GLY D 63 -30.10 -9.44 22.30
C GLY D 63 -29.47 -9.63 20.92
N GLY D 64 -29.19 -8.53 20.24
CA GLY D 64 -28.57 -8.58 18.91
C GLY D 64 -28.67 -7.25 18.21
N PHE D 65 -29.15 -7.27 16.96
CA PHE D 65 -29.35 -6.03 16.20
C PHE D 65 -30.53 -6.03 15.21
N ARG D 66 -31.06 -4.84 14.94
CA ARG D 66 -32.13 -4.63 13.96
C ARG D 66 -31.58 -4.10 12.63
N VAL D 67 -31.86 -4.84 11.56
CA VAL D 67 -31.47 -4.46 10.22
C VAL D 67 -32.74 -4.31 9.39
N ASN D 68 -33.09 -3.05 9.11
CA ASN D 68 -34.31 -2.70 8.36
C ASN D 68 -35.58 -3.46 8.77
N GLY D 69 -36.06 -3.17 9.98
CA GLY D 69 -37.27 -3.78 10.51
C GLY D 69 -37.08 -5.14 11.16
N LYS D 70 -36.33 -6.02 10.48
CA LYS D 70 -36.07 -7.37 10.97
C LYS D 70 -35.05 -7.37 12.11
N GLU D 71 -35.28 -8.22 13.12
CA GLU D 71 -34.35 -8.40 14.24
C GLU D 71 -33.47 -9.64 14.06
N VAL D 72 -32.16 -9.48 14.34
CA VAL D 72 -31.20 -10.56 14.27
C VAL D 72 -30.64 -10.79 15.68
N LYS D 73 -30.80 -12.02 16.17
CA LYS D 73 -30.24 -12.42 17.46
C LYS D 73 -28.74 -12.66 17.31
N SER D 74 -27.95 -12.21 18.28
CA SER D 74 -26.52 -12.46 18.22
C SER D 74 -26.00 -13.15 19.47
N PHE D 75 -24.97 -13.97 19.30
CA PHE D 75 -24.38 -14.71 20.41
C PHE D 75 -22.85 -14.60 20.39
N SER D 76 -22.25 -14.87 21.54
CA SER D 76 -20.79 -14.86 21.68
C SER D 76 -20.28 -16.20 22.21
N GLU D 77 -20.61 -17.28 21.51
CA GLU D 77 -20.29 -18.65 21.93
C GLU D 77 -19.22 -19.35 21.08
N PRO D 78 -18.00 -19.54 21.63
CA PRO D 78 -16.94 -20.23 20.86
C PRO D 78 -17.26 -21.70 20.59
N ASP D 79 -17.99 -22.35 21.49
CA ASP D 79 -18.35 -23.74 21.29
C ASP D 79 -19.72 -23.84 20.62
N ALA D 80 -19.70 -24.16 19.32
CA ALA D 80 -20.92 -24.22 18.52
C ALA D 80 -22.03 -25.13 19.06
N SER D 81 -21.64 -26.23 19.72
CA SER D 81 -22.60 -27.18 20.29
C SER D 81 -23.50 -26.58 21.36
N LYS D 82 -23.11 -25.41 21.88
CA LYS D 82 -23.85 -24.71 22.92
C LYS D 82 -24.81 -23.65 22.35
N LEU D 83 -24.91 -23.58 21.03
CA LEU D 83 -25.77 -22.58 20.38
C LEU D 83 -27.24 -22.99 20.38
N PRO D 84 -28.15 -22.00 20.55
CA PRO D 84 -29.57 -22.38 20.65
C PRO D 84 -30.22 -22.56 19.28
N TRP D 85 -29.68 -23.47 18.47
CA TRP D 85 -30.20 -23.69 17.13
C TRP D 85 -31.53 -24.42 17.13
N LYS D 86 -31.71 -25.34 18.09
CA LYS D 86 -33.00 -26.01 18.36
C LYS D 86 -34.12 -24.99 18.58
N ASP D 87 -33.92 -24.11 19.56
CA ASP D 87 -34.89 -23.08 19.91
C ASP D 87 -35.22 -22.10 18.77
N LEU D 88 -34.23 -21.77 17.94
CA LEU D 88 -34.45 -20.79 16.88
C LEU D 88 -34.86 -21.42 15.55
N ASN D 89 -35.01 -22.74 15.56
CA ASN D 89 -35.44 -23.50 14.39
C ASN D 89 -34.60 -23.30 13.15
N ILE D 90 -33.28 -23.35 13.33
CA ILE D 90 -32.32 -23.06 12.30
C ILE D 90 -32.33 -24.16 11.24
N ASP D 91 -32.57 -23.75 10.01
CA ASP D 91 -32.60 -24.63 8.86
C ASP D 91 -31.20 -24.92 8.34
N VAL D 92 -30.39 -23.88 8.20
CA VAL D 92 -29.01 -24.00 7.72
C VAL D 92 -28.10 -23.05 8.51
N VAL D 93 -26.98 -23.59 9.00
CA VAL D 93 -25.89 -22.77 9.50
C VAL D 93 -24.86 -22.51 8.40
N LEU D 94 -24.61 -21.23 8.08
CA LEU D 94 -23.46 -20.85 7.27
C LEU D 94 -22.24 -20.78 8.16
N GLU D 95 -21.35 -21.75 7.99
CA GLU D 95 -20.20 -21.93 8.87
C GLU D 95 -18.98 -21.22 8.31
N CYS D 96 -18.72 -20.02 8.85
CA CYS D 96 -17.74 -19.07 8.31
C CYS D 96 -16.64 -18.65 9.30
N THR D 97 -16.38 -19.49 10.31
CA THR D 97 -15.38 -19.17 11.33
C THR D 97 -13.96 -19.60 10.93
N GLY D 98 -13.85 -20.66 10.12
CA GLY D 98 -12.57 -21.28 9.80
C GLY D 98 -12.07 -22.29 10.84
N PHE D 99 -12.88 -22.53 11.88
CA PHE D 99 -12.53 -23.44 12.97
C PHE D 99 -13.35 -24.75 12.92
N TYR D 100 -14.26 -24.85 11.95
CA TYR D 100 -15.10 -26.08 11.84
C TYR D 100 -15.08 -26.65 10.42
N THR D 101 -13.89 -26.67 9.82
CA THR D 101 -13.72 -27.08 8.43
C THR D 101 -13.53 -28.61 8.29
N ASP D 102 -14.48 -29.34 8.87
CA ASP D 102 -14.43 -30.80 8.95
C ASP D 102 -15.85 -31.31 9.20
N LYS D 103 -16.19 -32.45 8.61
CA LYS D 103 -17.54 -33.05 8.76
C LYS D 103 -17.93 -33.25 10.22
N ASP D 104 -17.04 -33.86 11.00
CA ASP D 104 -17.33 -34.20 12.39
C ASP D 104 -17.34 -32.98 13.30
N LYS D 105 -16.42 -32.06 13.05
CA LYS D 105 -16.40 -30.79 13.78
C LYS D 105 -17.71 -30.03 13.55
N ALA D 106 -18.09 -29.85 12.29
CA ALA D 106 -19.30 -29.10 11.93
C ALA D 106 -20.57 -29.76 12.47
N GLN D 107 -20.45 -31.02 12.86
CA GLN D 107 -21.56 -31.77 13.46
C GLN D 107 -22.08 -31.11 14.75
N ALA D 108 -21.23 -30.33 15.41
CA ALA D 108 -21.60 -29.58 16.62
C ALA D 108 -22.85 -28.71 16.44
N HIS D 109 -23.02 -28.16 15.23
CA HIS D 109 -24.18 -27.32 14.87
C HIS D 109 -25.45 -28.15 14.75
N ILE D 110 -25.31 -29.36 14.21
CA ILE D 110 -26.42 -30.32 14.09
C ILE D 110 -26.92 -30.75 15.47
N GLU D 111 -25.99 -31.07 16.38
CA GLU D 111 -26.34 -31.46 17.76
C GLU D 111 -27.01 -30.31 18.48
N ALA D 112 -26.62 -29.10 18.11
CA ALA D 112 -27.16 -27.87 18.68
C ALA D 112 -28.58 -27.59 18.21
N GLY D 113 -29.02 -28.32 17.17
CA GLY D 113 -30.40 -28.26 16.69
C GLY D 113 -30.60 -27.75 15.28
N ALA D 114 -29.51 -27.38 14.60
CA ALA D 114 -29.61 -26.94 13.22
C ALA D 114 -29.81 -28.14 12.31
N LYS D 115 -30.58 -27.95 11.24
CA LYS D 115 -30.87 -29.02 10.27
C LYS D 115 -29.70 -29.33 9.32
N LYS D 116 -29.02 -28.28 8.85
CA LYS D 116 -27.92 -28.43 7.89
C LYS D 116 -26.78 -27.43 8.13
N VAL D 117 -25.58 -27.79 7.67
CA VAL D 117 -24.41 -26.92 7.76
C VAL D 117 -23.78 -26.80 6.37
N LEU D 118 -23.53 -25.56 5.95
CA LEU D 118 -22.75 -25.23 4.79
C LEU D 118 -21.48 -24.48 5.21
N ILE D 119 -20.33 -25.11 5.00
CA ILE D 119 -19.05 -24.55 5.41
C ILE D 119 -18.48 -23.67 4.28
N SER D 120 -17.97 -22.51 4.64
CA SER D 120 -17.47 -21.54 3.66
C SER D 120 -15.97 -21.72 3.30
N ALA D 121 -15.54 -22.98 3.17
CA ALA D 121 -14.15 -23.32 2.89
C ALA D 121 -14.07 -24.80 2.53
N PRO D 122 -12.90 -25.28 2.02
CA PRO D 122 -12.77 -26.73 1.89
C PRO D 122 -12.87 -27.37 3.26
N ALA D 123 -13.35 -28.61 3.30
CA ALA D 123 -13.52 -29.31 4.56
C ALA D 123 -13.25 -30.81 4.40
N THR D 124 -12.62 -31.39 5.42
CA THR D 124 -12.27 -32.81 5.41
C THR D 124 -13.45 -33.71 5.83
N GLY D 125 -13.33 -35.01 5.59
CA GLY D 125 -14.40 -35.97 5.88
C GLY D 125 -15.25 -36.22 4.66
N ASP D 126 -16.06 -37.28 4.66
CA ASP D 126 -16.87 -37.53 3.47
C ASP D 126 -18.14 -36.68 3.48
N LEU D 127 -18.04 -35.61 2.73
CA LEU D 127 -19.10 -34.66 2.47
C LEU D 127 -18.89 -34.17 1.04
N LYS D 128 -19.88 -33.46 0.51
CA LYS D 128 -19.76 -32.92 -0.84
C LYS D 128 -19.15 -31.51 -0.83
N THR D 129 -18.23 -31.28 -1.77
CA THR D 129 -17.64 -29.96 -1.98
C THR D 129 -18.25 -29.36 -3.24
N ILE D 130 -18.97 -28.24 -3.09
CA ILE D 130 -19.80 -27.70 -4.16
C ILE D 130 -19.32 -26.35 -4.70
N VAL D 131 -19.16 -26.29 -6.02
CA VAL D 131 -19.02 -25.04 -6.77
C VAL D 131 -20.30 -24.85 -7.59
N PHE D 132 -21.09 -23.84 -7.23
CA PHE D 132 -22.35 -23.56 -7.91
C PHE D 132 -22.15 -23.36 -9.41
N ASN D 133 -23.04 -23.99 -10.19
CA ASN D 133 -23.01 -23.99 -11.65
C ASN D 133 -21.89 -24.82 -12.27
N THR D 134 -21.11 -25.49 -11.42
CA THR D 134 -20.23 -26.56 -11.88
C THR D 134 -20.71 -27.95 -11.46
N ASN D 135 -21.02 -28.14 -10.17
CA ASN D 135 -21.51 -29.46 -9.69
C ASN D 135 -22.58 -29.44 -8.58
N HIS D 136 -23.35 -28.36 -8.49
CA HIS D 136 -24.38 -28.22 -7.44
C HIS D 136 -25.53 -29.22 -7.62
N GLN D 137 -25.60 -29.87 -8.78
CA GLN D 137 -26.62 -30.88 -9.04
C GLN D 137 -26.25 -32.26 -8.47
N GLU D 138 -25.02 -32.39 -7.97
CA GLU D 138 -24.63 -33.58 -7.22
C GLU D 138 -25.31 -33.62 -5.83
N LEU D 139 -25.90 -32.49 -5.42
CA LEU D 139 -26.73 -32.43 -4.20
C LEU D 139 -28.14 -32.98 -4.46
N ASP D 140 -28.63 -33.76 -3.51
CA ASP D 140 -29.96 -34.38 -3.63
C ASP D 140 -30.86 -34.00 -2.46
N GLY D 141 -30.31 -33.22 -1.52
CA GLY D 141 -31.07 -32.75 -0.37
C GLY D 141 -31.06 -33.61 0.87
N SER D 142 -30.37 -34.75 0.81
CA SER D 142 -30.21 -35.61 1.99
C SER D 142 -28.90 -35.33 2.76
N GLU D 143 -28.12 -34.34 2.30
CA GLU D 143 -26.85 -34.02 2.94
C GLU D 143 -27.07 -33.18 4.21
N THR D 144 -26.28 -33.48 5.25
CA THR D 144 -26.36 -32.73 6.51
C THR D 144 -25.24 -31.68 6.62
N VAL D 145 -24.08 -31.99 6.05
CA VAL D 145 -22.92 -31.11 6.09
C VAL D 145 -22.26 -31.02 4.71
N VAL D 146 -22.15 -29.80 4.19
CA VAL D 146 -21.67 -29.53 2.83
C VAL D 146 -20.58 -28.47 2.85
N SER D 147 -19.60 -28.61 1.96
CA SER D 147 -18.59 -27.58 1.76
C SER D 147 -18.89 -26.76 0.52
N GLY D 148 -18.77 -25.44 0.66
CA GLY D 148 -18.90 -24.53 -0.49
C GLY D 148 -17.59 -24.33 -1.25
N ALA D 149 -16.61 -25.20 -1.02
CA ALA D 149 -15.26 -25.07 -1.61
C ALA D 149 -14.50 -23.80 -1.17
N SER D 150 -13.41 -23.48 -1.88
CA SER D 150 -12.62 -22.27 -1.62
C SER D 150 -12.89 -21.20 -2.66
N CYS D 151 -12.36 -20.01 -2.42
CA CYS D 151 -12.47 -18.95 -3.40
C CYS D 151 -11.75 -19.34 -4.69
N THR D 152 -10.55 -19.92 -4.58
CA THR D 152 -9.76 -20.30 -5.75
C THR D 152 -10.47 -21.41 -6.56
N THR D 153 -11.05 -22.38 -5.86
CA THR D 153 -11.78 -23.48 -6.52
C THR D 153 -12.96 -22.96 -7.35
N ASN D 154 -13.72 -22.00 -6.81
CA ASN D 154 -14.80 -21.38 -7.57
C ASN D 154 -14.32 -20.58 -8.78
N SER D 155 -13.12 -20.00 -8.70
CA SER D 155 -12.55 -19.34 -9.88
C SER D 155 -12.06 -20.35 -10.92
N LEU D 156 -11.55 -21.50 -10.46
CA LEU D 156 -10.82 -22.44 -11.32
C LEU D 156 -11.67 -23.51 -11.99
N ALA D 157 -12.71 -23.98 -11.27
CA ALA D 157 -13.54 -25.11 -11.73
C ALA D 157 -14.18 -24.94 -13.12
N PRO D 158 -14.88 -23.81 -13.36
CA PRO D 158 -15.51 -23.69 -14.68
C PRO D 158 -14.49 -23.56 -15.83
N VAL D 159 -13.34 -22.96 -15.54
CA VAL D 159 -12.26 -22.83 -16.51
C VAL D 159 -11.77 -24.24 -16.84
N ALA D 160 -11.42 -24.99 -15.78
CA ALA D 160 -10.88 -26.35 -15.90
C ALA D 160 -11.84 -27.27 -16.60
N LYS D 161 -13.13 -27.16 -16.29
CA LYS D 161 -14.18 -27.97 -16.94
C LYS D 161 -14.20 -27.81 -18.49
N VAL D 162 -14.16 -26.56 -18.95
CA VAL D 162 -14.19 -26.27 -20.37
C VAL D 162 -12.92 -26.81 -21.04
N LEU D 163 -11.76 -26.57 -20.42
CA LEU D 163 -10.51 -27.08 -20.97
C LEU D 163 -10.56 -28.61 -21.14
N ASN D 164 -11.02 -29.32 -20.11
CA ASN D 164 -11.13 -30.76 -20.22
C ASN D 164 -12.18 -31.21 -21.22
N ASP D 165 -13.39 -30.66 -21.14
CA ASP D 165 -14.49 -31.09 -22.02
C ASP D 165 -14.13 -30.92 -23.51
N ASP D 166 -13.62 -29.75 -23.88
CA ASP D 166 -13.40 -29.40 -25.30
C ASP D 166 -12.05 -29.83 -25.85
N PHE D 167 -11.07 -30.04 -24.98
CA PHE D 167 -9.69 -30.25 -25.44
C PHE D 167 -9.01 -31.46 -24.83
N GLY D 168 -9.57 -31.97 -23.73
CA GLY D 168 -8.99 -33.09 -22.97
C GLY D 168 -7.79 -32.66 -22.15
N LEU D 169 -7.93 -32.59 -20.82
CA LEU D 169 -6.82 -32.14 -19.98
C LEU D 169 -5.80 -33.25 -19.76
N VAL D 170 -4.53 -33.00 -20.07
CA VAL D 170 -3.47 -33.95 -19.74
C VAL D 170 -2.97 -33.69 -18.31
N GLU D 171 -2.52 -32.45 -18.07
CA GLU D 171 -1.95 -32.03 -16.79
C GLU D 171 -1.75 -30.51 -16.80
N GLY D 172 -1.76 -29.88 -15.63
CA GLY D 172 -1.60 -28.43 -15.57
C GLY D 172 -1.09 -27.92 -14.23
N LEU D 173 -0.58 -26.70 -14.24
CA LEU D 173 -0.12 -26.01 -13.05
C LEU D 173 -0.77 -24.65 -12.95
N MET D 174 -1.16 -24.29 -11.74
CA MET D 174 -1.89 -23.07 -11.48
C MET D 174 -1.04 -22.22 -10.59
N THR D 175 -1.03 -20.92 -10.86
CA THR D 175 -0.59 -19.92 -9.92
C THR D 175 -1.68 -18.88 -9.75
N THR D 176 -2.15 -18.73 -8.52
CA THR D 176 -3.13 -17.72 -8.19
C THR D 176 -2.42 -16.49 -7.59
N ILE D 177 -2.75 -15.29 -8.07
CA ILE D 177 -2.17 -14.05 -7.52
C ILE D 177 -3.30 -13.42 -6.72
N ASN D 178 -3.17 -13.49 -5.40
CA ASN D 178 -4.26 -13.30 -4.44
C ASN D 178 -4.16 -12.03 -3.62
N ALA D 179 -5.31 -11.42 -3.35
CA ALA D 179 -5.43 -10.47 -2.26
C ALA D 179 -5.00 -11.10 -0.93
N TYR D 180 -4.37 -10.32 -0.07
CA TYR D 180 -4.00 -10.80 1.26
C TYR D 180 -5.25 -10.93 2.12
N THR D 181 -5.20 -11.78 3.13
CA THR D 181 -6.39 -12.15 3.91
C THR D 181 -6.05 -12.16 5.40
N GLY D 182 -7.06 -12.40 6.25
CA GLY D 182 -6.92 -12.26 7.71
C GLY D 182 -6.09 -13.30 8.45
N ASP D 183 -5.73 -14.40 7.78
CA ASP D 183 -4.78 -15.37 8.33
C ASP D 183 -3.31 -14.92 8.17
N GLN D 184 -3.11 -13.70 7.65
CA GLN D 184 -1.77 -13.11 7.53
C GLN D 184 -1.54 -12.05 8.62
N ASN D 185 -0.28 -11.80 8.99
CA ASN D 185 0.05 -10.77 9.98
C ASN D 185 0.19 -9.37 9.37
N THR D 186 -0.23 -8.37 10.14
CA THR D 186 -0.06 -6.96 9.77
C THR D 186 1.42 -6.55 9.65
N GLN D 187 2.24 -7.01 10.61
CA GLN D 187 3.69 -6.83 10.62
C GLN D 187 4.40 -8.18 10.77
N ASP D 188 5.62 -8.30 10.25
CA ASP D 188 6.49 -9.46 10.54
C ASP D 188 6.33 -9.92 12.01
N ALA D 189 5.76 -11.10 12.24
CA ALA D 189 5.51 -11.61 13.60
C ALA D 189 5.36 -13.14 13.61
N PRO D 190 5.53 -13.79 14.78
CA PRO D 190 5.28 -15.24 14.78
C PRO D 190 3.91 -15.55 14.16
N HIS D 191 3.85 -16.60 13.36
CA HIS D 191 2.60 -17.00 12.75
C HIS D 191 2.03 -18.19 13.51
N ARG D 192 0.73 -18.12 13.81
CA ARG D 192 0.02 -19.13 14.62
C ARG D 192 0.20 -20.54 14.05
N LYS D 193 0.24 -20.66 12.72
CA LYS D 193 0.41 -21.98 12.09
C LYS D 193 1.84 -22.31 11.67
N GLY D 194 2.82 -21.52 12.15
CA GLY D 194 4.24 -21.81 11.89
C GLY D 194 4.67 -21.55 10.45
N ASP D 195 3.83 -20.85 9.69
CA ASP D 195 4.10 -20.50 8.30
C ASP D 195 5.00 -19.26 8.25
N LYS D 196 6.24 -19.43 7.79
CA LYS D 196 7.25 -18.34 7.83
C LYS D 196 7.04 -17.27 6.78
N ARG D 197 6.09 -17.54 5.87
CA ARG D 197 5.71 -16.58 4.83
C ARG D 197 4.43 -15.81 5.22
N ARG D 198 3.42 -16.50 5.73
CA ARG D 198 2.24 -15.81 6.25
C ARG D 198 2.57 -14.98 7.49
N ALA D 199 3.75 -15.24 8.07
CA ALA D 199 4.26 -14.48 9.20
C ALA D 199 4.64 -13.04 8.86
N ARG D 200 4.84 -12.78 7.56
CA ARG D 200 5.41 -11.50 7.10
C ARG D 200 4.33 -10.45 6.83
N ALA D 201 4.71 -9.16 6.94
CA ALA D 201 3.80 -8.04 6.70
C ALA D 201 3.02 -8.23 5.41
N ALA D 202 1.70 -8.38 5.56
CA ALA D 202 0.82 -8.79 4.47
C ALA D 202 0.86 -7.80 3.32
N ALA D 203 0.74 -6.50 3.65
CA ALA D 203 0.54 -5.45 2.66
C ALA D 203 1.84 -4.84 2.12
N GLU D 204 2.98 -5.43 2.43
CA GLU D 204 4.29 -4.88 1.97
C GLU D 204 5.14 -5.92 1.22
N ASN D 205 4.52 -7.04 0.83
CA ASN D 205 5.25 -8.17 0.24
C ASN D 205 4.51 -8.95 -0.83
N ILE D 206 5.28 -9.49 -1.79
CA ILE D 206 4.87 -10.65 -2.57
C ILE D 206 5.22 -11.88 -1.73
N ILE D 207 4.19 -12.65 -1.37
CA ILE D 207 4.33 -13.77 -0.43
C ILE D 207 3.88 -15.13 -1.05
N PRO D 208 4.85 -16.00 -1.41
CA PRO D 208 4.51 -17.33 -1.90
C PRO D 208 3.83 -18.14 -0.82
N ASN D 209 2.84 -18.94 -1.20
CA ASN D 209 2.10 -19.73 -0.25
C ASN D 209 1.37 -20.88 -0.95
N SER D 210 1.14 -21.94 -0.20
CA SER D 210 0.50 -23.13 -0.74
C SER D 210 -1.01 -22.91 -0.88
N THR D 211 -1.64 -23.73 -1.71
CA THR D 211 -3.09 -23.76 -1.84
C THR D 211 -3.48 -25.15 -2.30
N GLY D 212 -4.60 -25.65 -1.79
CA GLY D 212 -5.08 -26.99 -2.16
C GLY D 212 -6.13 -26.97 -3.24
N ALA D 213 -6.37 -25.80 -3.83
CA ALA D 213 -7.42 -25.64 -4.85
C ALA D 213 -7.23 -26.48 -6.10
N ALA D 214 -6.02 -26.45 -6.65
CA ALA D 214 -5.73 -27.24 -7.85
C ALA D 214 -5.59 -28.72 -7.52
N LYS D 215 -4.79 -29.05 -6.51
CA LYS D 215 -4.62 -30.45 -6.05
C LYS D 215 -5.93 -31.16 -5.71
N ALA D 216 -6.89 -30.44 -5.14
CA ALA D 216 -8.17 -31.02 -4.73
C ALA D 216 -9.34 -30.73 -5.68
N ILE D 217 -9.03 -30.37 -6.91
CA ILE D 217 -10.07 -30.09 -7.91
C ILE D 217 -10.92 -31.33 -8.24
N GLY D 218 -10.38 -32.53 -7.96
CA GLY D 218 -11.11 -33.80 -8.14
C GLY D 218 -12.43 -33.88 -7.37
N LYS D 219 -12.47 -33.25 -6.19
CA LYS D 219 -13.69 -33.23 -5.39
C LYS D 219 -14.88 -32.59 -6.14
N VAL D 220 -14.59 -31.66 -7.04
CA VAL D 220 -15.63 -30.91 -7.77
C VAL D 220 -15.81 -31.43 -9.21
N ILE D 221 -14.68 -31.81 -9.83
CA ILE D 221 -14.66 -32.37 -11.18
C ILE D 221 -13.86 -33.67 -11.13
N PRO D 222 -14.50 -34.80 -10.75
CA PRO D 222 -13.79 -36.08 -10.61
C PRO D 222 -12.92 -36.53 -11.82
N GLU D 223 -13.36 -36.23 -13.04
CA GLU D 223 -12.65 -36.70 -14.24
C GLU D 223 -11.27 -36.06 -14.48
N ILE D 224 -10.95 -34.99 -13.74
CA ILE D 224 -9.60 -34.42 -13.79
C ILE D 224 -8.81 -34.59 -12.50
N ASP D 225 -9.25 -35.52 -11.64
CA ASP D 225 -8.63 -35.71 -10.34
C ASP D 225 -7.16 -36.10 -10.53
N GLY D 226 -6.28 -35.43 -9.80
CA GLY D 226 -4.83 -35.66 -9.90
C GLY D 226 -4.15 -35.04 -11.11
N LYS D 227 -4.89 -34.25 -11.91
CA LYS D 227 -4.32 -33.66 -13.13
C LYS D 227 -3.78 -32.23 -12.93
N LEU D 228 -4.12 -31.61 -11.80
CA LEU D 228 -3.75 -30.22 -11.48
C LEU D 228 -3.03 -30.03 -10.15
N ASP D 229 -2.07 -29.11 -10.14
CA ASP D 229 -1.48 -28.65 -8.90
C ASP D 229 -1.11 -27.19 -9.05
N GLY D 230 -0.55 -26.61 -7.99
CA GLY D 230 -0.09 -25.24 -8.06
C GLY D 230 0.01 -24.56 -6.71
N GLY D 231 0.23 -23.26 -6.73
CA GLY D 231 0.39 -22.48 -5.50
C GLY D 231 -0.22 -21.10 -5.58
N ALA D 232 0.03 -20.30 -4.54
CA ALA D 232 -0.45 -18.95 -4.48
C ALA D 232 0.70 -17.94 -4.37
N GLN D 233 0.45 -16.72 -4.83
CA GLN D 233 1.34 -15.60 -4.50
C GLN D 233 0.45 -14.50 -3.94
N ARG D 234 0.53 -14.25 -2.64
CA ARG D 234 -0.30 -13.22 -2.03
C ARG D 234 0.40 -11.88 -2.14
N VAL D 235 -0.32 -10.87 -2.62
CA VAL D 235 0.25 -9.56 -2.90
C VAL D 235 -0.61 -8.46 -2.26
N PRO D 236 -0.09 -7.21 -2.23
CA PRO D 236 -0.79 -6.15 -1.48
C PRO D 236 -2.00 -5.47 -2.14
N VAL D 237 -3.02 -6.23 -2.47
CA VAL D 237 -4.34 -5.67 -2.75
C VAL D 237 -5.25 -6.27 -1.67
N ALA D 238 -6.16 -5.48 -1.11
CA ALA D 238 -6.92 -5.93 0.06
C ALA D 238 -8.05 -6.93 -0.26
N THR D 239 -8.52 -6.90 -1.51
CA THR D 239 -9.38 -7.96 -2.07
C THR D 239 -9.33 -7.91 -3.62
N GLY D 240 -9.59 -9.05 -4.28
CA GLY D 240 -9.53 -9.14 -5.75
C GLY D 240 -8.30 -9.94 -6.12
N SER D 241 -8.49 -11.01 -6.90
CA SER D 241 -7.47 -12.04 -7.12
C SER D 241 -7.54 -12.56 -8.55
N LEU D 242 -6.52 -13.30 -8.96
CA LEU D 242 -6.45 -13.80 -10.33
C LEU D 242 -5.81 -15.17 -10.35
N THR D 243 -6.49 -16.09 -11.02
CA THR D 243 -6.01 -17.45 -11.18
C THR D 243 -5.43 -17.61 -12.58
N GLU D 244 -4.18 -18.05 -12.67
CA GLU D 244 -3.54 -18.38 -13.95
C GLU D 244 -3.34 -19.89 -14.03
N LEU D 245 -3.72 -20.49 -15.14
CA LEU D 245 -3.58 -21.94 -15.32
C LEU D 245 -2.78 -22.29 -16.58
N THR D 246 -1.73 -23.09 -16.43
CA THR D 246 -0.92 -23.55 -17.56
C THR D 246 -1.07 -25.07 -17.72
N VAL D 247 -1.57 -25.48 -18.89
CA VAL D 247 -2.01 -26.85 -19.15
C VAL D 247 -1.41 -27.44 -20.42
N VAL D 248 -1.37 -28.77 -20.47
CA VAL D 248 -1.06 -29.54 -21.66
C VAL D 248 -2.38 -30.23 -22.01
N LEU D 249 -2.71 -30.25 -23.30
CA LEU D 249 -4.01 -30.78 -23.75
C LEU D 249 -3.84 -31.89 -24.77
N GLU D 250 -4.85 -32.75 -24.90
CA GLU D 250 -4.83 -33.88 -25.83
C GLU D 250 -4.99 -33.41 -27.29
N LYS D 251 -5.99 -32.56 -27.52
CA LYS D 251 -6.24 -31.92 -28.81
C LYS D 251 -5.00 -31.18 -29.31
N GLN D 252 -4.73 -31.27 -30.61
CA GLN D 252 -3.58 -30.59 -31.20
C GLN D 252 -4.01 -29.29 -31.90
N ASP D 253 -3.03 -28.44 -32.19
CA ASP D 253 -3.24 -27.18 -32.94
C ASP D 253 -4.31 -26.28 -32.33
N VAL D 254 -4.35 -26.25 -31.00
CA VAL D 254 -5.29 -25.41 -30.28
C VAL D 254 -4.88 -23.96 -30.54
N THR D 255 -5.85 -23.08 -30.74
CA THR D 255 -5.58 -21.64 -30.87
C THR D 255 -6.18 -20.83 -29.73
N VAL D 256 -5.66 -19.61 -29.54
CA VAL D 256 -6.20 -18.65 -28.60
C VAL D 256 -7.69 -18.43 -28.82
N GLU D 257 -8.11 -18.35 -30.09
CA GLU D 257 -9.49 -18.00 -30.42
C GLU D 257 -10.49 -19.09 -30.04
N GLN D 258 -10.12 -20.35 -30.28
CA GLN D 258 -10.94 -21.50 -29.92
C GLN D 258 -11.10 -21.56 -28.41
N VAL D 259 -10.00 -21.34 -27.69
CA VAL D 259 -10.04 -21.34 -26.23
C VAL D 259 -11.03 -20.29 -25.75
N ASN D 260 -10.89 -19.06 -26.23
CA ASN D 260 -11.75 -17.96 -25.78
C ASN D 260 -13.21 -18.17 -26.13
N GLU D 261 -13.45 -18.72 -27.32
CA GLU D 261 -14.79 -18.99 -27.79
C GLU D 261 -15.48 -20.06 -26.93
N ALA D 262 -14.73 -21.09 -26.52
CA ALA D 262 -15.29 -22.15 -25.66
C ALA D 262 -15.63 -21.62 -24.26
N MET D 263 -14.85 -20.66 -23.77
CA MET D 263 -15.14 -20.06 -22.46
C MET D 263 -16.39 -19.18 -22.49
N LYS D 264 -16.47 -18.28 -23.47
CA LYS D 264 -17.63 -17.44 -23.70
C LYS D 264 -18.89 -18.30 -23.87
N ASN D 265 -18.75 -19.42 -24.58
CA ASN D 265 -19.88 -20.34 -24.75
C ASN D 265 -20.37 -20.96 -23.43
N ALA D 266 -19.47 -21.08 -22.46
CA ALA D 266 -19.81 -21.69 -21.17
C ALA D 266 -20.26 -20.67 -20.14
N SER D 267 -20.28 -19.39 -20.52
CA SER D 267 -20.60 -18.30 -19.60
C SER D 267 -22.03 -18.33 -19.08
N ASN D 268 -22.17 -17.92 -17.82
CA ASN D 268 -23.45 -17.84 -17.12
C ASN D 268 -23.30 -16.87 -15.95
N GLU D 269 -24.25 -16.89 -15.03
CA GLU D 269 -24.21 -15.91 -13.94
C GLU D 269 -23.09 -16.20 -12.93
N SER D 270 -22.51 -17.39 -13.00
CA SER D 270 -21.38 -17.78 -12.14
C SER D 270 -20.03 -17.65 -12.84
N PHE D 271 -20.06 -17.79 -14.16
CA PHE D 271 -18.85 -17.78 -14.97
C PHE D 271 -19.00 -16.68 -16.00
N GLY D 272 -18.42 -15.52 -15.72
CA GLY D 272 -18.45 -14.39 -16.65
C GLY D 272 -17.35 -14.46 -17.69
N TYR D 273 -17.47 -13.62 -18.73
CA TYR D 273 -16.49 -13.51 -19.81
C TYR D 273 -16.20 -12.02 -20.08
N THR D 274 -14.92 -11.65 -20.20
CA THR D 274 -14.57 -10.28 -20.59
C THR D 274 -13.43 -10.22 -21.59
N GLU D 275 -13.51 -9.24 -22.48
CA GLU D 275 -12.42 -8.87 -23.36
C GLU D 275 -11.89 -7.48 -23.02
N ASP D 276 -12.33 -6.92 -21.89
CA ASP D 276 -11.80 -5.64 -21.41
C ASP D 276 -10.49 -5.82 -20.65
N GLU D 277 -9.60 -4.84 -20.81
CA GLU D 277 -8.31 -4.84 -20.12
C GLU D 277 -8.46 -4.35 -18.67
N ILE D 278 -9.17 -5.14 -17.86
CA ILE D 278 -9.43 -4.77 -16.47
C ILE D 278 -8.24 -5.08 -15.54
N VAL D 279 -8.34 -4.58 -14.32
CA VAL D 279 -7.34 -4.87 -13.31
C VAL D 279 -8.10 -5.30 -12.05
N SER D 280 -7.37 -5.72 -11.03
CA SER D 280 -8.02 -6.27 -9.83
C SER D 280 -9.14 -5.42 -9.20
N SER D 281 -8.96 -4.09 -9.10
CA SER D 281 -9.97 -3.29 -8.39
C SER D 281 -11.33 -3.30 -9.10
N ASP D 282 -11.32 -3.67 -10.39
CA ASP D 282 -12.56 -3.73 -11.16
C ASP D 282 -13.41 -4.96 -10.83
N VAL D 283 -12.85 -5.96 -10.15
CA VAL D 283 -13.68 -7.14 -9.79
C VAL D 283 -14.16 -7.10 -8.34
N VAL D 284 -13.74 -6.08 -7.61
CA VAL D 284 -14.18 -5.91 -6.22
C VAL D 284 -15.71 -5.77 -6.20
N GLY D 285 -16.39 -6.63 -5.44
CA GLY D 285 -17.86 -6.56 -5.38
C GLY D 285 -18.61 -7.32 -6.48
N MET D 286 -17.90 -7.87 -7.45
CA MET D 286 -18.59 -8.58 -8.53
C MET D 286 -19.20 -9.88 -8.01
N THR D 287 -20.16 -10.44 -8.79
CA THR D 287 -20.97 -11.56 -8.31
C THR D 287 -20.77 -12.85 -9.10
N TYR D 288 -19.88 -12.84 -10.10
CA TYR D 288 -19.47 -14.05 -10.77
C TYR D 288 -18.50 -14.79 -9.84
N GLY D 289 -18.58 -16.11 -9.81
CA GLY D 289 -17.56 -16.90 -9.11
C GLY D 289 -16.20 -16.86 -9.79
N SER D 290 -16.21 -16.57 -11.09
CA SER D 290 -15.01 -16.59 -11.95
C SER D 290 -15.31 -15.72 -13.15
N LEU D 291 -14.38 -14.83 -13.49
CA LEU D 291 -14.53 -14.00 -14.67
C LEU D 291 -13.36 -14.28 -15.58
N PHE D 292 -13.62 -15.04 -16.64
CA PHE D 292 -12.58 -15.40 -17.61
C PHE D 292 -12.11 -14.17 -18.38
N ASP D 293 -10.79 -13.98 -18.43
CA ASP D 293 -10.20 -12.78 -19.06
C ASP D 293 -9.51 -13.18 -20.39
N ALA D 294 -10.23 -12.93 -21.49
CA ALA D 294 -9.79 -13.33 -22.84
C ALA D 294 -8.51 -12.66 -23.32
N THR D 295 -8.25 -11.44 -22.82
CA THR D 295 -7.01 -10.72 -23.15
C THR D 295 -5.75 -11.44 -22.62
N GLN D 296 -5.91 -12.40 -21.71
CA GLN D 296 -4.75 -13.03 -21.09
C GLN D 296 -4.46 -14.43 -21.62
N THR D 297 -5.23 -14.87 -22.60
CA THR D 297 -5.03 -16.22 -23.18
C THR D 297 -3.77 -16.27 -24.04
N ARG D 298 -2.95 -17.29 -23.79
CA ARG D 298 -1.69 -17.48 -24.52
C ARG D 298 -1.48 -18.94 -24.93
N VAL D 299 -1.00 -19.15 -26.16
CA VAL D 299 -0.64 -20.49 -26.66
C VAL D 299 0.84 -20.53 -27.13
N MET D 300 1.60 -21.44 -26.53
CA MET D 300 2.98 -21.69 -26.92
C MET D 300 3.05 -22.98 -27.73
N SER D 301 3.59 -22.91 -28.96
CA SER D 301 3.76 -24.09 -29.83
C SER D 301 5.21 -24.25 -30.29
N VAL D 302 5.75 -25.47 -30.15
CA VAL D 302 7.07 -25.83 -30.70
C VAL D 302 6.89 -27.19 -31.34
N GLY D 303 6.89 -27.23 -32.67
CA GLY D 303 6.47 -28.44 -33.39
C GLY D 303 5.02 -28.72 -33.04
N ASP D 304 4.70 -29.99 -32.77
CA ASP D 304 3.33 -30.37 -32.41
C ASP D 304 3.04 -30.23 -30.89
N ARG D 305 3.95 -29.59 -30.15
CA ARG D 305 3.84 -29.58 -28.71
C ARG D 305 3.44 -28.21 -28.19
N GLN D 306 2.41 -28.19 -27.37
CA GLN D 306 1.77 -26.95 -26.96
C GLN D 306 1.60 -26.83 -25.47
N LEU D 307 1.88 -25.62 -24.96
CA LEU D 307 1.39 -25.19 -23.64
C LEU D 307 0.31 -24.13 -23.84
N VAL D 308 -0.80 -24.32 -23.14
CA VAL D 308 -1.93 -23.39 -23.20
C VAL D 308 -2.14 -22.74 -21.83
N LYS D 309 -2.24 -21.40 -21.82
CA LYS D 309 -2.36 -20.64 -20.57
C LYS D 309 -3.55 -19.71 -20.60
N VAL D 310 -4.24 -19.65 -19.46
CA VAL D 310 -5.44 -18.82 -19.30
C VAL D 310 -5.48 -18.19 -17.91
N ALA D 311 -6.32 -17.17 -17.76
CA ALA D 311 -6.47 -16.50 -16.47
C ALA D 311 -7.89 -16.03 -16.24
N ALA D 312 -8.34 -16.13 -14.98
CA ALA D 312 -9.69 -15.74 -14.58
C ALA D 312 -9.67 -14.99 -13.26
N TRP D 313 -10.32 -13.83 -13.24
CA TRP D 313 -10.38 -13.00 -12.06
C TRP D 313 -11.43 -13.54 -11.10
N TYR D 314 -11.24 -13.25 -9.81
CA TYR D 314 -12.30 -13.43 -8.82
C TYR D 314 -12.09 -12.49 -7.66
N ASP D 315 -13.19 -11.91 -7.19
CA ASP D 315 -13.16 -11.25 -5.91
C ASP D 315 -13.23 -12.36 -4.87
N ASN D 316 -12.07 -12.76 -4.35
CA ASN D 316 -12.01 -13.79 -3.32
C ASN D 316 -13.07 -13.57 -2.23
N GLU D 317 -13.44 -12.31 -1.99
CA GLU D 317 -14.54 -12.02 -1.08
C GLU D 317 -15.93 -12.21 -1.71
N MET D 318 -16.36 -11.32 -2.58
CA MET D 318 -17.74 -11.33 -3.06
C MET D 318 -18.04 -12.44 -4.06
N SER D 319 -17.08 -12.73 -4.95
CA SER D 319 -17.25 -13.83 -5.91
C SER D 319 -17.61 -15.13 -5.16
N TYR D 320 -16.79 -15.47 -4.17
CA TYR D 320 -17.02 -16.66 -3.34
C TYR D 320 -18.38 -16.62 -2.61
N THR D 321 -18.68 -15.47 -2.01
CA THR D 321 -19.90 -15.21 -1.24
C THR D 321 -21.17 -15.34 -2.07
N ALA D 322 -21.17 -14.75 -3.26
CA ALA D 322 -22.29 -14.92 -4.16
C ALA D 322 -22.48 -16.41 -4.50
N GLN D 323 -21.39 -17.10 -4.76
CA GLN D 323 -21.43 -18.55 -5.02
C GLN D 323 -21.92 -19.36 -3.81
N LEU D 324 -21.43 -19.02 -2.62
CA LEU D 324 -21.90 -19.64 -1.36
C LEU D 324 -23.40 -19.44 -1.12
N VAL D 325 -23.89 -18.24 -1.41
CA VAL D 325 -25.31 -17.94 -1.20
C VAL D 325 -26.22 -18.61 -2.24
N ARG D 326 -25.73 -18.78 -3.47
CA ARG D 326 -26.46 -19.58 -4.47
C ARG D 326 -26.55 -21.05 -4.06
N THR D 327 -25.45 -21.59 -3.56
CA THR D 327 -25.42 -22.95 -3.05
C THR D 327 -26.31 -23.10 -1.80
N LEU D 328 -26.24 -22.15 -0.87
CA LEU D 328 -27.14 -22.11 0.29
C LEU D 328 -28.61 -22.23 -0.12
N ALA D 329 -29.04 -21.39 -1.07
CA ALA D 329 -30.45 -21.34 -1.46
C ALA D 329 -30.92 -22.64 -2.13
N TYR D 330 -30.05 -23.22 -2.96
CA TYR D 330 -30.32 -24.50 -3.63
C TYR D 330 -30.33 -25.65 -2.63
N LEU D 331 -29.36 -25.68 -1.72
CA LEU D 331 -29.28 -26.70 -0.68
C LEU D 331 -30.52 -26.66 0.21
N ALA D 332 -30.97 -25.45 0.52
CA ALA D 332 -32.12 -25.24 1.39
C ALA D 332 -33.43 -25.65 0.73
N GLU D 333 -33.48 -25.55 -0.59
CA GLU D 333 -34.68 -25.85 -1.40
C GLU D 333 -35.00 -27.36 -1.43
N LEU D 334 -34.14 -28.17 -0.80
CA LEU D 334 -34.21 -29.64 -0.92
C LEU D 334 -34.43 -30.40 0.39
N SER D 335 -35.11 -31.56 0.28
CA SER D 335 -35.22 -32.57 1.34
C SER D 335 -35.93 -33.80 0.82
PA NAD E . 4.66 -7.62 18.55
O1A NAD E . 3.28 -8.15 18.42
O2A NAD E . 5.40 -7.57 17.29
O5B NAD E . 5.53 -8.43 19.62
C5B NAD E . 4.95 -9.06 20.72
C4B NAD E . 5.66 -10.39 20.80
O4B NAD E . 5.46 -10.93 22.10
C3B NAD E . 5.11 -11.39 19.79
O3B NAD E . 6.21 -11.98 19.12
C2B NAD E . 4.35 -12.41 20.66
O2B NAD E . 4.43 -13.73 20.18
C1B NAD E . 5.03 -12.27 22.00
N9A NAD E . 4.20 -12.52 23.21
C8A NAD E . 2.93 -12.13 23.47
N7A NAD E . 2.60 -12.57 24.71
C5A NAD E . 3.65 -13.22 25.24
C6A NAD E . 3.86 -13.86 26.45
N6A NAD E . 2.85 -14.01 27.32
N1A NAD E . 5.08 -14.44 26.72
C2A NAD E . 6.08 -14.42 25.78
N3A NAD E . 5.87 -13.78 24.57
C4A NAD E . 4.67 -13.19 24.30
O3 NAD E . 4.48 -6.15 19.20
PN NAD E . 5.53 -4.93 19.05
O1N NAD E . 5.12 -4.05 17.94
O2N NAD E . 6.93 -5.44 19.10
O5D NAD E . 5.20 -4.18 20.43
C5D NAD E . 5.56 -4.80 21.66
C4D NAD E . 5.42 -3.79 22.81
O4D NAD E . 6.26 -2.68 22.53
C3D NAD E . 4.00 -3.25 22.97
O3D NAD E . 3.74 -2.90 24.31
C2D NAD E . 4.05 -1.96 22.17
O2D NAD E . 3.12 -1.02 22.63
C1D NAD E . 5.47 -1.50 22.44
N1N NAD E . 5.95 -0.60 21.38
C2N NAD E . 5.79 -0.91 20.04
C3N NAD E . 6.24 -0.01 19.08
C7N NAD E . 6.17 -0.32 17.60
O7N NAD E . 6.26 0.75 16.72
N7N NAD E . 6.02 -1.56 17.12
C4N NAD E . 6.85 1.18 19.49
C5N NAD E . 7.01 1.47 20.83
C6N NAD E . 6.55 0.57 21.78
C1 GOL F . -1.23 -0.96 0.82
O1 GOL F . -1.63 -1.69 -0.32
C2 GOL F . 0.19 -0.48 0.67
O2 GOL F . 0.64 0.07 1.90
C3 GOL F . 0.26 0.56 -0.45
O3 GOL F . 1.40 0.31 -1.24
PA NAD G . 12.89 6.78 -14.32
O1A NAD G . 11.66 7.45 -14.76
O2A NAD G . 13.00 6.66 -12.84
O5B NAD G . 14.14 7.55 -14.93
C5B NAD G . 14.12 8.18 -16.18
C4B NAD G . 14.97 9.44 -15.99
O4B NAD G . 15.36 9.98 -17.25
C3B NAD G . 14.14 10.50 -15.29
O3B NAD G . 14.86 11.08 -14.23
C2B NAD G . 13.79 11.52 -16.39
O2B NAD G . 13.68 12.82 -15.88
C1B NAD G . 14.97 11.34 -17.32
N9A NAD G . 14.72 11.68 -18.73
C8A NAD G . 13.59 11.47 -19.49
N7A NAD G . 13.84 11.94 -20.74
C5A NAD G . 15.09 12.45 -20.78
C6A NAD G . 15.82 13.06 -21.79
N6A NAD G . 15.39 13.04 -23.05
N1A NAD G . 17.10 13.47 -21.52
C2A NAD G . 17.65 13.32 -20.26
N3A NAD G . 16.92 12.73 -19.26
C4A NAD G . 15.65 12.31 -19.52
O3 NAD G . 12.85 5.34 -15.04
PN NAD G . 13.62 4.02 -14.57
O1N NAD G . 14.88 4.43 -13.96
O2N NAD G . 12.72 3.07 -13.86
O5D NAD G . 13.87 3.36 -16.01
C5D NAD G . 14.76 3.94 -16.95
C4D NAD G . 15.05 2.91 -18.03
O4D NAD G . 15.58 1.74 -17.41
C3D NAD G . 13.78 2.49 -18.75
O3D NAD G . 14.08 2.17 -20.08
C2D NAD G . 13.35 1.25 -17.99
O2D NAD G . 12.57 0.36 -18.77
C1D NAD G . 14.71 0.64 -17.68
N1N NAD G . 14.65 -0.30 -16.56
C2N NAD G . 13.92 -0.03 -15.41
C3N NAD G . 13.91 -0.96 -14.37
C7N NAD G . 13.19 -0.68 -13.07
O7N NAD G . 12.71 -1.74 -12.30
N7N NAD G . 13.02 0.56 -12.65
C4N NAD G . 14.64 -2.15 -14.50
C5N NAD G . 15.37 -2.40 -15.65
C6N NAD G . 15.38 -1.46 -16.68
PA NAD H . -5.67 14.52 -13.47
O1A NAD H . -4.25 14.47 -13.88
O2A NAD H . -6.21 13.18 -13.08
O5B NAD H . -6.58 15.14 -14.62
C5B NAD H . -6.00 16.05 -15.51
C4B NAD H . -6.43 15.65 -16.91
O4B NAD H . -6.21 16.80 -17.73
C3B NAD H . -5.64 14.49 -17.51
O3B NAD H . -6.58 13.56 -18.00
C2B NAD H . -4.80 15.14 -18.61
O2B NAD H . -4.64 14.35 -19.78
C1B NAD H . -5.60 16.40 -18.94
N9A NAD H . -4.85 17.55 -19.48
C8A NAD H . -3.65 18.08 -19.04
N7A NAD H . -3.35 19.18 -19.80
C5A NAD H . -4.33 19.34 -20.71
C6A NAD H . -4.53 20.26 -21.72
N6A NAD H . -3.66 21.25 -21.87
N1A NAD H . -5.65 20.17 -22.51
C2A NAD H . -6.58 19.17 -22.30
N3A NAD H . -6.39 18.24 -21.30
C4A NAD H . -5.29 18.32 -20.52
O3 NAD H . -5.78 15.59 -12.30
PN NAD H . -6.97 15.68 -11.24
O1N NAD H . -6.56 14.97 -10.00
O2N NAD H . -8.23 15.31 -11.93
O5D NAD H . -6.95 17.26 -10.96
C5D NAD H . -7.34 18.18 -11.95
C4D NAD H . -7.55 19.58 -11.35
O4D NAD H . -8.54 19.52 -10.32
C3D NAD H . -6.28 20.11 -10.69
O3D NAD H . -6.37 21.52 -10.81
C2D NAD H . -6.46 19.76 -9.23
O2D NAD H . -5.79 20.60 -8.34
C1D NAD H . -7.98 19.88 -9.07
N1N NAD H . -8.49 19.05 -7.97
C2N NAD H . -8.04 17.76 -7.78
C3N NAD H . -8.52 17.01 -6.71
C7N NAD H . -8.14 15.57 -6.52
O7N NAD H . -8.28 15.05 -5.23
N7N NAD H . -7.71 14.81 -7.52
C4N NAD H . -9.44 17.57 -5.84
C5N NAD H . -9.88 18.87 -6.04
C6N NAD H . -9.39 19.60 -7.12
PA NAD I . -12.44 -13.68 9.36
O1A NAD I . -11.37 -13.74 10.37
O2A NAD I . -12.62 -12.33 8.80
O5B NAD I . -13.84 -14.14 10.02
C5B NAD I . -13.89 -15.19 10.95
C4B NAD I . -14.85 -14.74 12.06
O4B NAD I . -15.16 -15.85 12.88
C3B NAD I . -14.22 -13.65 12.94
O3B NAD I . -15.10 -12.56 13.00
C2B NAD I . -14.04 -14.32 14.30
O2B NAD I . -14.35 -13.44 15.35
C1B NAD I . -15.05 -15.48 14.25
N9A NAD I . -14.72 -16.70 15.02
C8A NAD I . -13.51 -17.34 15.15
N7A NAD I . -13.68 -18.44 15.94
C5A NAD I . -14.98 -18.53 16.30
C6A NAD I . -15.70 -19.44 17.09
N6A NAD I . -15.13 -20.53 17.60
N1A NAD I . -17.05 -19.24 17.26
C2A NAD I . -17.68 -18.16 16.69
N3A NAD I . -16.98 -17.26 15.92
C4A NAD I . -15.64 -17.43 15.73
O3 NAD I . -12.11 -14.75 8.22
PN NAD I . -12.80 -14.75 6.77
O1N NAD I . -11.86 -14.19 5.76
O2N NAD I . -14.17 -14.21 6.84
O5D NAD I . -12.87 -16.33 6.46
C5D NAD I . -13.79 -17.19 7.10
C4D NAD I . -13.84 -18.54 6.39
O4D NAD I . -14.12 -18.35 5.00
C3D NAD I . -12.51 -19.29 6.44
O3D NAD I . -12.79 -20.68 6.49
C2D NAD I . -11.86 -18.91 5.12
O2D NAD I . -10.81 -19.74 4.69
C1D NAD I . -13.08 -18.88 4.20
N1N NAD I . -12.92 -18.06 3.00
C2N NAD I . -12.36 -16.80 3.06
C3N NAD I . -12.23 -16.07 1.89
C7N NAD I . -11.56 -14.74 1.88
O7N NAD I . -11.11 -14.26 0.64
N7N NAD I . -11.41 -14.04 3.01
C4N NAD I . -12.69 -16.59 0.67
C5N NAD I . -13.26 -17.86 0.63
C6N NAD I . -13.38 -18.56 1.81
#